data_5I5B
# 
_entry.id   5I5B 
# 
_audit_conform.dict_name       mmcif_pdbx.dic 
_audit_conform.dict_version    5.397 
_audit_conform.dict_location   http://mmcif.pdb.org/dictionaries/ascii/mmcif_pdbx.dic 
# 
loop_
_database_2.database_id 
_database_2.database_code 
_database_2.pdbx_database_accession 
_database_2.pdbx_DOI 
PDB   5I5B         pdb_00005i5b 10.2210/pdb5i5b/pdb 
WWPDB D_1000218313 ?            ?                   
# 
loop_
_pdbx_audit_revision_history.ordinal 
_pdbx_audit_revision_history.data_content_type 
_pdbx_audit_revision_history.major_revision 
_pdbx_audit_revision_history.minor_revision 
_pdbx_audit_revision_history.revision_date 
1 'Structure model' 1 0 2017-01-25 
2 'Structure model' 1 1 2017-03-08 
3 'Structure model' 1 2 2017-03-29 
4 'Structure model' 1 3 2023-09-27 
5 'Structure model' 1 4 2023-11-15 
6 'Structure model' 1 5 2024-10-30 
# 
_pdbx_audit_revision_details.ordinal             1 
_pdbx_audit_revision_details.revision_ordinal    1 
_pdbx_audit_revision_details.data_content_type   'Structure model' 
_pdbx_audit_revision_details.provider            repository 
_pdbx_audit_revision_details.type                'Initial release' 
_pdbx_audit_revision_details.description         ? 
_pdbx_audit_revision_details.details             ? 
# 
loop_
_pdbx_audit_revision_group.ordinal 
_pdbx_audit_revision_group.revision_ordinal 
_pdbx_audit_revision_group.data_content_type 
_pdbx_audit_revision_group.group 
1 2 'Structure model' 'Database references'    
2 3 'Structure model' 'Database references'    
3 4 'Structure model' 'Data collection'        
4 4 'Structure model' 'Database references'    
5 4 'Structure model' 'Derived calculations'   
6 4 'Structure model' 'Refinement description' 
7 5 'Structure model' 'Data collection'        
8 6 'Structure model' 'Structure summary'      
# 
loop_
_pdbx_audit_revision_category.ordinal 
_pdbx_audit_revision_category.revision_ordinal 
_pdbx_audit_revision_category.data_content_type 
_pdbx_audit_revision_category.category 
1 4 'Structure model' chem_comp_atom                
2 4 'Structure model' chem_comp_bond                
3 4 'Structure model' database_2                    
4 4 'Structure model' pdbx_initial_refinement_model 
5 4 'Structure model' struct_conn                   
6 5 'Structure model' chem_comp_atom                
7 5 'Structure model' chem_comp_bond                
8 6 'Structure model' pdbx_entry_details            
9 6 'Structure model' pdbx_modification_feature     
# 
loop_
_pdbx_audit_revision_item.ordinal 
_pdbx_audit_revision_item.revision_ordinal 
_pdbx_audit_revision_item.data_content_type 
_pdbx_audit_revision_item.item 
1  4 'Structure model' '_database_2.pdbx_DOI'                 
2  4 'Structure model' '_database_2.pdbx_database_accession'  
3  4 'Structure model' '_struct_conn.conn_type_id'            
4  4 'Structure model' '_struct_conn.id'                      
5  4 'Structure model' '_struct_conn.pdbx_dist_value'         
6  4 'Structure model' '_struct_conn.pdbx_leaving_atom_flag'  
7  4 'Structure model' '_struct_conn.pdbx_ptnr1_label_alt_id' 
8  4 'Structure model' '_struct_conn.ptnr1_auth_asym_id'      
9  4 'Structure model' '_struct_conn.ptnr1_auth_comp_id'      
10 4 'Structure model' '_struct_conn.ptnr1_auth_seq_id'       
11 4 'Structure model' '_struct_conn.ptnr1_label_asym_id'     
12 4 'Structure model' '_struct_conn.ptnr1_label_atom_id'     
13 4 'Structure model' '_struct_conn.ptnr1_label_comp_id'     
14 4 'Structure model' '_struct_conn.ptnr1_label_seq_id'      
15 4 'Structure model' '_struct_conn.ptnr2_auth_asym_id'      
16 4 'Structure model' '_struct_conn.ptnr2_auth_comp_id'      
17 4 'Structure model' '_struct_conn.ptnr2_auth_seq_id'       
18 4 'Structure model' '_struct_conn.ptnr2_label_asym_id'     
19 4 'Structure model' '_struct_conn.ptnr2_label_atom_id'     
20 4 'Structure model' '_struct_conn.ptnr2_label_comp_id'     
21 4 'Structure model' '_struct_conn.ptnr2_label_seq_id'      
22 5 'Structure model' '_chem_comp_atom.atom_id'              
23 5 'Structure model' '_chem_comp_bond.atom_id_2'            
# 
_pdbx_database_status.status_code                     REL 
_pdbx_database_status.status_code_sf                  REL 
_pdbx_database_status.status_code_mr                  ? 
_pdbx_database_status.entry_id                        5I5B 
_pdbx_database_status.recvd_initial_deposition_date   2016-02-15 
_pdbx_database_status.SG_entry                        N 
_pdbx_database_status.deposit_site                    RCSB 
_pdbx_database_status.process_site                    RCSB 
_pdbx_database_status.status_code_cs                  ? 
_pdbx_database_status.methods_development_category    ? 
_pdbx_database_status.pdb_format_compatible           Y 
_pdbx_database_status.status_code_nmr_data            ? 
# 
_pdbx_database_related.content_type   unspecified 
_pdbx_database_related.db_id          5I5A 
_pdbx_database_related.db_name        PDB 
_pdbx_database_related.details        . 
# 
loop_
_audit_author.name 
_audit_author.pdbx_ordinal 
'Dang, B.'      1 
'Kubota, T.'    2 
'Mandal, K.'    3 
'Shen, R.'      4 
'Bezanilla, F.' 5 
'Roux, B.'      6 
'Kent, S.B.H.'  7 
# 
_citation.abstract                  ? 
_citation.abstract_id_CAS           ? 
_citation.book_id_ISBN              ? 
_citation.book_publisher            ? 
_citation.book_publisher_city       ? 
_citation.book_title                ? 
_citation.coordinate_linkage        ? 
_citation.country                   GE 
_citation.database_id_Medline       ? 
_citation.details                   ? 
_citation.id                        primary 
_citation.journal_abbrev            'Angew. Chem. Int. Ed. Engl.' 
_citation.journal_id_ASTM           ACIEAY 
_citation.journal_id_CSD            0179 
_citation.journal_id_ISSN           1521-3773 
_citation.journal_full              ? 
_citation.journal_issue             ? 
_citation.journal_volume            56 
_citation.language                  ? 
_citation.page_first                3324 
_citation.page_last                 3328 
_citation.title                     
;Inversion of the Side-Chain Stereochemistry of Indvidual Thr or Ile Residues in a Protein Molecule: Impact on the Folding, Stability, and Structure of the ShK Toxin.
;
_citation.year                      2017 
_citation.database_id_CSD           ? 
_citation.pdbx_database_id_DOI      10.1002/anie.201612398 
_citation.pdbx_database_id_PubMed   28194851 
_citation.unpublished_flag          ? 
# 
loop_
_citation_author.citation_id 
_citation_author.name 
_citation_author.ordinal 
_citation_author.identifier_ORCID 
primary 'Dang, B.'      1 ? 
primary 'Shen, R.'      2 ? 
primary 'Kubota, T.'    3 ? 
primary 'Mandal, K.'    4 ? 
primary 'Bezanilla, F.' 5 ? 
primary 'Roux, B.'      6 ? 
primary 'Kent, S.B.'    7 ? 
# 
loop_
_entity.id 
_entity.type 
_entity.src_method 
_entity.pdbx_description 
_entity.formula_weight 
_entity.pdbx_number_of_molecules 
_entity.pdbx_ec 
_entity.pdbx_mutation 
_entity.pdbx_fragment 
_entity.details 
1 polymer     syn Kappa-stichotoxin-She3a 4069.892 1   ? ? ? allo-Thr13-ShK 
2 polymer     syn D-ShK                   4065.864 1   ? ? ? ?              
3 non-polymer syn 'SULFATE ION'           96.063   4   ? ? ? ?              
4 non-polymer syn 'LITHIUM ION'           6.941    4   ? ? ? ?              
5 non-polymer syn GLYCEROL                92.094   1   ? ? ? ?              
6 water       nat water                   18.015   102 ? ? ? ?              
# 
_entity_name_com.entity_id   1 
_entity_name_com.name        'Kappa-SHTX-She3a,Potassium channel toxin ShK' 
# 
loop_
_entity_poly.entity_id 
_entity_poly.type 
_entity_poly.nstd_linkage 
_entity_poly.nstd_monomer 
_entity_poly.pdbx_seq_one_letter_code 
_entity_poly.pdbx_seq_one_letter_code_can 
_entity_poly.pdbx_strand_id 
_entity_poly.pdbx_target_identifier 
1 'polypeptide(L)' no yes 'RSCIDTIPKSRC(ALO)AFQCKHSMKYRLSFCRKTCGTC' RSCIDTIPKSRCTAFQCKHSMKYRLSFCRKTCGTC A ? 
2 'polypeptide(D)' no yes 
;(DAR)(DSN)(DCY)(DIL)(DAS)(DTH)(DIL)(DPR)(DLY)(DSN)(DAR)(DCY)(DTH)(DAL)(DPN)(DGN)
(DCY)(DLY)(DHI)(DSN)(MED)(DLY)(DTY)(DAR)(DLE)(DSN)(DPN)(DCY)(DAR)(DLY)(DTH)(DCY)
G(DTH)(DCY)
;
RSCIDTIPKSRCTAFQCKHSMKYRLSFCRKTCGTC B ? 
# 
loop_
_pdbx_entity_nonpoly.entity_id 
_pdbx_entity_nonpoly.name 
_pdbx_entity_nonpoly.comp_id 
3 'SULFATE ION' SO4 
4 'LITHIUM ION' LI  
5 GLYCEROL      GOL 
6 water         HOH 
# 
loop_
_entity_poly_seq.entity_id 
_entity_poly_seq.num 
_entity_poly_seq.mon_id 
_entity_poly_seq.hetero 
1 1  ARG n 
1 2  SER n 
1 3  CYS n 
1 4  ILE n 
1 5  ASP n 
1 6  THR n 
1 7  ILE n 
1 8  PRO n 
1 9  LYS n 
1 10 SER n 
1 11 ARG n 
1 12 CYS n 
1 13 ALO n 
1 14 ALA n 
1 15 PHE n 
1 16 GLN n 
1 17 CYS n 
1 18 LYS n 
1 19 HIS n 
1 20 SER n 
1 21 MET n 
1 22 LYS n 
1 23 TYR n 
1 24 ARG n 
1 25 LEU n 
1 26 SER n 
1 27 PHE n 
1 28 CYS n 
1 29 ARG n 
1 30 LYS n 
1 31 THR n 
1 32 CYS n 
1 33 GLY n 
1 34 THR n 
1 35 CYS n 
2 1  DAR n 
2 2  DSN n 
2 3  DCY n 
2 4  DIL n 
2 5  DAS n 
2 6  DTH n 
2 7  DIL n 
2 8  DPR n 
2 9  DLY n 
2 10 DSN n 
2 11 DAR n 
2 12 DCY n 
2 13 DTH n 
2 14 DAL n 
2 15 DPN n 
2 16 DGN n 
2 17 DCY n 
2 18 DLY n 
2 19 DHI n 
2 20 DSN n 
2 21 MED n 
2 22 DLY n 
2 23 DTY n 
2 24 DAR n 
2 25 DLE n 
2 26 DSN n 
2 27 DPN n 
2 28 DCY n 
2 29 DAR n 
2 30 DLY n 
2 31 DTH n 
2 32 DCY n 
2 33 GLY n 
2 34 DTH n 
2 35 DCY n 
# 
loop_
_pdbx_entity_src_syn.entity_id 
_pdbx_entity_src_syn.pdbx_src_id 
_pdbx_entity_src_syn.pdbx_alt_source_flag 
_pdbx_entity_src_syn.pdbx_beg_seq_num 
_pdbx_entity_src_syn.pdbx_end_seq_num 
_pdbx_entity_src_syn.organism_scientific 
_pdbx_entity_src_syn.organism_common_name 
_pdbx_entity_src_syn.ncbi_taxonomy_id 
_pdbx_entity_src_syn.details 
1 1 sample 1 35 'Stichodactyla helianthus' 'Sun anemone' 6123  ? 
2 1 sample 1 35 'Synthetic construct'      ?             32630 ? 
# 
loop_
_chem_comp.id 
_chem_comp.type 
_chem_comp.mon_nstd_flag 
_chem_comp.name 
_chem_comp.pdbx_synonyms 
_chem_comp.formula 
_chem_comp.formula_weight 
ALA 'L-peptide linking' y ALANINE           ?                               'C3 H7 N O2'     89.093  
ALO 'L-peptide linking' n ALLO-THREONINE    ?                               'C4 H9 N O3'     119.119 
ARG 'L-peptide linking' y ARGININE          ?                               'C6 H15 N4 O2 1' 175.209 
ASP 'L-peptide linking' y 'ASPARTIC ACID'   ?                               'C4 H7 N O4'     133.103 
CYS 'L-peptide linking' y CYSTEINE          ?                               'C3 H7 N O2 S'   121.158 
DAL 'D-peptide linking' . D-ALANINE         ?                               'C3 H7 N O2'     89.093  
DAR 'D-peptide linking' . D-ARGININE        ?                               'C6 H15 N4 O2 1' 175.209 
DAS 'D-peptide linking' . 'D-ASPARTIC ACID' ?                               'C4 H7 N O4'     133.103 
DCY 'D-peptide linking' . D-CYSTEINE        ?                               'C3 H7 N O2 S'   121.158 
DGN 'D-peptide linking' . D-GLUTAMINE       ?                               'C5 H10 N2 O3'   146.144 
DHI 'D-peptide linking' . D-HISTIDINE       ?                               'C6 H10 N3 O2 1' 156.162 
DIL 'D-peptide linking' . D-ISOLEUCINE      ?                               'C6 H13 N O2'    131.173 
DLE 'D-peptide linking' . D-LEUCINE         ?                               'C6 H13 N O2'    131.173 
DLY 'D-peptide linking' . D-LYSINE          ?                               'C6 H14 N2 O2'   146.188 
DPN 'D-peptide linking' . D-PHENYLALANINE   ?                               'C9 H11 N O2'    165.189 
DPR 'D-peptide linking' . D-PROLINE         ?                               'C5 H9 N O2'     115.130 
DSN 'D-peptide linking' . D-SERINE          ?                               'C3 H7 N O3'     105.093 
DTH 'D-peptide linking' . D-THREONINE       ?                               'C4 H9 N O3'     119.119 
DTY 'D-peptide linking' . D-TYROSINE        ?                               'C9 H11 N O3'    181.189 
GLN 'L-peptide linking' y GLUTAMINE         ?                               'C5 H10 N2 O3'   146.144 
GLY 'peptide linking'   y GLYCINE           ?                               'C2 H5 N O2'     75.067  
GOL non-polymer         . GLYCEROL          'GLYCERIN; PROPANE-1,2,3-TRIOL' 'C3 H8 O3'       92.094  
HIS 'L-peptide linking' y HISTIDINE         ?                               'C6 H10 N3 O2 1' 156.162 
HOH non-polymer         . WATER             ?                               'H2 O'           18.015  
ILE 'L-peptide linking' y ISOLEUCINE        ?                               'C6 H13 N O2'    131.173 
LEU 'L-peptide linking' y LEUCINE           ?                               'C6 H13 N O2'    131.173 
LI  non-polymer         . 'LITHIUM ION'     ?                               'Li 1'           6.941   
LYS 'L-peptide linking' y LYSINE            ?                               'C6 H15 N2 O2 1' 147.195 
MED 'D-peptide linking' . D-METHIONINE      ?                               'C5 H11 N O2 S'  149.211 
MET 'L-peptide linking' y METHIONINE        ?                               'C5 H11 N O2 S'  149.211 
PHE 'L-peptide linking' y PHENYLALANINE     ?                               'C9 H11 N O2'    165.189 
PRO 'L-peptide linking' y PROLINE           ?                               'C5 H9 N O2'     115.130 
SER 'L-peptide linking' y SERINE            ?                               'C3 H7 N O3'     105.093 
SO4 non-polymer         . 'SULFATE ION'     ?                               'O4 S -2'        96.063  
THR 'L-peptide linking' y THREONINE         ?                               'C4 H9 N O3'     119.119 
TYR 'L-peptide linking' y TYROSINE          ?                               'C9 H11 N O3'    181.189 
# 
loop_
_pdbx_poly_seq_scheme.asym_id 
_pdbx_poly_seq_scheme.entity_id 
_pdbx_poly_seq_scheme.seq_id 
_pdbx_poly_seq_scheme.mon_id 
_pdbx_poly_seq_scheme.ndb_seq_num 
_pdbx_poly_seq_scheme.pdb_seq_num 
_pdbx_poly_seq_scheme.auth_seq_num 
_pdbx_poly_seq_scheme.pdb_mon_id 
_pdbx_poly_seq_scheme.auth_mon_id 
_pdbx_poly_seq_scheme.pdb_strand_id 
_pdbx_poly_seq_scheme.pdb_ins_code 
_pdbx_poly_seq_scheme.hetero 
A 1 1  ARG 1  1  1  ARG ARG A . n 
A 1 2  SER 2  2  2  SER SER A . n 
A 1 3  CYS 3  3  3  CYS CYS A . n 
A 1 4  ILE 4  4  4  ILE ILE A . n 
A 1 5  ASP 5  5  5  ASP ASP A . n 
A 1 6  THR 6  6  6  THR THR A . n 
A 1 7  ILE 7  7  7  ILE ILE A . n 
A 1 8  PRO 8  8  8  PRO PRO A . n 
A 1 9  LYS 9  9  9  LYS LYS A . n 
A 1 10 SER 10 10 10 SER SER A . n 
A 1 11 ARG 11 11 11 ARG ARG A . n 
A 1 12 CYS 12 12 12 CYS CYS A . n 
A 1 13 ALO 13 13 13 ALO ALO A . n 
A 1 14 ALA 14 14 14 ALA ALA A . n 
A 1 15 PHE 15 15 15 PHE PHE A . n 
A 1 16 GLN 16 16 16 GLN GLN A . n 
A 1 17 CYS 17 17 17 CYS CYS A . n 
A 1 18 LYS 18 18 18 LYS LYS A . n 
A 1 19 HIS 19 19 19 HIS HIS A . n 
A 1 20 SER 20 20 20 SER SER A . n 
A 1 21 MET 21 21 21 MET MET A . n 
A 1 22 LYS 22 22 22 LYS LYS A . n 
A 1 23 TYR 23 23 23 TYR TYR A . n 
A 1 24 ARG 24 24 24 ARG ARG A . n 
A 1 25 LEU 25 25 25 LEU LEU A . n 
A 1 26 SER 26 26 26 SER SER A . n 
A 1 27 PHE 27 27 27 PHE PHE A . n 
A 1 28 CYS 28 28 28 CYS CYS A . n 
A 1 29 ARG 29 29 29 ARG ARG A . n 
A 1 30 LYS 30 30 30 LYS LYS A . n 
A 1 31 THR 31 31 31 THR THR A . n 
A 1 32 CYS 32 32 32 CYS CYS A . n 
A 1 33 GLY 33 33 33 GLY GLY A . n 
A 1 34 THR 34 34 34 THR THR A . n 
A 1 35 CYS 35 35 35 CYS CYS A . n 
B 2 1  DAR 1  1  1  DAR DAR B . n 
B 2 2  DSN 2  2  2  DSN DSN B . n 
B 2 3  DCY 3  3  3  DCY DCY B . n 
B 2 4  DIL 4  4  4  DIL DIL B . n 
B 2 5  DAS 5  5  5  DAS DAS B . n 
B 2 6  DTH 6  6  6  DTH DTH B . n 
B 2 7  DIL 7  7  7  DIL DIL B . n 
B 2 8  DPR 8  8  8  DPR DPR B . n 
B 2 9  DLY 9  9  9  DLY DLY B . n 
B 2 10 DSN 10 10 10 DSN DSN B . n 
B 2 11 DAR 11 11 11 DAR DAR B . n 
B 2 12 DCY 12 12 12 DCY DCY B . n 
B 2 13 DTH 13 13 13 DTH DTH B . n 
B 2 14 DAL 14 14 14 DAL DAL B . n 
B 2 15 DPN 15 15 15 DPN DPN B . n 
B 2 16 DGN 16 16 16 DGN DGN B . n 
B 2 17 DCY 17 17 17 DCY DCY B . n 
B 2 18 DLY 18 18 18 DLY DLY B . n 
B 2 19 DHI 19 19 19 DHI DHI B . n 
B 2 20 DSN 20 20 20 DSN DSN B . n 
B 2 21 MED 21 21 21 MED MED B . n 
B 2 22 DLY 22 22 22 DLY DLY B . n 
B 2 23 DTY 23 23 23 DTY DTY B . n 
B 2 24 DAR 24 24 24 DAR DAR B . n 
B 2 25 DLE 25 25 25 DLE DLE B . n 
B 2 26 DSN 26 26 26 DSN DSN B . n 
B 2 27 DPN 27 27 27 DPN DPN B . n 
B 2 28 DCY 28 28 28 DCY DCY B . n 
B 2 29 DAR 29 29 29 DAR DAR B . n 
B 2 30 DLY 30 30 30 DLY DLY B . n 
B 2 31 DTH 31 31 31 DTH DTH B . n 
B 2 32 DCY 32 32 32 DCY DCY B . n 
B 2 33 GLY 33 33 33 GLY GLY B . n 
B 2 34 DTH 34 34 34 DTH DTH B . n 
B 2 35 DCY 35 35 35 DCY DCY B . n 
# 
loop_
_pdbx_nonpoly_scheme.asym_id 
_pdbx_nonpoly_scheme.entity_id 
_pdbx_nonpoly_scheme.mon_id 
_pdbx_nonpoly_scheme.ndb_seq_num 
_pdbx_nonpoly_scheme.pdb_seq_num 
_pdbx_nonpoly_scheme.auth_seq_num 
_pdbx_nonpoly_scheme.pdb_mon_id 
_pdbx_nonpoly_scheme.auth_mon_id 
_pdbx_nonpoly_scheme.pdb_strand_id 
_pdbx_nonpoly_scheme.pdb_ins_code 
C 3 SO4 1  101 2   SO4 SO4 A . 
D 3 SO4 1  102 3   SO4 SO4 A . 
E 3 SO4 1  103 4   SO4 SO4 A . 
F 4 LI  1  104 2   LI  LI  A . 
G 4 LI  1  105 3   LI  LI  A . 
H 4 LI  1  106 4   LI  LI  A . 
I 3 SO4 1  101 1   SO4 SO4 B . 
J 5 GOL 1  102 1   GOL GOL B . 
K 4 LI  1  103 1   LI  LI  B . 
L 6 HOH 1  201 108 HOH HOH A . 
L 6 HOH 2  202 62  HOH HOH A . 
L 6 HOH 3  203 63  HOH HOH A . 
L 6 HOH 4  204 109 HOH HOH A . 
L 6 HOH 5  205 44  HOH HOH A . 
L 6 HOH 6  206 31  HOH HOH A . 
L 6 HOH 7  207 15  HOH HOH A . 
L 6 HOH 8  208 39  HOH HOH A . 
L 6 HOH 9  209 6   HOH HOH A . 
L 6 HOH 10 210 28  HOH HOH A . 
L 6 HOH 11 211 41  HOH HOH A . 
L 6 HOH 12 212 56  HOH HOH A . 
L 6 HOH 13 213 27  HOH HOH A . 
L 6 HOH 14 214 8   HOH HOH A . 
L 6 HOH 15 215 1   HOH HOH A . 
L 6 HOH 16 216 3   HOH HOH A . 
L 6 HOH 17 217 12  HOH HOH A . 
L 6 HOH 18 218 14  HOH HOH A . 
L 6 HOH 19 219 53  HOH HOH A . 
L 6 HOH 20 220 94  HOH HOH A . 
L 6 HOH 21 221 75  HOH HOH A . 
L 6 HOH 22 222 67  HOH HOH A . 
L 6 HOH 23 223 127 HOH HOH A . 
L 6 HOH 24 224 43  HOH HOH A . 
L 6 HOH 25 225 19  HOH HOH A . 
L 6 HOH 26 226 89  HOH HOH A . 
L 6 HOH 27 227 50  HOH HOH A . 
L 6 HOH 28 228 18  HOH HOH A . 
L 6 HOH 29 229 98  HOH HOH A . 
L 6 HOH 30 230 86  HOH HOH A . 
L 6 HOH 31 231 122 HOH HOH A . 
L 6 HOH 32 232 52  HOH HOH A . 
L 6 HOH 33 233 102 HOH HOH A . 
L 6 HOH 34 234 57  HOH HOH A . 
L 6 HOH 35 235 5   HOH HOH A . 
L 6 HOH 36 236 65  HOH HOH A . 
L 6 HOH 37 237 84  HOH HOH A . 
L 6 HOH 38 238 126 HOH HOH A . 
L 6 HOH 39 239 118 HOH HOH A . 
L 6 HOH 40 240 81  HOH HOH A . 
L 6 HOH 41 241 113 HOH HOH A . 
L 6 HOH 42 242 124 HOH HOH A . 
L 6 HOH 43 243 123 HOH HOH A . 
L 6 HOH 44 244 35  HOH HOH A . 
L 6 HOH 45 245 32  HOH HOH A . 
L 6 HOH 46 246 38  HOH HOH A . 
L 6 HOH 47 247 85  HOH HOH A . 
L 6 HOH 48 248 128 HOH HOH A . 
M 6 HOH 1  201 106 HOH HOH B . 
M 6 HOH 2  202 105 HOH HOH B . 
M 6 HOH 3  203 59  HOH HOH B . 
M 6 HOH 4  204 26  HOH HOH B . 
M 6 HOH 5  205 99  HOH HOH B . 
M 6 HOH 6  206 87  HOH HOH B . 
M 6 HOH 7  207 10  HOH HOH B . 
M 6 HOH 8  208 30  HOH HOH B . 
M 6 HOH 9  209 117 HOH HOH B . 
M 6 HOH 10 210 80  HOH HOH B . 
M 6 HOH 11 211 4   HOH HOH B . 
M 6 HOH 12 212 82  HOH HOH B . 
M 6 HOH 13 213 16  HOH HOH B . 
M 6 HOH 14 214 111 HOH HOH B . 
M 6 HOH 15 215 64  HOH HOH B . 
M 6 HOH 16 216 11  HOH HOH B . 
M 6 HOH 17 217 23  HOH HOH B . 
M 6 HOH 18 218 20  HOH HOH B . 
M 6 HOH 19 219 2   HOH HOH B . 
M 6 HOH 20 220 45  HOH HOH B . 
M 6 HOH 21 221 13  HOH HOH B . 
M 6 HOH 22 222 54  HOH HOH B . 
M 6 HOH 23 223 48  HOH HOH B . 
M 6 HOH 24 224 96  HOH HOH B . 
M 6 HOH 25 225 107 HOH HOH B . 
M 6 HOH 26 226 17  HOH HOH B . 
M 6 HOH 27 227 103 HOH HOH B . 
M 6 HOH 28 228 78  HOH HOH B . 
M 6 HOH 29 229 7   HOH HOH B . 
M 6 HOH 30 230 46  HOH HOH B . 
M 6 HOH 31 231 88  HOH HOH B . 
M 6 HOH 32 232 116 HOH HOH B . 
M 6 HOH 33 233 77  HOH HOH B . 
M 6 HOH 34 234 115 HOH HOH B . 
M 6 HOH 35 235 55  HOH HOH B . 
M 6 HOH 36 236 93  HOH HOH B . 
M 6 HOH 37 237 104 HOH HOH B . 
M 6 HOH 38 238 114 HOH HOH B . 
M 6 HOH 39 239 9   HOH HOH B . 
M 6 HOH 40 240 91  HOH HOH B . 
M 6 HOH 41 241 74  HOH HOH B . 
M 6 HOH 42 242 33  HOH HOH B . 
M 6 HOH 43 243 100 HOH HOH B . 
M 6 HOH 44 244 119 HOH HOH B . 
M 6 HOH 45 245 125 HOH HOH B . 
M 6 HOH 46 246 129 HOH HOH B . 
M 6 HOH 47 247 69  HOH HOH B . 
M 6 HOH 48 248 110 HOH HOH B . 
M 6 HOH 49 249 70  HOH HOH B . 
M 6 HOH 50 250 66  HOH HOH B . 
M 6 HOH 51 251 76  HOH HOH B . 
M 6 HOH 52 252 120 HOH HOH B . 
M 6 HOH 53 253 121 HOH HOH B . 
M 6 HOH 54 254 71  HOH HOH B . 
# 
loop_
_software.citation_id 
_software.classification 
_software.compiler_name 
_software.compiler_version 
_software.contact_author 
_software.contact_author_email 
_software.date 
_software.description 
_software.dependencies 
_software.hardware 
_software.language 
_software.location 
_software.mods 
_software.name 
_software.os 
_software.os_version 
_software.type 
_software.version 
_software.pdbx_ordinal 
? refinement       ? ? ? ? ? ? ? ? ? ? ? REFMAC ? ? ? 5.6.0117 1 
? 'data reduction' ? ? ? ? ? ? ? ? ? ? ? XDS    ? ? ? .        2 
? 'data scaling'   ? ? ? ? ? ? ? ? ? ? ? XDS    ? ? ? .        3 
? phasing          ? ? ? ? ? ? ? ? ? ? ? PHASER ? ? ? .        4 
# 
_cell.entry_id           5I5B 
_cell.length_a           21.457 
_cell.length_b           24.935 
_cell.length_c           29.935 
_cell.angle_alpha        113.82 
_cell.angle_beta         90.42 
_cell.angle_gamma        98.98 
_cell.Z_PDB              1 
_cell.pdbx_unique_axis   ? 
# 
_symmetry.entry_id                         5I5B 
_symmetry.space_group_name_H-M             'P 1' 
_symmetry.pdbx_full_space_group_name_H-M   ? 
_symmetry.cell_setting                     ? 
_symmetry.Int_Tables_number                1 
# 
_exptl.absorpt_coefficient_mu     ? 
_exptl.absorpt_correction_T_max   ? 
_exptl.absorpt_correction_T_min   ? 
_exptl.absorpt_correction_type    ? 
_exptl.absorpt_process_details    ? 
_exptl.entry_id                   5I5B 
_exptl.crystals_number            1 
_exptl.details                    ? 
_exptl.method                     'X-RAY DIFFRACTION' 
_exptl.method_details             ? 
# 
_exptl_crystal.colour                      ? 
_exptl_crystal.density_diffrn              ? 
_exptl_crystal.density_Matthews            1.77 
_exptl_crystal.density_method              ? 
_exptl_crystal.density_percent_sol         30.61 
_exptl_crystal.description                 ? 
_exptl_crystal.F_000                       ? 
_exptl_crystal.id                          1 
_exptl_crystal.preparation                 ? 
_exptl_crystal.size_max                    ? 
_exptl_crystal.size_mid                    ? 
_exptl_crystal.size_min                    ? 
_exptl_crystal.size_rad                    ? 
_exptl_crystal.colour_lustre               ? 
_exptl_crystal.colour_modifier             ? 
_exptl_crystal.colour_primary              ? 
_exptl_crystal.density_meas                ? 
_exptl_crystal.density_meas_esd            ? 
_exptl_crystal.density_meas_gt             ? 
_exptl_crystal.density_meas_lt             ? 
_exptl_crystal.density_meas_temp           ? 
_exptl_crystal.density_meas_temp_esd       ? 
_exptl_crystal.density_meas_temp_gt        ? 
_exptl_crystal.density_meas_temp_lt        ? 
_exptl_crystal.pdbx_crystal_image_url      ? 
_exptl_crystal.pdbx_crystal_image_format   ? 
_exptl_crystal.pdbx_mosaicity              ? 
_exptl_crystal.pdbx_mosaicity_esd          ? 
# 
_exptl_crystal_grow.apparatus       ? 
_exptl_crystal_grow.atmosphere      ? 
_exptl_crystal_grow.crystal_id      1 
_exptl_crystal_grow.details         ? 
_exptl_crystal_grow.method          'VAPOR DIFFUSION, HANGING DROP' 
_exptl_crystal_grow.method_ref      ? 
_exptl_crystal_grow.pH              7.5 
_exptl_crystal_grow.pressure        ? 
_exptl_crystal_grow.pressure_esd    ? 
_exptl_crystal_grow.seeding         ? 
_exptl_crystal_grow.seeding_ref     ? 
_exptl_crystal_grow.temp            292 
_exptl_crystal_grow.temp_details    ? 
_exptl_crystal_grow.temp_esd        ? 
_exptl_crystal_grow.time            ? 
_exptl_crystal_grow.pdbx_details    
;0.2 M Lithium sulfate monohydrate, 
0.1 M HEPES pH 7.5, 
25% w/v Polyethylene glycol 3,350
NaCl
;
_exptl_crystal_grow.pdbx_pH_range   ? 
# 
_diffrn.ambient_environment    ? 
_diffrn.ambient_temp           100 
_diffrn.ambient_temp_details   ? 
_diffrn.ambient_temp_esd       ? 
_diffrn.crystal_id             1 
_diffrn.crystal_support        ? 
_diffrn.crystal_treatment      ? 
_diffrn.details                ? 
_diffrn.id                     1 
_diffrn.ambient_pressure       ? 
_diffrn.ambient_pressure_esd   ? 
_diffrn.ambient_pressure_gt    ? 
_diffrn.ambient_pressure_lt    ? 
_diffrn.ambient_temp_gt        ? 
_diffrn.ambient_temp_lt        ? 
# 
_diffrn_detector.details                      ? 
_diffrn_detector.detector                     PIXEL 
_diffrn_detector.diffrn_id                    1 
_diffrn_detector.type                         'DECTRIS PILATUS 6M-F' 
_diffrn_detector.area_resol_mean              ? 
_diffrn_detector.dtime                        ? 
_diffrn_detector.pdbx_frames_total            ? 
_diffrn_detector.pdbx_collection_time_total   ? 
_diffrn_detector.pdbx_collection_date         2015-03-25 
# 
_diffrn_radiation.collimation                      ? 
_diffrn_radiation.diffrn_id                        1 
_diffrn_radiation.filter_edge                      ? 
_diffrn_radiation.inhomogeneity                    ? 
_diffrn_radiation.monochromator                    ? 
_diffrn_radiation.polarisn_norm                    ? 
_diffrn_radiation.polarisn_ratio                   ? 
_diffrn_radiation.probe                            ? 
_diffrn_radiation.type                             ? 
_diffrn_radiation.xray_symbol                      ? 
_diffrn_radiation.wavelength_id                    1 
_diffrn_radiation.pdbx_monochromatic_or_laue_m_l   M 
_diffrn_radiation.pdbx_wavelength_list             ? 
_diffrn_radiation.pdbx_wavelength                  ? 
_diffrn_radiation.pdbx_diffrn_protocol             'SINGLE WAVELENGTH' 
_diffrn_radiation.pdbx_analyzer                    ? 
_diffrn_radiation.pdbx_scattering_type             x-ray 
# 
_diffrn_radiation_wavelength.id           1 
_diffrn_radiation_wavelength.wavelength   0.7749 
_diffrn_radiation_wavelength.wt           1.0 
# 
_diffrn_source.current                     ? 
_diffrn_source.details                     ? 
_diffrn_source.diffrn_id                   1 
_diffrn_source.power                       ? 
_diffrn_source.size                        ? 
_diffrn_source.source                      SYNCHROTRON 
_diffrn_source.target                      ? 
_diffrn_source.type                        'APS BEAMLINE 24-ID-C' 
_diffrn_source.voltage                     ? 
_diffrn_source.take-off_angle              ? 
_diffrn_source.pdbx_wavelength_list        0.7749 
_diffrn_source.pdbx_wavelength             ? 
_diffrn_source.pdbx_synchrotron_beamline   24-ID-C 
_diffrn_source.pdbx_synchrotron_site       APS 
# 
_reflns.B_iso_Wilson_estimate            ? 
_reflns.entry_id                         5I5B 
_reflns.data_reduction_details           ? 
_reflns.data_reduction_method            ? 
_reflns.d_resolution_high                0.9 
_reflns.d_resolution_low                 27.3 
_reflns.details                          ? 
_reflns.limit_h_max                      ? 
_reflns.limit_h_min                      ? 
_reflns.limit_k_max                      ? 
_reflns.limit_k_min                      ? 
_reflns.limit_l_max                      ? 
_reflns.limit_l_min                      ? 
_reflns.number_all                       ? 
_reflns.number_obs                       47481 
_reflns.observed_criterion               ? 
_reflns.observed_criterion_F_max         ? 
_reflns.observed_criterion_F_min         ? 
_reflns.observed_criterion_I_max         ? 
_reflns.observed_criterion_I_min         ? 
_reflns.observed_criterion_sigma_F       ? 
_reflns.observed_criterion_sigma_I       ? 
_reflns.percent_possible_obs             83.0 
_reflns.R_free_details                   ? 
_reflns.Rmerge_F_all                     ? 
_reflns.Rmerge_F_obs                     ? 
_reflns.Friedel_coverage                 ? 
_reflns.number_gt                        ? 
_reflns.threshold_expression             ? 
_reflns.pdbx_redundancy                  3.4 
_reflns.pdbx_Rmerge_I_obs                0.037 
_reflns.pdbx_Rmerge_I_all                ? 
_reflns.pdbx_Rsym_value                  ? 
_reflns.pdbx_netI_over_av_sigmaI         ? 
_reflns.pdbx_netI_over_sigmaI            13.4 
_reflns.pdbx_res_netI_over_av_sigmaI_2   ? 
_reflns.pdbx_res_netI_over_sigmaI_2      ? 
_reflns.pdbx_chi_squared                 ? 
_reflns.pdbx_scaling_rejects             ? 
_reflns.pdbx_d_res_high_opt              ? 
_reflns.pdbx_d_res_low_opt               ? 
_reflns.pdbx_d_res_opt_method            ? 
_reflns.phase_calculation_details        ? 
_reflns.pdbx_Rrim_I_all                  ? 
_reflns.pdbx_Rpim_I_all                  ? 
_reflns.pdbx_d_opt                       ? 
_reflns.pdbx_number_measured_all         ? 
_reflns.pdbx_diffrn_id                   1 
_reflns.pdbx_ordinal                     1 
_reflns.pdbx_CC_half                     ? 
_reflns.pdbx_R_split                     ? 
# 
_reflns_shell.d_res_high                  0.9 
_reflns_shell.d_res_low                   0.91 
_reflns_shell.meanI_over_sigI_all         ? 
_reflns_shell.meanI_over_sigI_obs         3.7 
_reflns_shell.number_measured_all         ? 
_reflns_shell.number_measured_obs         ? 
_reflns_shell.number_possible             ? 
_reflns_shell.number_unique_all           ? 
_reflns_shell.number_unique_obs           ? 
_reflns_shell.percent_possible_all        81.9 
_reflns_shell.percent_possible_obs        ? 
_reflns_shell.Rmerge_F_all                ? 
_reflns_shell.Rmerge_F_obs                ? 
_reflns_shell.Rmerge_I_all                ? 
_reflns_shell.Rmerge_I_obs                0.284 
_reflns_shell.meanI_over_sigI_gt          ? 
_reflns_shell.meanI_over_uI_all           ? 
_reflns_shell.meanI_over_uI_gt            ? 
_reflns_shell.number_measured_gt          ? 
_reflns_shell.number_unique_gt            ? 
_reflns_shell.percent_possible_gt         ? 
_reflns_shell.Rmerge_F_gt                 ? 
_reflns_shell.Rmerge_I_gt                 ? 
_reflns_shell.pdbx_redundancy             3.1 
_reflns_shell.pdbx_Rsym_value             ? 
_reflns_shell.pdbx_chi_squared            ? 
_reflns_shell.pdbx_netI_over_sigmaI_all   ? 
_reflns_shell.pdbx_netI_over_sigmaI_obs   ? 
_reflns_shell.pdbx_Rrim_I_all             ? 
_reflns_shell.pdbx_Rpim_I_all             ? 
_reflns_shell.pdbx_rejects                ? 
_reflns_shell.pdbx_ordinal                1 
_reflns_shell.pdbx_diffrn_id              1 
_reflns_shell.pdbx_CC_half                ? 
_reflns_shell.pdbx_R_split                ? 
# 
_refine.pdbx_refine_id                           'X-RAY DIFFRACTION' 
_refine.entry_id                                 5I5B 
_refine.pdbx_diffrn_id                           1 
_refine.pdbx_TLS_residual_ADP_flag               ? 
_refine.ls_number_reflns_obs                     33600 
_refine.ls_number_reflns_all                     ? 
_refine.pdbx_ls_sigma_I                          ? 
_refine.pdbx_ls_sigma_F                          ? 
_refine.pdbx_data_cutoff_high_absF               ? 
_refine.pdbx_data_cutoff_low_absF                ? 
_refine.pdbx_data_cutoff_high_rms_absF           ? 
_refine.ls_d_res_low                             27.30 
_refine.ls_d_res_high                            0.90 
_refine.ls_percent_reflns_obs                    85.42 
_refine.ls_R_factor_obs                          0.11324 
_refine.ls_R_factor_all                          ? 
_refine.ls_R_factor_R_work                       0.11247 
_refine.ls_R_factor_R_free                       0.12753 
_refine.ls_R_factor_R_free_error                 ? 
_refine.ls_R_factor_R_free_error_details         ? 
_refine.ls_percent_reflns_R_free                 5.1 
_refine.ls_number_reflns_R_free                  1810 
_refine.ls_number_parameters                     ? 
_refine.ls_number_restraints                     ? 
_refine.occupancy_min                            ? 
_refine.occupancy_max                            ? 
_refine.correlation_coeff_Fo_to_Fc               0.985 
_refine.correlation_coeff_Fo_to_Fc_free          0.981 
_refine.B_iso_mean                               7.276 
_refine.aniso_B[1][1]                            -0.20 
_refine.aniso_B[2][2]                            0.23 
_refine.aniso_B[3][3]                            0.11 
_refine.aniso_B[1][2]                            -0.06 
_refine.aniso_B[1][3]                            -0.10 
_refine.aniso_B[2][3]                            0.20 
_refine.solvent_model_details                    MASK 
_refine.solvent_model_param_ksol                 ? 
_refine.solvent_model_param_bsol                 ? 
_refine.pdbx_solvent_vdw_probe_radii             1.20 
_refine.pdbx_solvent_ion_probe_radii             0.80 
_refine.pdbx_solvent_shrinkage_radii             0.80 
_refine.pdbx_ls_cross_valid_method               THROUGHOUT 
_refine.details                                  'HYDROGENS HAVE BEEN ADDED IN THE RIDING POSITIONS' 
_refine.pdbx_starting_model                      4LFS 
_refine.pdbx_method_to_determine_struct          'MOLECULAR REPLACEMENT' 
_refine.pdbx_isotropic_thermal_model             ? 
_refine.pdbx_stereochemistry_target_values       'MAXIMUM LIKELIHOOD' 
_refine.pdbx_stereochem_target_val_spec_case     ? 
_refine.pdbx_R_Free_selection_details            RANDOM 
_refine.pdbx_overall_ESU_R                       0.018 
_refine.pdbx_overall_ESU_R_Free                  0.019 
_refine.overall_SU_ML                            0.010 
_refine.pdbx_overall_phase_error                 ? 
_refine.overall_SU_B                             0.362 
_refine.overall_SU_R_Cruickshank_DPI             ? 
_refine.pdbx_overall_SU_R_free_Cruickshank_DPI   ? 
_refine.pdbx_overall_SU_R_Blow_DPI               ? 
_refine.pdbx_overall_SU_R_free_Blow_DPI          ? 
# 
_refine_hist.pdbx_refine_id                   'X-RAY DIFFRACTION' 
_refine_hist.cycle_id                         LAST 
_refine_hist.pdbx_number_atoms_protein        556 
_refine_hist.pdbx_number_atoms_nucleic_acid   0 
_refine_hist.pdbx_number_atoms_ligand         30 
_refine_hist.number_atoms_solvent             102 
_refine_hist.number_atoms_total               688 
_refine_hist.d_res_high                       0.90 
_refine_hist.d_res_low                        27.30 
# 
loop_
_refine_ls_restr.type 
_refine_ls_restr.dev_ideal 
_refine_ls_restr.dev_ideal_target 
_refine_ls_restr.weight 
_refine_ls_restr.number 
_refine_ls_restr.pdbx_refine_id 
_refine_ls_restr.pdbx_restraint_function 
r_bond_refined_d             0.030  0.020  ? 669  'X-RAY DIFFRACTION' ? 
r_bond_other_d               0.003  0.020  ? 519  'X-RAY DIFFRACTION' ? 
r_angle_refined_deg          2.876  1.990  ? 904  'X-RAY DIFFRACTION' ? 
r_angle_other_deg            1.746  3.010  ? 1251 'X-RAY DIFFRACTION' ? 
r_dihedral_angle_1_deg       7.933  5.000  ? 87   'X-RAY DIFFRACTION' ? 
r_dihedral_angle_2_deg       18.599 18.333 ? 24   'X-RAY DIFFRACTION' ? 
r_dihedral_angle_3_deg       16.301 15.000 ? 143  'X-RAY DIFFRACTION' ? 
r_dihedral_angle_4_deg       17.814 15.000 ? 8    'X-RAY DIFFRACTION' ? 
r_chiral_restr               2.005  0.200  ? 97   'X-RAY DIFFRACTION' ? 
r_gen_planes_refined         0.017  0.020  ? 700  'X-RAY DIFFRACTION' ? 
r_gen_planes_other           0.004  0.020  ? 154  'X-RAY DIFFRACTION' ? 
r_nbd_refined                ?      ?      ? ?    'X-RAY DIFFRACTION' ? 
r_nbd_other                  ?      ?      ? ?    'X-RAY DIFFRACTION' ? 
r_nbtor_refined              ?      ?      ? ?    'X-RAY DIFFRACTION' ? 
r_nbtor_other                ?      ?      ? ?    'X-RAY DIFFRACTION' ? 
r_xyhbond_nbd_refined        ?      ?      ? ?    'X-RAY DIFFRACTION' ? 
r_xyhbond_nbd_other          ?      ?      ? ?    'X-RAY DIFFRACTION' ? 
r_metal_ion_refined          ?      ?      ? ?    'X-RAY DIFFRACTION' ? 
r_metal_ion_other            ?      ?      ? ?    'X-RAY DIFFRACTION' ? 
r_symmetry_vdw_refined       ?      ?      ? ?    'X-RAY DIFFRACTION' ? 
r_symmetry_vdw_other         ?      ?      ? ?    'X-RAY DIFFRACTION' ? 
r_symmetry_hbond_refined     ?      ?      ? ?    'X-RAY DIFFRACTION' ? 
r_symmetry_hbond_other       ?      ?      ? ?    'X-RAY DIFFRACTION' ? 
r_symmetry_metal_ion_refined ?      ?      ? ?    'X-RAY DIFFRACTION' ? 
r_symmetry_metal_ion_other   ?      ?      ? ?    'X-RAY DIFFRACTION' ? 
r_mcbond_it                  ?      ?      ? ?    'X-RAY DIFFRACTION' ? 
r_mcbond_other               ?      ?      ? ?    'X-RAY DIFFRACTION' ? 
r_mcangle_it                 ?      ?      ? ?    'X-RAY DIFFRACTION' ? 
r_mcangle_other              ?      ?      ? ?    'X-RAY DIFFRACTION' ? 
r_scbond_it                  ?      ?      ? ?    'X-RAY DIFFRACTION' ? 
r_scbond_other               ?      ?      ? ?    'X-RAY DIFFRACTION' ? 
r_scangle_it                 ?      ?      ? ?    'X-RAY DIFFRACTION' ? 
r_scangle_other              ?      ?      ? ?    'X-RAY DIFFRACTION' ? 
r_long_range_B_refined       ?      ?      ? ?    'X-RAY DIFFRACTION' ? 
r_long_range_B_other         ?      ?      ? ?    'X-RAY DIFFRACTION' ? 
r_rigid_bond_restr           6.675  3.000  ? 1188 'X-RAY DIFFRACTION' ? 
r_sphericity_free            65.461 5.000  ? 21   'X-RAY DIFFRACTION' ? 
r_sphericity_bonded          10.419 5.000  ? 1258 'X-RAY DIFFRACTION' ? 
# 
_refine_ls_shell.pdbx_refine_id                   'X-RAY DIFFRACTION' 
_refine_ls_shell.pdbx_total_number_of_bins_used   20 
_refine_ls_shell.d_res_high                       0.900 
_refine_ls_shell.d_res_low                        0.923 
_refine_ls_shell.number_reflns_R_work             2400 
_refine_ls_shell.R_factor_R_work                  0.164 
_refine_ls_shell.percent_reflns_obs               82.84 
_refine_ls_shell.R_factor_R_free                  0.169 
_refine_ls_shell.R_factor_R_free_error            ? 
_refine_ls_shell.percent_reflns_R_free            ? 
_refine_ls_shell.number_reflns_R_free             139 
_refine_ls_shell.number_reflns_all                ? 
_refine_ls_shell.R_factor_all                     ? 
_refine_ls_shell.R_factor_obs                     ? 
_refine_ls_shell.number_reflns_obs                ? 
# 
_struct.entry_id                     5I5B 
_struct.title                        'quasi racemic structure of allo-Thr13-ShK and D-ShK' 
_struct.pdbx_model_details           ? 
_struct.pdbx_formula_weight          ? 
_struct.pdbx_formula_weight_method   ? 
_struct.pdbx_model_type_details      ? 
_struct.pdbx_CASP_flag               ? 
# 
_struct_keywords.entry_id        5I5B 
_struct_keywords.text            'allo-Thr13-ShK, D-ShK, quasi racemic structure, TOXIN' 
_struct_keywords.pdbx_keywords   TOXIN 
# 
loop_
_struct_asym.id 
_struct_asym.pdbx_blank_PDB_chainid_flag 
_struct_asym.pdbx_modified 
_struct_asym.entity_id 
_struct_asym.details 
A N N 1 ? 
B N N 2 ? 
C N N 3 ? 
D N N 3 ? 
E N N 3 ? 
F N N 4 ? 
G N N 4 ? 
H N N 4 ? 
I N N 3 ? 
J N N 5 ? 
K N N 4 ? 
L N N 6 ? 
M N N 6 ? 
# 
loop_
_struct_ref.id 
_struct_ref.db_name 
_struct_ref.db_code 
_struct_ref.pdbx_db_accession 
_struct_ref.pdbx_db_isoform 
_struct_ref.entity_id 
_struct_ref.pdbx_seq_one_letter_code 
_struct_ref.pdbx_align_begin 
1 UNP K1A_STIHL P29187 ? 1 RSCIDTIPKSRCTAFQCKHSMKYRLSFCRKTCGTC 1 
2 PDB 5I5B      5I5B   ? 2 ?                                   1 
# 
loop_
_struct_ref_seq.align_id 
_struct_ref_seq.ref_id 
_struct_ref_seq.pdbx_PDB_id_code 
_struct_ref_seq.pdbx_strand_id 
_struct_ref_seq.seq_align_beg 
_struct_ref_seq.pdbx_seq_align_beg_ins_code 
_struct_ref_seq.seq_align_end 
_struct_ref_seq.pdbx_seq_align_end_ins_code 
_struct_ref_seq.pdbx_db_accession 
_struct_ref_seq.db_align_beg 
_struct_ref_seq.pdbx_db_align_beg_ins_code 
_struct_ref_seq.db_align_end 
_struct_ref_seq.pdbx_db_align_end_ins_code 
_struct_ref_seq.pdbx_auth_seq_align_beg 
_struct_ref_seq.pdbx_auth_seq_align_end 
1 1 5I5B A 1 ? 35 ? P29187 1 ? 35 ? 1 35 
2 2 5I5B B 1 ? 35 ? 5I5B   1 ? 35 ? 1 35 
# 
_pdbx_struct_assembly.id                   1 
_pdbx_struct_assembly.details              author_defined_assembly 
_pdbx_struct_assembly.method_details       ? 
_pdbx_struct_assembly.oligomeric_details   dimeric 
_pdbx_struct_assembly.oligomeric_count     2 
# 
_pdbx_struct_assembly_gen.assembly_id       1 
_pdbx_struct_assembly_gen.oper_expression   1 
_pdbx_struct_assembly_gen.asym_id_list      A,B,C,D,E,F,G,H,I,J,K,L,M 
# 
_pdbx_struct_oper_list.id                   1 
_pdbx_struct_oper_list.type                 'identity operation' 
_pdbx_struct_oper_list.name                 1_555 
_pdbx_struct_oper_list.symmetry_operation   x,y,z 
_pdbx_struct_oper_list.matrix[1][1]         1.0000000000 
_pdbx_struct_oper_list.matrix[1][2]         0.0000000000 
_pdbx_struct_oper_list.matrix[1][3]         0.0000000000 
_pdbx_struct_oper_list.vector[1]            0.0000000000 
_pdbx_struct_oper_list.matrix[2][1]         0.0000000000 
_pdbx_struct_oper_list.matrix[2][2]         1.0000000000 
_pdbx_struct_oper_list.matrix[2][3]         0.0000000000 
_pdbx_struct_oper_list.vector[2]            0.0000000000 
_pdbx_struct_oper_list.matrix[3][1]         0.0000000000 
_pdbx_struct_oper_list.matrix[3][2]         0.0000000000 
_pdbx_struct_oper_list.matrix[3][3]         1.0000000000 
_pdbx_struct_oper_list.vector[3]            0.0000000000 
# 
loop_
_struct_conf.conf_type_id 
_struct_conf.id 
_struct_conf.pdbx_PDB_helix_id 
_struct_conf.beg_label_comp_id 
_struct_conf.beg_label_asym_id 
_struct_conf.beg_label_seq_id 
_struct_conf.pdbx_beg_PDB_ins_code 
_struct_conf.end_label_comp_id 
_struct_conf.end_label_asym_id 
_struct_conf.end_label_seq_id 
_struct_conf.pdbx_end_PDB_ins_code 
_struct_conf.beg_auth_comp_id 
_struct_conf.beg_auth_asym_id 
_struct_conf.beg_auth_seq_id 
_struct_conf.end_auth_comp_id 
_struct_conf.end_auth_asym_id 
_struct_conf.end_auth_seq_id 
_struct_conf.pdbx_PDB_helix_class 
_struct_conf.details 
_struct_conf.pdbx_PDB_helix_length 
HELX_P HELX_P1 AA1 PRO A 8  ? CYS A 12 ? PRO A 8  CYS A 12 5 ? 5 
HELX_P HELX_P2 AA2 ALO A 13 ? LYS A 18 ? ALO A 13 LYS A 18 1 ? 6 
HELX_P HELX_P3 AA3 SER A 20 ? SER A 26 ? SER A 20 SER A 26 1 ? 7 
HELX_P HELX_P4 AA4 DPR B 8  ? DCY B 12 ? DPR B 8  DCY B 12 5 ? 5 
HELX_P HELX_P5 AA5 DTH B 13 ? DLY B 18 ? DTH B 13 DLY B 18 1 ? 6 
HELX_P HELX_P6 AA6 DSN B 20 ? DSN B 26 ? DSN B 20 DSN B 26 1 ? 7 
# 
_struct_conf_type.id          HELX_P 
_struct_conf_type.criteria    ? 
_struct_conf_type.reference   ? 
# 
loop_
_struct_conn.id 
_struct_conn.conn_type_id 
_struct_conn.pdbx_leaving_atom_flag 
_struct_conn.pdbx_PDB_id 
_struct_conn.ptnr1_label_asym_id 
_struct_conn.ptnr1_label_comp_id 
_struct_conn.ptnr1_label_seq_id 
_struct_conn.ptnr1_label_atom_id 
_struct_conn.pdbx_ptnr1_label_alt_id 
_struct_conn.pdbx_ptnr1_PDB_ins_code 
_struct_conn.pdbx_ptnr1_standard_comp_id 
_struct_conn.ptnr1_symmetry 
_struct_conn.ptnr2_label_asym_id 
_struct_conn.ptnr2_label_comp_id 
_struct_conn.ptnr2_label_seq_id 
_struct_conn.ptnr2_label_atom_id 
_struct_conn.pdbx_ptnr2_label_alt_id 
_struct_conn.pdbx_ptnr2_PDB_ins_code 
_struct_conn.ptnr1_auth_asym_id 
_struct_conn.ptnr1_auth_comp_id 
_struct_conn.ptnr1_auth_seq_id 
_struct_conn.ptnr2_auth_asym_id 
_struct_conn.ptnr2_auth_comp_id 
_struct_conn.ptnr2_auth_seq_id 
_struct_conn.ptnr2_symmetry 
_struct_conn.pdbx_ptnr3_label_atom_id 
_struct_conn.pdbx_ptnr3_label_seq_id 
_struct_conn.pdbx_ptnr3_label_comp_id 
_struct_conn.pdbx_ptnr3_label_asym_id 
_struct_conn.pdbx_ptnr3_label_alt_id 
_struct_conn.pdbx_ptnr3_PDB_ins_code 
_struct_conn.details 
_struct_conn.pdbx_dist_value 
_struct_conn.pdbx_value_order 
_struct_conn.pdbx_role 
disulf1  disulf ?    ? A CYS 3  SG ? ? ? 1_555 A CYS 35 SG ? ? A CYS 3   A CYS 35  1_555 ? ? ? ? ? ? ? 1.994 ? ? 
disulf2  disulf ?    ? A CYS 12 SG ? ? ? 1_555 A CYS 28 SG ? ? A CYS 12  A CYS 28  1_555 ? ? ? ? ? ? ? 2.050 ? ? 
disulf3  disulf ?    ? A CYS 17 SG ? ? ? 1_555 A CYS 32 SG ? ? A CYS 17  A CYS 32  1_555 ? ? ? ? ? ? ? 2.047 ? ? 
disulf4  disulf ?    ? B DCY 3  SG ? ? ? 1_555 B DCY 35 SG ? ? B DCY 3   B DCY 35  1_555 ? ? ? ? ? ? ? 2.100 ? ? 
disulf5  disulf ?    ? B DCY 12 SG ? ? ? 1_555 B DCY 28 SG ? ? B DCY 12  B DCY 28  1_555 ? ? ? ? ? ? ? 2.043 ? ? 
disulf6  disulf ?    ? B DCY 17 SG ? ? ? 1_555 B DCY 32 SG ? ? B DCY 17  B DCY 32  1_555 ? ? ? ? ? ? ? 2.013 ? ? 
covale1  covale both ? A CYS 12 C  ? ? ? 1_555 A ALO 13 N  ? ? A CYS 12  A ALO 13  1_555 ? ? ? ? ? ? ? 1.342 ? ? 
covale2  covale both ? A ALO 13 C  ? ? ? 1_555 A ALA 14 N  ? ? A ALO 13  A ALA 14  1_555 ? ? ? ? ? ? ? 1.322 ? ? 
covale3  covale both ? B DAR 1  C  ? ? ? 1_555 B DSN 2  N  ? ? B DAR 1   B DSN 2   1_555 ? ? ? ? ? ? ? 1.320 ? ? 
covale4  covale both ? B DSN 2  C  ? ? ? 1_555 B DCY 3  N  ? ? B DSN 2   B DCY 3   1_555 ? ? ? ? ? ? ? 1.303 ? ? 
covale5  covale both ? B DCY 3  C  ? ? ? 1_555 B DIL 4  N  ? ? B DCY 3   B DIL 4   1_555 ? ? ? ? ? ? ? 1.294 ? ? 
covale6  covale both ? B DIL 4  C  ? ? ? 1_555 B DAS 5  N  ? ? B DIL 4   B DAS 5   1_555 ? ? ? ? ? ? ? 1.330 ? ? 
covale7  covale both ? B DAS 5  C  ? ? ? 1_555 B DTH 6  N  ? ? B DAS 5   B DTH 6   1_555 ? ? ? ? ? ? ? 1.319 ? ? 
covale8  covale both ? B DTH 6  C  ? ? ? 1_555 B DIL 7  N  ? ? B DTH 6   B DIL 7   1_555 ? ? ? ? ? ? ? 1.310 ? ? 
covale9  covale both ? B DIL 7  C  ? ? ? 1_555 B DPR 8  N  ? ? B DIL 7   B DPR 8   1_555 ? ? ? ? ? ? ? 1.330 ? ? 
covale10 covale both ? B DPR 8  C  ? ? ? 1_555 B DLY 9  N  ? ? B DPR 8   B DLY 9   1_555 ? ? ? ? ? ? ? 1.335 ? ? 
covale11 covale both ? B DLY 9  C  ? ? ? 1_555 B DSN 10 N  ? ? B DLY 9   B DSN 10  1_555 ? ? ? ? ? ? ? 1.338 ? ? 
covale12 covale both ? B DSN 10 C  ? ? ? 1_555 B DAR 11 N  ? ? B DSN 10  B DAR 11  1_555 ? ? ? ? ? ? ? 1.340 ? ? 
covale13 covale both ? B DAR 11 C  ? ? ? 1_555 B DCY 12 N  ? ? B DAR 11  B DCY 12  1_555 ? ? ? ? ? ? ? 1.335 ? ? 
covale14 covale both ? B DCY 12 C  ? ? ? 1_555 B DTH 13 N  ? ? B DCY 12  B DTH 13  1_555 ? ? ? ? ? ? ? 1.310 ? ? 
covale15 covale both ? B DTH 13 C  ? ? ? 1_555 B DAL 14 N  ? ? B DTH 13  B DAL 14  1_555 ? ? ? ? ? ? ? 1.348 ? ? 
covale16 covale both ? B DAL 14 C  ? ? ? 1_555 B DPN 15 N  ? ? B DAL 14  B DPN 15  1_555 ? ? ? ? ? ? ? 1.332 ? ? 
covale17 covale both ? B DPN 15 C  ? ? ? 1_555 B DGN 16 N  ? ? B DPN 15  B DGN 16  1_555 ? ? ? ? ? ? ? 1.342 ? ? 
covale18 covale both ? B DGN 16 C  ? ? ? 1_555 B DCY 17 N  ? ? B DGN 16  B DCY 17  1_555 ? ? ? ? ? ? ? 1.361 ? ? 
covale19 covale both ? B DCY 17 C  ? ? ? 1_555 B DLY 18 N  ? ? B DCY 17  B DLY 18  1_555 ? ? ? ? ? ? ? 1.339 ? ? 
covale20 covale both ? B DLY 18 C  ? ? ? 1_555 B DHI 19 N  ? ? B DLY 18  B DHI 19  1_555 ? ? ? ? ? ? ? 1.339 ? ? 
covale21 covale both ? B DHI 19 C  ? ? ? 1_555 B DSN 20 N  ? ? B DHI 19  B DSN 20  1_555 ? ? ? ? ? ? ? 1.339 ? ? 
covale22 covale both ? B DSN 20 C  ? ? ? 1_555 B MED 21 N  ? ? B DSN 20  B MED 21  1_555 ? ? ? ? ? ? ? 1.321 ? ? 
covale23 covale both ? B MED 21 C  ? ? ? 1_555 B DLY 22 N  ? ? B MED 21  B DLY 22  1_555 ? ? ? ? ? ? ? 1.355 ? ? 
covale24 covale both ? B DLY 22 C  ? ? ? 1_555 B DTY 23 N  ? ? B DLY 22  B DTY 23  1_555 ? ? ? ? ? ? ? 1.353 ? ? 
covale25 covale both ? B DTY 23 C  ? ? ? 1_555 B DAR 24 N  ? ? B DTY 23  B DAR 24  1_555 ? ? ? ? ? ? ? 1.336 ? ? 
covale26 covale both ? B DAR 24 C  ? ? ? 1_555 B DLE 25 N  ? ? B DAR 24  B DLE 25  1_555 ? ? ? ? ? ? ? 1.342 ? ? 
covale27 covale both ? B DLE 25 C  ? ? ? 1_555 B DSN 26 N  ? ? B DLE 25  B DSN 26  1_555 ? ? ? ? ? ? ? 1.334 ? ? 
covale28 covale both ? B DSN 26 C  ? ? ? 1_555 B DPN 27 N  ? ? B DSN 26  B DPN 27  1_555 ? ? ? ? ? ? ? 1.311 ? ? 
covale29 covale both ? B DPN 27 C  ? ? ? 1_555 B DCY 28 N  ? ? B DPN 27  B DCY 28  1_555 ? ? ? ? ? ? ? 1.335 ? ? 
covale30 covale both ? B DCY 28 C  ? ? ? 1_555 B DAR 29 N  ? ? B DCY 28  B DAR 29  1_555 ? ? ? ? ? ? ? 1.346 ? ? 
covale31 covale both ? B DAR 29 C  ? ? ? 1_555 B DLY 30 N  ? ? B DAR 29  B DLY 30  1_555 ? ? ? ? ? ? ? 1.322 ? ? 
covale32 covale both ? B DLY 30 C  ? ? ? 1_555 B DTH 31 N  ? ? B DLY 30  B DTH 31  1_555 ? ? ? ? ? ? ? 1.339 ? ? 
covale33 covale both ? B DTH 31 C  ? ? ? 1_555 B DCY 32 N  ? ? B DTH 31  B DCY 32  1_555 ? ? ? ? ? ? ? 1.325 ? ? 
covale34 covale both ? B DCY 32 C  ? ? ? 1_555 B GLY 33 N  ? ? B DCY 32  B GLY 33  1_555 ? ? ? ? ? ? ? 1.339 ? ? 
covale35 covale both ? B GLY 33 C  ? ? ? 1_555 B DTH 34 N  ? ? B GLY 33  B DTH 34  1_555 ? ? ? ? ? ? ? 1.327 ? ? 
covale36 covale both ? B DTH 34 C  ? ? ? 1_555 B DCY 35 N  ? ? B DTH 34  B DCY 35  1_555 ? ? ? ? ? ? ? 1.334 ? ? 
metalc1  metalc ?    ? A TYR 23 OH A ? ? 1_555 F LI  .  LI ? ? A TYR 23  A LI  104 1_555 ? ? ? ? ? ? ? 1.935 ? ? 
metalc2  metalc ?    ? A TYR 23 OH B ? ? 1_555 F LI  .  LI ? ? A TYR 23  A LI  104 1_555 ? ? ? ? ? ? ? 2.416 ? ? 
metalc3  metalc ?    ? F LI  .  LI ? ? ? 1_555 L HOH .  O  ? ? A LI  104 A HOH 207 1_555 ? ? ? ? ? ? ? 2.425 ? ? 
# 
loop_
_struct_conn_type.id 
_struct_conn_type.criteria 
_struct_conn_type.reference 
disulf ? ? 
covale ? ? 
metalc ? ? 
# 
loop_
_pdbx_struct_conn_angle.id 
_pdbx_struct_conn_angle.ptnr1_label_atom_id 
_pdbx_struct_conn_angle.ptnr1_label_alt_id 
_pdbx_struct_conn_angle.ptnr1_label_asym_id 
_pdbx_struct_conn_angle.ptnr1_label_comp_id 
_pdbx_struct_conn_angle.ptnr1_label_seq_id 
_pdbx_struct_conn_angle.ptnr1_auth_atom_id 
_pdbx_struct_conn_angle.ptnr1_auth_asym_id 
_pdbx_struct_conn_angle.ptnr1_auth_comp_id 
_pdbx_struct_conn_angle.ptnr1_auth_seq_id 
_pdbx_struct_conn_angle.ptnr1_PDB_ins_code 
_pdbx_struct_conn_angle.ptnr1_symmetry 
_pdbx_struct_conn_angle.ptnr2_label_atom_id 
_pdbx_struct_conn_angle.ptnr2_label_alt_id 
_pdbx_struct_conn_angle.ptnr2_label_asym_id 
_pdbx_struct_conn_angle.ptnr2_label_comp_id 
_pdbx_struct_conn_angle.ptnr2_label_seq_id 
_pdbx_struct_conn_angle.ptnr2_auth_atom_id 
_pdbx_struct_conn_angle.ptnr2_auth_asym_id 
_pdbx_struct_conn_angle.ptnr2_auth_comp_id 
_pdbx_struct_conn_angle.ptnr2_auth_seq_id 
_pdbx_struct_conn_angle.ptnr2_PDB_ins_code 
_pdbx_struct_conn_angle.ptnr2_symmetry 
_pdbx_struct_conn_angle.ptnr3_label_atom_id 
_pdbx_struct_conn_angle.ptnr3_label_alt_id 
_pdbx_struct_conn_angle.ptnr3_label_asym_id 
_pdbx_struct_conn_angle.ptnr3_label_comp_id 
_pdbx_struct_conn_angle.ptnr3_label_seq_id 
_pdbx_struct_conn_angle.ptnr3_auth_atom_id 
_pdbx_struct_conn_angle.ptnr3_auth_asym_id 
_pdbx_struct_conn_angle.ptnr3_auth_comp_id 
_pdbx_struct_conn_angle.ptnr3_auth_seq_id 
_pdbx_struct_conn_angle.ptnr3_PDB_ins_code 
_pdbx_struct_conn_angle.ptnr3_symmetry 
_pdbx_struct_conn_angle.value 
_pdbx_struct_conn_angle.value_esd 
1 OH A A TYR 23 ? A TYR 23 ? 1_555 LI ? F LI . ? A LI 104 ? 1_555 OH B A TYR 23 ? A TYR 23  ? 1_555 29.3 ? 
2 OH A A TYR 23 ? A TYR 23 ? 1_555 LI ? F LI . ? A LI 104 ? 1_555 O  ? L HOH .  ? A HOH 207 ? 1_555 74.3 ? 
3 OH B A TYR 23 ? A TYR 23 ? 1_555 LI ? F LI . ? A LI 104 ? 1_555 O  ? L HOH .  ? A HOH 207 ? 1_555 94.4 ? 
# 
loop_
_pdbx_modification_feature.ordinal 
_pdbx_modification_feature.label_comp_id 
_pdbx_modification_feature.label_asym_id 
_pdbx_modification_feature.label_seq_id 
_pdbx_modification_feature.label_alt_id 
_pdbx_modification_feature.modified_residue_label_comp_id 
_pdbx_modification_feature.modified_residue_label_asym_id 
_pdbx_modification_feature.modified_residue_label_seq_id 
_pdbx_modification_feature.modified_residue_label_alt_id 
_pdbx_modification_feature.auth_comp_id 
_pdbx_modification_feature.auth_asym_id 
_pdbx_modification_feature.auth_seq_id 
_pdbx_modification_feature.PDB_ins_code 
_pdbx_modification_feature.symmetry 
_pdbx_modification_feature.modified_residue_auth_comp_id 
_pdbx_modification_feature.modified_residue_auth_asym_id 
_pdbx_modification_feature.modified_residue_auth_seq_id 
_pdbx_modification_feature.modified_residue_PDB_ins_code 
_pdbx_modification_feature.modified_residue_symmetry 
_pdbx_modification_feature.comp_id_linking_atom 
_pdbx_modification_feature.modified_residue_id_linking_atom 
_pdbx_modification_feature.modified_residue_id 
_pdbx_modification_feature.ref_pcm_id 
_pdbx_modification_feature.ref_comp_id 
_pdbx_modification_feature.type 
_pdbx_modification_feature.category 
1 ALO A 13 ? .   . .  . ALO A 13 ? 1_555 .   . .  . .     .  .  THR 1 ALO Stereoisomerisation 'Named protein modification' 
2 CYS A 3  ? CYS A 35 ? CYS A 3  ? 1_555 CYS A 35 ? 1_555 SG SG .   . .   None                'Disulfide bridge'           
3 CYS A 12 ? CYS A 28 ? CYS A 12 ? 1_555 CYS A 28 ? 1_555 SG SG .   . .   None                'Disulfide bridge'           
4 CYS A 17 ? CYS A 32 ? CYS A 17 ? 1_555 CYS A 32 ? 1_555 SG SG .   . .   None                'Disulfide bridge'           
5 DCY B 3  ? DCY B 35 ? DCY B 3  ? 1_555 DCY B 35 ? 1_555 SG SG .   . .   None                'Disulfide bridge'           
6 DCY B 12 ? DCY B 28 ? DCY B 12 ? 1_555 DCY B 28 ? 1_555 SG SG .   . .   None                'Disulfide bridge'           
7 DCY B 17 ? DCY B 32 ? DCY B 17 ? 1_555 DCY B 32 ? 1_555 SG SG .   . .   None                'Disulfide bridge'           
# 
loop_
_struct_site.id 
_struct_site.pdbx_evidence_code 
_struct_site.pdbx_auth_asym_id 
_struct_site.pdbx_auth_comp_id 
_struct_site.pdbx_auth_seq_id 
_struct_site.pdbx_auth_ins_code 
_struct_site.pdbx_num_residues 
_struct_site.details 
AC1 Software A SO4 101 ? 8 'binding site for residue SO4 A 101' 
AC2 Software A SO4 102 ? 6 'binding site for residue SO4 A 102' 
AC3 Software A SO4 103 ? 7 'binding site for residue SO4 A 103' 
AC4 Software A LI  104 ? 5 'binding site for residue LI A 104'  
AC5 Software A LI  105 ? 4 'binding site for residue LI A 105'  
AC6 Software B SO4 101 ? 9 'binding site for residue SO4 B 101' 
AC7 Software B GOL 102 ? 8 'binding site for residue GOL B 102' 
AC8 Software B LI  103 ? 5 'binding site for residue LI B 103'  
# 
loop_
_struct_site_gen.id 
_struct_site_gen.site_id 
_struct_site_gen.pdbx_num_res 
_struct_site_gen.label_comp_id 
_struct_site_gen.label_asym_id 
_struct_site_gen.label_seq_id 
_struct_site_gen.pdbx_auth_ins_code 
_struct_site_gen.auth_comp_id 
_struct_site_gen.auth_asym_id 
_struct_site_gen.auth_seq_id 
_struct_site_gen.label_atom_id 
_struct_site_gen.label_alt_id 
_struct_site_gen.symmetry 
_struct_site_gen.details 
1  AC1 8 SER A 20 ? SER A 20  . ? 1_555 ? 
2  AC1 8 MET A 21 ? MET A 21  . ? 1_555 ? 
3  AC1 8 LYS A 22 ? LYS A 22  . ? 1_555 ? 
4  AC1 8 DAR B 11 ? DAR B 11  . ? 1_454 ? 
5  AC1 8 DAR B 29 ? DAR B 29  . ? 1_444 ? 
6  AC1 8 HOH M .  ? HOH B 215 . ? 1_454 ? 
7  AC1 8 HOH M .  ? HOH B 240 . ? 1_444 ? 
8  AC1 8 HOH M .  ? HOH B 241 . ? 1_454 ? 
9  AC2 6 ARG A 1  ? ARG A 1   . ? 1_555 ? 
10 AC2 6 ARG A 24 ? ARG A 24  . ? 1_655 ? 
11 AC2 6 HOH L .  ? HOH A 203 . ? 1_555 ? 
12 AC2 6 HOH L .  ? HOH A 208 . ? 1_555 ? 
13 AC2 6 HOH L .  ? HOH A 230 . ? 1_655 ? 
14 AC2 6 DLY B 18 ? DLY B 18  . ? 1_555 ? 
15 AC3 7 PRO A 8  ? PRO A 8   . ? 1_455 ? 
16 AC3 7 LYS A 9  ? LYS A 9   . ? 1_455 ? 
17 AC3 7 SER A 10 ? SER A 10  . ? 1_455 ? 
18 AC3 7 PHE A 15 ? PHE A 15  . ? 1_555 ? 
19 AC3 7 HOH L .  ? HOH A 201 . ? 1_555 ? 
20 AC3 7 HOH L .  ? HOH A 247 . ? 1_465 ? 
21 AC3 7 HOH M .  ? HOH B 233 . ? 1_454 ? 
22 AC4 5 TYR A 23 ? TYR A 23  . ? 1_555 ? 
23 AC4 5 HOH L .  ? HOH A 207 . ? 1_555 ? 
24 AC4 5 DTH B 6  ? DTH B 6   . ? 1_554 ? 
25 AC4 5 DIL B 7  ? DIL B 7   . ? 1_554 ? 
26 AC4 5 DHI B 19 ? DHI B 19  . ? 1_454 ? 
27 AC5 4 ARG A 11 ? ARG A 11  . ? 1_555 ? 
28 AC5 4 HOH L .  ? HOH A 240 . ? 1_565 ? 
29 AC5 4 HOH L .  ? HOH A 244 . ? 1_565 ? 
30 AC5 4 GOL J .  ? GOL B 102 . ? 1_554 ? 
31 AC6 9 ARG A 11 ? ARG A 11  . ? 1_656 ? 
32 AC6 9 ARG A 29 ? ARG A 29  . ? 1_666 ? 
33 AC6 9 HOH L .  ? HOH A 221 . ? 1_656 ? 
34 AC6 9 HOH L .  ? HOH A 236 . ? 1_656 ? 
35 AC6 9 HOH L .  ? HOH A 240 . ? 1_666 ? 
36 AC6 9 HOH L .  ? HOH A 248 . ? 1_666 ? 
37 AC6 9 DSN B 20 ? DSN B 20  . ? 1_555 ? 
38 AC6 9 MED B 21 ? MED B 21  . ? 1_555 ? 
39 AC6 9 DLY B 22 ? DLY B 22  . ? 1_555 ? 
40 AC7 8 SER A 2  ? SER A 2   . ? 1_566 ? 
41 AC7 8 THR A 6  ? THR A 6   . ? 1_566 ? 
42 AC7 8 MET A 21 ? MET A 21  . ? 1_666 ? 
43 AC7 8 LI  G .  ? LI  A 105 . ? 1_556 ? 
44 AC7 8 HOH L .  ? HOH A 213 . ? 1_566 ? 
45 AC7 8 HOH L .  ? HOH A 218 . ? 1_566 ? 
46 AC7 8 HOH M .  ? HOH B 206 . ? 1_555 ? 
47 AC7 8 HOH M .  ? HOH B 213 . ? 1_555 ? 
48 AC8 5 DSN B 2  ? DSN B 2   . ? 1_555 ? 
49 AC8 5 DCY B 3  ? DCY B 3   . ? 1_555 ? 
50 AC8 5 DCY B 35 ? DCY B 35  . ? 1_555 ? 
51 AC8 5 HOH M .  ? HOH B 226 . ? 1_555 ? 
52 AC8 5 HOH M .  ? HOH B 247 . ? 1_555 ? 
# 
_pdbx_entry_details.entry_id                   5I5B 
_pdbx_entry_details.compound_details           ? 
_pdbx_entry_details.source_details             ? 
_pdbx_entry_details.nonpolymer_details         ? 
_pdbx_entry_details.sequence_details           ? 
_pdbx_entry_details.has_ligand_of_interest     ? 
_pdbx_entry_details.has_protein_modification   Y 
# 
loop_
_pdbx_validate_close_contact.id 
_pdbx_validate_close_contact.PDB_model_num 
_pdbx_validate_close_contact.auth_atom_id_1 
_pdbx_validate_close_contact.auth_asym_id_1 
_pdbx_validate_close_contact.auth_comp_id_1 
_pdbx_validate_close_contact.auth_seq_id_1 
_pdbx_validate_close_contact.PDB_ins_code_1 
_pdbx_validate_close_contact.label_alt_id_1 
_pdbx_validate_close_contact.auth_atom_id_2 
_pdbx_validate_close_contact.auth_asym_id_2 
_pdbx_validate_close_contact.auth_comp_id_2 
_pdbx_validate_close_contact.auth_seq_id_2 
_pdbx_validate_close_contact.PDB_ins_code_2 
_pdbx_validate_close_contact.label_alt_id_2 
_pdbx_validate_close_contact.dist 
1 1 O3 A SO4 103 ? ? O A HOH 201 ? ? 1.67 
2 1 O  A HOH 205 ? ? O A HOH 220 ? ? 1.92 
# 
_pdbx_validate_symm_contact.id                1 
_pdbx_validate_symm_contact.PDB_model_num     1 
_pdbx_validate_symm_contact.auth_atom_id_1    O 
_pdbx_validate_symm_contact.auth_asym_id_1    A 
_pdbx_validate_symm_contact.auth_comp_id_1    HOH 
_pdbx_validate_symm_contact.auth_seq_id_1     227 
_pdbx_validate_symm_contact.PDB_ins_code_1    ? 
_pdbx_validate_symm_contact.label_alt_id_1    ? 
_pdbx_validate_symm_contact.site_symmetry_1   1_555 
_pdbx_validate_symm_contact.auth_atom_id_2    O 
_pdbx_validate_symm_contact.auth_asym_id_2    A 
_pdbx_validate_symm_contact.auth_comp_id_2    HOH 
_pdbx_validate_symm_contact.auth_seq_id_2     239 
_pdbx_validate_symm_contact.PDB_ins_code_2    ? 
_pdbx_validate_symm_contact.label_alt_id_2    ? 
_pdbx_validate_symm_contact.site_symmetry_2   1_455 
_pdbx_validate_symm_contact.dist              2.19 
# 
loop_
_pdbx_validate_rmsd_bond.id 
_pdbx_validate_rmsd_bond.PDB_model_num 
_pdbx_validate_rmsd_bond.auth_atom_id_1 
_pdbx_validate_rmsd_bond.auth_asym_id_1 
_pdbx_validate_rmsd_bond.auth_comp_id_1 
_pdbx_validate_rmsd_bond.auth_seq_id_1 
_pdbx_validate_rmsd_bond.PDB_ins_code_1 
_pdbx_validate_rmsd_bond.label_alt_id_1 
_pdbx_validate_rmsd_bond.auth_atom_id_2 
_pdbx_validate_rmsd_bond.auth_asym_id_2 
_pdbx_validate_rmsd_bond.auth_comp_id_2 
_pdbx_validate_rmsd_bond.auth_seq_id_2 
_pdbx_validate_rmsd_bond.PDB_ins_code_2 
_pdbx_validate_rmsd_bond.label_alt_id_2 
_pdbx_validate_rmsd_bond.bond_value 
_pdbx_validate_rmsd_bond.bond_target_value 
_pdbx_validate_rmsd_bond.bond_deviation 
_pdbx_validate_rmsd_bond.bond_standard_deviation 
_pdbx_validate_rmsd_bond.linker_flag 
1 1 CZ B DAR 1  ? ? NH1 B DAR 1  ? ? 1.434 1.326 0.108  0.013 N 
2 1 SD B MED 21 ? A CE  B MED 21 ? A 1.437 1.774 -0.337 0.056 N 
# 
loop_
_pdbx_validate_rmsd_angle.id 
_pdbx_validate_rmsd_angle.PDB_model_num 
_pdbx_validate_rmsd_angle.auth_atom_id_1 
_pdbx_validate_rmsd_angle.auth_asym_id_1 
_pdbx_validate_rmsd_angle.auth_comp_id_1 
_pdbx_validate_rmsd_angle.auth_seq_id_1 
_pdbx_validate_rmsd_angle.PDB_ins_code_1 
_pdbx_validate_rmsd_angle.label_alt_id_1 
_pdbx_validate_rmsd_angle.auth_atom_id_2 
_pdbx_validate_rmsd_angle.auth_asym_id_2 
_pdbx_validate_rmsd_angle.auth_comp_id_2 
_pdbx_validate_rmsd_angle.auth_seq_id_2 
_pdbx_validate_rmsd_angle.PDB_ins_code_2 
_pdbx_validate_rmsd_angle.label_alt_id_2 
_pdbx_validate_rmsd_angle.auth_atom_id_3 
_pdbx_validate_rmsd_angle.auth_asym_id_3 
_pdbx_validate_rmsd_angle.auth_comp_id_3 
_pdbx_validate_rmsd_angle.auth_seq_id_3 
_pdbx_validate_rmsd_angle.PDB_ins_code_3 
_pdbx_validate_rmsd_angle.label_alt_id_3 
_pdbx_validate_rmsd_angle.angle_value 
_pdbx_validate_rmsd_angle.angle_target_value 
_pdbx_validate_rmsd_angle.angle_deviation 
_pdbx_validate_rmsd_angle.angle_standard_deviation 
_pdbx_validate_rmsd_angle.linker_flag 
1 1 CB A ARG 1  ? ? CG A ARG 1  ? ? CD  A ARG 1  ? ? 127.24 111.60 15.64  2.60 N 
2 1 CD A LYS 18 ? A CE A LYS 18 ? A NZ  A LYS 18 ? A 96.69  111.70 -15.01 2.30 N 
3 1 CG A MET 21 ? ? SD A MET 21 ? ? CE  A MET 21 ? ? 90.48  100.20 -9.72  1.60 N 
4 1 NE A ARG 29 ? ? CZ A ARG 29 ? ? NH1 A ARG 29 ? ? 123.87 120.30 3.57   0.50 N 
5 1 CA B DAR 1  ? ? CB B DAR 1  ? ? CG  B DAR 1  ? ? 130.57 113.40 17.17  2.20 N 
6 1 NE B DAR 1  ? ? CZ B DAR 1  ? ? NH1 B DAR 1  ? ? 125.46 120.30 5.16   0.50 N 
7 1 NE B DAR 1  ? ? CZ B DAR 1  ? ? NH2 B DAR 1  ? ? 116.82 120.30 -3.48  0.50 N 
# 
loop_
_pdbx_validate_torsion.id 
_pdbx_validate_torsion.PDB_model_num 
_pdbx_validate_torsion.auth_comp_id 
_pdbx_validate_torsion.auth_asym_id 
_pdbx_validate_torsion.auth_seq_id 
_pdbx_validate_torsion.PDB_ins_code 
_pdbx_validate_torsion.label_alt_id 
_pdbx_validate_torsion.phi 
_pdbx_validate_torsion.psi 
1 1 HIS A 19 ? ? -142.17 -5.22  
2 1 HIS A 19 ? ? -132.99 -39.56 
# 
_pdbx_struct_mod_residue.id               1 
_pdbx_struct_mod_residue.label_asym_id    A 
_pdbx_struct_mod_residue.label_comp_id    ALO 
_pdbx_struct_mod_residue.label_seq_id     13 
_pdbx_struct_mod_residue.auth_asym_id     A 
_pdbx_struct_mod_residue.auth_comp_id     ALO 
_pdbx_struct_mod_residue.auth_seq_id      13 
_pdbx_struct_mod_residue.PDB_ins_code     ? 
_pdbx_struct_mod_residue.parent_comp_id   THR 
_pdbx_struct_mod_residue.details          'modified residue' 
# 
loop_
_pdbx_distant_solvent_atoms.id 
_pdbx_distant_solvent_atoms.PDB_model_num 
_pdbx_distant_solvent_atoms.auth_atom_id 
_pdbx_distant_solvent_atoms.label_alt_id 
_pdbx_distant_solvent_atoms.auth_asym_id 
_pdbx_distant_solvent_atoms.auth_comp_id 
_pdbx_distant_solvent_atoms.auth_seq_id 
_pdbx_distant_solvent_atoms.PDB_ins_code 
_pdbx_distant_solvent_atoms.neighbor_macromolecule_distance 
_pdbx_distant_solvent_atoms.neighbor_ligand_distance 
1 1 O ? B HOH 252 ? 6.08 . 
2 1 O ? B HOH 253 ? 6.17 . 
3 1 O ? B HOH 254 ? 6.52 . 
# 
loop_
_chem_comp_atom.comp_id 
_chem_comp_atom.atom_id 
_chem_comp_atom.type_symbol 
_chem_comp_atom.pdbx_aromatic_flag 
_chem_comp_atom.pdbx_stereo_config 
_chem_comp_atom.pdbx_ordinal 
ALA N    N  N N 1   
ALA CA   C  N S 2   
ALA C    C  N N 3   
ALA O    O  N N 4   
ALA CB   C  N N 5   
ALA OXT  O  N N 6   
ALA H    H  N N 7   
ALA H2   H  N N 8   
ALA HA   H  N N 9   
ALA HB1  H  N N 10  
ALA HB2  H  N N 11  
ALA HB3  H  N N 12  
ALA HXT  H  N N 13  
ALO N    N  N N 14  
ALO CA   C  N S 15  
ALO CB   C  N S 16  
ALO CG2  C  N N 17  
ALO OG1  O  N N 18  
ALO C    C  N N 19  
ALO O    O  N N 20  
ALO OXT  O  N N 21  
ALO H    H  N N 22  
ALO H2   H  N N 23  
ALO HA   H  N N 24  
ALO HB   H  N N 25  
ALO HG21 H  N N 26  
ALO HG22 H  N N 27  
ALO HG23 H  N N 28  
ALO HG1  H  N N 29  
ALO HXT  H  N N 30  
ARG N    N  N N 31  
ARG CA   C  N S 32  
ARG C    C  N N 33  
ARG O    O  N N 34  
ARG CB   C  N N 35  
ARG CG   C  N N 36  
ARG CD   C  N N 37  
ARG NE   N  N N 38  
ARG CZ   C  N N 39  
ARG NH1  N  N N 40  
ARG NH2  N  N N 41  
ARG OXT  O  N N 42  
ARG H    H  N N 43  
ARG H2   H  N N 44  
ARG HA   H  N N 45  
ARG HB2  H  N N 46  
ARG HB3  H  N N 47  
ARG HG2  H  N N 48  
ARG HG3  H  N N 49  
ARG HD2  H  N N 50  
ARG HD3  H  N N 51  
ARG HE   H  N N 52  
ARG HH11 H  N N 53  
ARG HH12 H  N N 54  
ARG HH21 H  N N 55  
ARG HH22 H  N N 56  
ARG HXT  H  N N 57  
ASP N    N  N N 58  
ASP CA   C  N S 59  
ASP C    C  N N 60  
ASP O    O  N N 61  
ASP CB   C  N N 62  
ASP CG   C  N N 63  
ASP OD1  O  N N 64  
ASP OD2  O  N N 65  
ASP OXT  O  N N 66  
ASP H    H  N N 67  
ASP H2   H  N N 68  
ASP HA   H  N N 69  
ASP HB2  H  N N 70  
ASP HB3  H  N N 71  
ASP HD2  H  N N 72  
ASP HXT  H  N N 73  
CYS N    N  N N 74  
CYS CA   C  N R 75  
CYS C    C  N N 76  
CYS O    O  N N 77  
CYS CB   C  N N 78  
CYS SG   S  N N 79  
CYS OXT  O  N N 80  
CYS H    H  N N 81  
CYS H2   H  N N 82  
CYS HA   H  N N 83  
CYS HB2  H  N N 84  
CYS HB3  H  N N 85  
CYS HG   H  N N 86  
CYS HXT  H  N N 87  
DAL N    N  N N 88  
DAL CA   C  N R 89  
DAL CB   C  N N 90  
DAL C    C  N N 91  
DAL O    O  N N 92  
DAL OXT  O  N N 93  
DAL H    H  N N 94  
DAL H2   H  N N 95  
DAL HA   H  N N 96  
DAL HB1  H  N N 97  
DAL HB2  H  N N 98  
DAL HB3  H  N N 99  
DAL HXT  H  N N 100 
DAR N    N  N N 101 
DAR CA   C  N R 102 
DAR CB   C  N N 103 
DAR CG   C  N N 104 
DAR CD   C  N N 105 
DAR NE   N  N N 106 
DAR CZ   C  N N 107 
DAR NH1  N  N N 108 
DAR NH2  N  N N 109 
DAR C    C  N N 110 
DAR O    O  N N 111 
DAR OXT  O  N N 112 
DAR H    H  N N 113 
DAR H2   H  N N 114 
DAR HA   H  N N 115 
DAR HB2  H  N N 116 
DAR HB3  H  N N 117 
DAR HG2  H  N N 118 
DAR HG3  H  N N 119 
DAR HD2  H  N N 120 
DAR HD3  H  N N 121 
DAR HE   H  N N 122 
DAR HH11 H  N N 123 
DAR HH12 H  N N 124 
DAR HH21 H  N N 125 
DAR HH22 H  N N 126 
DAR HXT  H  N N 127 
DAS N    N  N N 128 
DAS CA   C  N R 129 
DAS C    C  N N 130 
DAS O    O  N N 131 
DAS CB   C  N N 132 
DAS CG   C  N N 133 
DAS OD1  O  N N 134 
DAS OD2  O  N N 135 
DAS OXT  O  N N 136 
DAS H    H  N N 137 
DAS H2   H  N N 138 
DAS HA   H  N N 139 
DAS HB2  H  N N 140 
DAS HB3  H  N N 141 
DAS HD2  H  N N 142 
DAS HXT  H  N N 143 
DCY N    N  N N 144 
DCY CA   C  N S 145 
DCY C    C  N N 146 
DCY O    O  N N 147 
DCY CB   C  N N 148 
DCY SG   S  N N 149 
DCY OXT  O  N N 150 
DCY H    H  N N 151 
DCY H2   H  N N 152 
DCY HA   H  N N 153 
DCY HB2  H  N N 154 
DCY HB3  H  N N 155 
DCY HG   H  N N 156 
DCY HXT  H  N N 157 
DGN N    N  N N 158 
DGN CA   C  N R 159 
DGN C    C  N N 160 
DGN O    O  N N 161 
DGN OXT  O  N N 162 
DGN CB   C  N N 163 
DGN CG   C  N N 164 
DGN CD   C  N N 165 
DGN OE1  O  N N 166 
DGN NE2  N  N N 167 
DGN H    H  N N 168 
DGN H2   H  N N 169 
DGN HA   H  N N 170 
DGN HXT  H  N N 171 
DGN HB2  H  N N 172 
DGN HB3  H  N N 173 
DGN HG2  H  N N 174 
DGN HG3  H  N N 175 
DGN HE21 H  N N 176 
DGN HE22 H  N N 177 
DHI N    N  N N 178 
DHI CA   C  N R 179 
DHI C    C  N N 180 
DHI O    O  N N 181 
DHI CB   C  N N 182 
DHI CG   C  Y N 183 
DHI ND1  N  Y N 184 
DHI CD2  C  Y N 185 
DHI CE1  C  Y N 186 
DHI NE2  N  Y N 187 
DHI OXT  O  N N 188 
DHI H    H  N N 189 
DHI H2   H  N N 190 
DHI HA   H  N N 191 
DHI HB2  H  N N 192 
DHI HB3  H  N N 193 
DHI HD1  H  N N 194 
DHI HD2  H  N N 195 
DHI HE1  H  N N 196 
DHI HE2  H  N N 197 
DHI HXT  H  N N 198 
DIL N    N  N N 199 
DIL CA   C  N R 200 
DIL C    C  N N 201 
DIL O    O  N N 202 
DIL CB   C  N R 203 
DIL CG1  C  N N 204 
DIL CG2  C  N N 205 
DIL CD1  C  N N 206 
DIL OXT  O  N N 207 
DIL H    H  N N 208 
DIL H2   H  N N 209 
DIL HA   H  N N 210 
DIL HB   H  N N 211 
DIL HG12 H  N N 212 
DIL HG13 H  N N 213 
DIL HG21 H  N N 214 
DIL HG22 H  N N 215 
DIL HG23 H  N N 216 
DIL HD11 H  N N 217 
DIL HD12 H  N N 218 
DIL HD13 H  N N 219 
DIL HXT  H  N N 220 
DLE N    N  N N 221 
DLE CA   C  N R 222 
DLE CB   C  N N 223 
DLE CG   C  N N 224 
DLE CD1  C  N N 225 
DLE CD2  C  N N 226 
DLE C    C  N N 227 
DLE O    O  N N 228 
DLE OXT  O  N N 229 
DLE H    H  N N 230 
DLE H2   H  N N 231 
DLE HA   H  N N 232 
DLE HB2  H  N N 233 
DLE HB3  H  N N 234 
DLE HG   H  N N 235 
DLE HD11 H  N N 236 
DLE HD12 H  N N 237 
DLE HD13 H  N N 238 
DLE HD21 H  N N 239 
DLE HD22 H  N N 240 
DLE HD23 H  N N 241 
DLE HXT  H  N N 242 
DLY N    N  N N 243 
DLY CA   C  N R 244 
DLY C    C  N N 245 
DLY O    O  N N 246 
DLY CB   C  N N 247 
DLY CG   C  N N 248 
DLY CD   C  N N 249 
DLY CE   C  N N 250 
DLY NZ   N  N N 251 
DLY OXT  O  N N 252 
DLY H    H  N N 253 
DLY H2   H  N N 254 
DLY HA   H  N N 255 
DLY HB2  H  N N 256 
DLY HB3  H  N N 257 
DLY HG2  H  N N 258 
DLY HG3  H  N N 259 
DLY HD2  H  N N 260 
DLY HD3  H  N N 261 
DLY HE2  H  N N 262 
DLY HE3  H  N N 263 
DLY HZ1  H  N N 264 
DLY HZ2  H  N N 265 
DLY HXT  H  N N 266 
DPN N    N  N N 267 
DPN CA   C  N R 268 
DPN C    C  N N 269 
DPN O    O  N N 270 
DPN OXT  O  N N 271 
DPN CB   C  N N 272 
DPN CG   C  Y N 273 
DPN CD1  C  Y N 274 
DPN CD2  C  Y N 275 
DPN CE1  C  Y N 276 
DPN CE2  C  Y N 277 
DPN CZ   C  Y N 278 
DPN H    H  N N 279 
DPN H2   H  N N 280 
DPN HA   H  N N 281 
DPN HXT  H  N N 282 
DPN HB2  H  N N 283 
DPN HB3  H  N N 284 
DPN HD1  H  N N 285 
DPN HD2  H  N N 286 
DPN HE1  H  N N 287 
DPN HE2  H  N N 288 
DPN HZ   H  N N 289 
DPR N    N  N N 290 
DPR CA   C  N R 291 
DPR CB   C  N N 292 
DPR CG   C  N N 293 
DPR CD   C  N N 294 
DPR C    C  N N 295 
DPR O    O  N N 296 
DPR OXT  O  N N 297 
DPR H    H  N N 298 
DPR HA   H  N N 299 
DPR HB2  H  N N 300 
DPR HB3  H  N N 301 
DPR HG2  H  N N 302 
DPR HG3  H  N N 303 
DPR HD2  H  N N 304 
DPR HD3  H  N N 305 
DPR HXT  H  N N 306 
DSN N    N  N N 307 
DSN CA   C  N R 308 
DSN C    C  N N 309 
DSN O    O  N N 310 
DSN OXT  O  N N 311 
DSN CB   C  N N 312 
DSN OG   O  N N 313 
DSN H    H  N N 314 
DSN H2   H  N N 315 
DSN HA   H  N N 316 
DSN HXT  H  N N 317 
DSN HB2  H  N N 318 
DSN HB3  H  N N 319 
DSN HG   H  N N 320 
DTH N    N  N N 321 
DTH CA   C  N R 322 
DTH CB   C  N S 323 
DTH CG2  C  N N 324 
DTH OG1  O  N N 325 
DTH C    C  N N 326 
DTH O    O  N N 327 
DTH OXT  O  N N 328 
DTH H    H  N N 329 
DTH H2   H  N N 330 
DTH HA   H  N N 331 
DTH HB   H  N N 332 
DTH HG21 H  N N 333 
DTH HG22 H  N N 334 
DTH HG23 H  N N 335 
DTH HG1  H  N N 336 
DTH HXT  H  N N 337 
DTY N    N  N N 338 
DTY CA   C  N R 339 
DTY C    C  N N 340 
DTY O    O  N N 341 
DTY CB   C  N N 342 
DTY CG   C  Y N 343 
DTY CD1  C  Y N 344 
DTY CD2  C  Y N 345 
DTY CE1  C  Y N 346 
DTY CE2  C  Y N 347 
DTY CZ   C  Y N 348 
DTY OH   O  N N 349 
DTY OXT  O  N N 350 
DTY H    H  N N 351 
DTY H2   H  N N 352 
DTY HA   H  N N 353 
DTY HB2  H  N N 354 
DTY HB3  H  N N 355 
DTY HD1  H  N N 356 
DTY HD2  H  N N 357 
DTY HE1  H  N N 358 
DTY HE2  H  N N 359 
DTY HH   H  N N 360 
DTY HXT  H  N N 361 
GLN N    N  N N 362 
GLN CA   C  N S 363 
GLN C    C  N N 364 
GLN O    O  N N 365 
GLN CB   C  N N 366 
GLN CG   C  N N 367 
GLN CD   C  N N 368 
GLN OE1  O  N N 369 
GLN NE2  N  N N 370 
GLN OXT  O  N N 371 
GLN H    H  N N 372 
GLN H2   H  N N 373 
GLN HA   H  N N 374 
GLN HB2  H  N N 375 
GLN HB3  H  N N 376 
GLN HG2  H  N N 377 
GLN HG3  H  N N 378 
GLN HE21 H  N N 379 
GLN HE22 H  N N 380 
GLN HXT  H  N N 381 
GLY N    N  N N 382 
GLY CA   C  N N 383 
GLY C    C  N N 384 
GLY O    O  N N 385 
GLY OXT  O  N N 386 
GLY H    H  N N 387 
GLY H2   H  N N 388 
GLY HA2  H  N N 389 
GLY HA3  H  N N 390 
GLY HXT  H  N N 391 
GOL C1   C  N N 392 
GOL O1   O  N N 393 
GOL C2   C  N N 394 
GOL O2   O  N N 395 
GOL C3   C  N N 396 
GOL O3   O  N N 397 
GOL H11  H  N N 398 
GOL H12  H  N N 399 
GOL HO1  H  N N 400 
GOL H2   H  N N 401 
GOL HO2  H  N N 402 
GOL H31  H  N N 403 
GOL H32  H  N N 404 
GOL HO3  H  N N 405 
HIS N    N  N N 406 
HIS CA   C  N S 407 
HIS C    C  N N 408 
HIS O    O  N N 409 
HIS CB   C  N N 410 
HIS CG   C  Y N 411 
HIS ND1  N  Y N 412 
HIS CD2  C  Y N 413 
HIS CE1  C  Y N 414 
HIS NE2  N  Y N 415 
HIS OXT  O  N N 416 
HIS H    H  N N 417 
HIS H2   H  N N 418 
HIS HA   H  N N 419 
HIS HB2  H  N N 420 
HIS HB3  H  N N 421 
HIS HD1  H  N N 422 
HIS HD2  H  N N 423 
HIS HE1  H  N N 424 
HIS HE2  H  N N 425 
HIS HXT  H  N N 426 
HOH O    O  N N 427 
HOH H1   H  N N 428 
HOH H2   H  N N 429 
ILE N    N  N N 430 
ILE CA   C  N S 431 
ILE C    C  N N 432 
ILE O    O  N N 433 
ILE CB   C  N S 434 
ILE CG1  C  N N 435 
ILE CG2  C  N N 436 
ILE CD1  C  N N 437 
ILE OXT  O  N N 438 
ILE H    H  N N 439 
ILE H2   H  N N 440 
ILE HA   H  N N 441 
ILE HB   H  N N 442 
ILE HG12 H  N N 443 
ILE HG13 H  N N 444 
ILE HG21 H  N N 445 
ILE HG22 H  N N 446 
ILE HG23 H  N N 447 
ILE HD11 H  N N 448 
ILE HD12 H  N N 449 
ILE HD13 H  N N 450 
ILE HXT  H  N N 451 
LEU N    N  N N 452 
LEU CA   C  N S 453 
LEU C    C  N N 454 
LEU O    O  N N 455 
LEU CB   C  N N 456 
LEU CG   C  N N 457 
LEU CD1  C  N N 458 
LEU CD2  C  N N 459 
LEU OXT  O  N N 460 
LEU H    H  N N 461 
LEU H2   H  N N 462 
LEU HA   H  N N 463 
LEU HB2  H  N N 464 
LEU HB3  H  N N 465 
LEU HG   H  N N 466 
LEU HD11 H  N N 467 
LEU HD12 H  N N 468 
LEU HD13 H  N N 469 
LEU HD21 H  N N 470 
LEU HD22 H  N N 471 
LEU HD23 H  N N 472 
LEU HXT  H  N N 473 
LI  LI   LI N N 474 
LYS N    N  N N 475 
LYS CA   C  N S 476 
LYS C    C  N N 477 
LYS O    O  N N 478 
LYS CB   C  N N 479 
LYS CG   C  N N 480 
LYS CD   C  N N 481 
LYS CE   C  N N 482 
LYS NZ   N  N N 483 
LYS OXT  O  N N 484 
LYS H    H  N N 485 
LYS H2   H  N N 486 
LYS HA   H  N N 487 
LYS HB2  H  N N 488 
LYS HB3  H  N N 489 
LYS HG2  H  N N 490 
LYS HG3  H  N N 491 
LYS HD2  H  N N 492 
LYS HD3  H  N N 493 
LYS HE2  H  N N 494 
LYS HE3  H  N N 495 
LYS HZ1  H  N N 496 
LYS HZ2  H  N N 497 
LYS HZ3  H  N N 498 
LYS HXT  H  N N 499 
MED N    N  N N 500 
MED CA   C  N R 501 
MED C    C  N N 502 
MED O    O  N N 503 
MED CB   C  N N 504 
MED CG   C  N N 505 
MED SD   S  N N 506 
MED CE   C  N N 507 
MED OXT  O  N N 508 
MED H    H  N N 509 
MED H2   H  N N 510 
MED HA   H  N N 511 
MED HB2  H  N N 512 
MED HB3  H  N N 513 
MED HG2  H  N N 514 
MED HG3  H  N N 515 
MED HE1  H  N N 516 
MED HE2  H  N N 517 
MED HE3  H  N N 518 
MED HXT  H  N N 519 
MET N    N  N N 520 
MET CA   C  N S 521 
MET C    C  N N 522 
MET O    O  N N 523 
MET CB   C  N N 524 
MET CG   C  N N 525 
MET SD   S  N N 526 
MET CE   C  N N 527 
MET OXT  O  N N 528 
MET H    H  N N 529 
MET H2   H  N N 530 
MET HA   H  N N 531 
MET HB2  H  N N 532 
MET HB3  H  N N 533 
MET HG2  H  N N 534 
MET HG3  H  N N 535 
MET HE1  H  N N 536 
MET HE2  H  N N 537 
MET HE3  H  N N 538 
MET HXT  H  N N 539 
PHE N    N  N N 540 
PHE CA   C  N S 541 
PHE C    C  N N 542 
PHE O    O  N N 543 
PHE CB   C  N N 544 
PHE CG   C  Y N 545 
PHE CD1  C  Y N 546 
PHE CD2  C  Y N 547 
PHE CE1  C  Y N 548 
PHE CE2  C  Y N 549 
PHE CZ   C  Y N 550 
PHE OXT  O  N N 551 
PHE H    H  N N 552 
PHE H2   H  N N 553 
PHE HA   H  N N 554 
PHE HB2  H  N N 555 
PHE HB3  H  N N 556 
PHE HD1  H  N N 557 
PHE HD2  H  N N 558 
PHE HE1  H  N N 559 
PHE HE2  H  N N 560 
PHE HZ   H  N N 561 
PHE HXT  H  N N 562 
PRO N    N  N N 563 
PRO CA   C  N S 564 
PRO C    C  N N 565 
PRO O    O  N N 566 
PRO CB   C  N N 567 
PRO CG   C  N N 568 
PRO CD   C  N N 569 
PRO OXT  O  N N 570 
PRO H    H  N N 571 
PRO HA   H  N N 572 
PRO HB2  H  N N 573 
PRO HB3  H  N N 574 
PRO HG2  H  N N 575 
PRO HG3  H  N N 576 
PRO HD2  H  N N 577 
PRO HD3  H  N N 578 
PRO HXT  H  N N 579 
SER N    N  N N 580 
SER CA   C  N S 581 
SER C    C  N N 582 
SER O    O  N N 583 
SER CB   C  N N 584 
SER OG   O  N N 585 
SER OXT  O  N N 586 
SER H    H  N N 587 
SER H2   H  N N 588 
SER HA   H  N N 589 
SER HB2  H  N N 590 
SER HB3  H  N N 591 
SER HG   H  N N 592 
SER HXT  H  N N 593 
SO4 S    S  N N 594 
SO4 O1   O  N N 595 
SO4 O2   O  N N 596 
SO4 O3   O  N N 597 
SO4 O4   O  N N 598 
THR N    N  N N 599 
THR CA   C  N S 600 
THR C    C  N N 601 
THR O    O  N N 602 
THR CB   C  N R 603 
THR OG1  O  N N 604 
THR CG2  C  N N 605 
THR OXT  O  N N 606 
THR H    H  N N 607 
THR H2   H  N N 608 
THR HA   H  N N 609 
THR HB   H  N N 610 
THR HG1  H  N N 611 
THR HG21 H  N N 612 
THR HG22 H  N N 613 
THR HG23 H  N N 614 
THR HXT  H  N N 615 
TYR N    N  N N 616 
TYR CA   C  N S 617 
TYR C    C  N N 618 
TYR O    O  N N 619 
TYR CB   C  N N 620 
TYR CG   C  Y N 621 
TYR CD1  C  Y N 622 
TYR CD2  C  Y N 623 
TYR CE1  C  Y N 624 
TYR CE2  C  Y N 625 
TYR CZ   C  Y N 626 
TYR OH   O  N N 627 
TYR OXT  O  N N 628 
TYR H    H  N N 629 
TYR H2   H  N N 630 
TYR HA   H  N N 631 
TYR HB2  H  N N 632 
TYR HB3  H  N N 633 
TYR HD1  H  N N 634 
TYR HD2  H  N N 635 
TYR HE1  H  N N 636 
TYR HE2  H  N N 637 
TYR HH   H  N N 638 
TYR HXT  H  N N 639 
# 
loop_
_chem_comp_bond.comp_id 
_chem_comp_bond.atom_id_1 
_chem_comp_bond.atom_id_2 
_chem_comp_bond.value_order 
_chem_comp_bond.pdbx_aromatic_flag 
_chem_comp_bond.pdbx_stereo_config 
_chem_comp_bond.pdbx_ordinal 
ALA N   CA   sing N N 1   
ALA N   H    sing N N 2   
ALA N   H2   sing N N 3   
ALA CA  C    sing N N 4   
ALA CA  CB   sing N N 5   
ALA CA  HA   sing N N 6   
ALA C   O    doub N N 7   
ALA C   OXT  sing N N 8   
ALA CB  HB1  sing N N 9   
ALA CB  HB2  sing N N 10  
ALA CB  HB3  sing N N 11  
ALA OXT HXT  sing N N 12  
ALO N   CA   sing N N 13  
ALO N   H    sing N N 14  
ALO N   H2   sing N N 15  
ALO CA  CB   sing N N 16  
ALO CA  C    sing N N 17  
ALO CA  HA   sing N N 18  
ALO CB  CG2  sing N N 19  
ALO CB  OG1  sing N N 20  
ALO CB  HB   sing N N 21  
ALO CG2 HG21 sing N N 22  
ALO CG2 HG22 sing N N 23  
ALO CG2 HG23 sing N N 24  
ALO OG1 HG1  sing N N 25  
ALO C   O    doub N N 26  
ALO C   OXT  sing N N 27  
ALO OXT HXT  sing N N 28  
ARG N   CA   sing N N 29  
ARG N   H    sing N N 30  
ARG N   H2   sing N N 31  
ARG CA  C    sing N N 32  
ARG CA  CB   sing N N 33  
ARG CA  HA   sing N N 34  
ARG C   O    doub N N 35  
ARG C   OXT  sing N N 36  
ARG CB  CG   sing N N 37  
ARG CB  HB2  sing N N 38  
ARG CB  HB3  sing N N 39  
ARG CG  CD   sing N N 40  
ARG CG  HG2  sing N N 41  
ARG CG  HG3  sing N N 42  
ARG CD  NE   sing N N 43  
ARG CD  HD2  sing N N 44  
ARG CD  HD3  sing N N 45  
ARG NE  CZ   sing N N 46  
ARG NE  HE   sing N N 47  
ARG CZ  NH1  sing N N 48  
ARG CZ  NH2  doub N N 49  
ARG NH1 HH11 sing N N 50  
ARG NH1 HH12 sing N N 51  
ARG NH2 HH21 sing N N 52  
ARG NH2 HH22 sing N N 53  
ARG OXT HXT  sing N N 54  
ASP N   CA   sing N N 55  
ASP N   H    sing N N 56  
ASP N   H2   sing N N 57  
ASP CA  C    sing N N 58  
ASP CA  CB   sing N N 59  
ASP CA  HA   sing N N 60  
ASP C   O    doub N N 61  
ASP C   OXT  sing N N 62  
ASP CB  CG   sing N N 63  
ASP CB  HB2  sing N N 64  
ASP CB  HB3  sing N N 65  
ASP CG  OD1  doub N N 66  
ASP CG  OD2  sing N N 67  
ASP OD2 HD2  sing N N 68  
ASP OXT HXT  sing N N 69  
CYS N   CA   sing N N 70  
CYS N   H    sing N N 71  
CYS N   H2   sing N N 72  
CYS CA  C    sing N N 73  
CYS CA  CB   sing N N 74  
CYS CA  HA   sing N N 75  
CYS C   O    doub N N 76  
CYS C   OXT  sing N N 77  
CYS CB  SG   sing N N 78  
CYS CB  HB2  sing N N 79  
CYS CB  HB3  sing N N 80  
CYS SG  HG   sing N N 81  
CYS OXT HXT  sing N N 82  
DAL N   CA   sing N N 83  
DAL N   H    sing N N 84  
DAL N   H2   sing N N 85  
DAL CA  CB   sing N N 86  
DAL CA  C    sing N N 87  
DAL CA  HA   sing N N 88  
DAL CB  HB1  sing N N 89  
DAL CB  HB2  sing N N 90  
DAL CB  HB3  sing N N 91  
DAL C   O    doub N N 92  
DAL C   OXT  sing N N 93  
DAL OXT HXT  sing N N 94  
DAR N   CA   sing N N 95  
DAR N   H    sing N N 96  
DAR N   H2   sing N N 97  
DAR CA  CB   sing N N 98  
DAR CA  C    sing N N 99  
DAR CA  HA   sing N N 100 
DAR CB  CG   sing N N 101 
DAR CB  HB2  sing N N 102 
DAR CB  HB3  sing N N 103 
DAR CG  CD   sing N N 104 
DAR CG  HG2  sing N N 105 
DAR CG  HG3  sing N N 106 
DAR CD  NE   sing N N 107 
DAR CD  HD2  sing N N 108 
DAR CD  HD3  sing N N 109 
DAR NE  CZ   sing N N 110 
DAR NE  HE   sing N N 111 
DAR CZ  NH1  sing N N 112 
DAR CZ  NH2  doub N N 113 
DAR NH1 HH11 sing N N 114 
DAR NH1 HH12 sing N N 115 
DAR NH2 HH21 sing N N 116 
DAR NH2 HH22 sing N N 117 
DAR C   O    doub N N 118 
DAR C   OXT  sing N N 119 
DAR OXT HXT  sing N N 120 
DAS N   CA   sing N N 121 
DAS N   H    sing N N 122 
DAS N   H2   sing N N 123 
DAS CA  C    sing N N 124 
DAS CA  CB   sing N N 125 
DAS CA  HA   sing N N 126 
DAS C   O    doub N N 127 
DAS C   OXT  sing N N 128 
DAS CB  CG   sing N N 129 
DAS CB  HB2  sing N N 130 
DAS CB  HB3  sing N N 131 
DAS CG  OD1  doub N N 132 
DAS CG  OD2  sing N N 133 
DAS OD2 HD2  sing N N 134 
DAS OXT HXT  sing N N 135 
DCY N   CA   sing N N 136 
DCY N   H    sing N N 137 
DCY N   H2   sing N N 138 
DCY CA  C    sing N N 139 
DCY CA  CB   sing N N 140 
DCY CA  HA   sing N N 141 
DCY C   O    doub N N 142 
DCY C   OXT  sing N N 143 
DCY CB  SG   sing N N 144 
DCY CB  HB2  sing N N 145 
DCY CB  HB3  sing N N 146 
DCY SG  HG   sing N N 147 
DCY OXT HXT  sing N N 148 
DGN N   CA   sing N N 149 
DGN N   H    sing N N 150 
DGN N   H2   sing N N 151 
DGN CA  C    sing N N 152 
DGN CA  CB   sing N N 153 
DGN CA  HA   sing N N 154 
DGN C   O    doub N N 155 
DGN C   OXT  sing N N 156 
DGN OXT HXT  sing N N 157 
DGN CB  CG   sing N N 158 
DGN CB  HB2  sing N N 159 
DGN CB  HB3  sing N N 160 
DGN CG  CD   sing N N 161 
DGN CG  HG2  sing N N 162 
DGN CG  HG3  sing N N 163 
DGN CD  OE1  doub N N 164 
DGN CD  NE2  sing N N 165 
DGN NE2 HE21 sing N N 166 
DGN NE2 HE22 sing N N 167 
DHI N   CA   sing N N 168 
DHI N   H    sing N N 169 
DHI N   H2   sing N N 170 
DHI CA  C    sing N N 171 
DHI CA  CB   sing N N 172 
DHI CA  HA   sing N N 173 
DHI C   O    doub N N 174 
DHI C   OXT  sing N N 175 
DHI CB  CG   sing N N 176 
DHI CB  HB2  sing N N 177 
DHI CB  HB3  sing N N 178 
DHI CG  ND1  sing Y N 179 
DHI CG  CD2  doub Y N 180 
DHI ND1 CE1  doub Y N 181 
DHI ND1 HD1  sing N N 182 
DHI CD2 NE2  sing Y N 183 
DHI CD2 HD2  sing N N 184 
DHI CE1 NE2  sing Y N 185 
DHI CE1 HE1  sing N N 186 
DHI NE2 HE2  sing N N 187 
DHI OXT HXT  sing N N 188 
DIL N   CA   sing N N 189 
DIL N   H    sing N N 190 
DIL N   H2   sing N N 191 
DIL CA  C    sing N N 192 
DIL CA  CB   sing N N 193 
DIL CA  HA   sing N N 194 
DIL C   O    doub N N 195 
DIL C   OXT  sing N N 196 
DIL CB  CG1  sing N N 197 
DIL CB  CG2  sing N N 198 
DIL CB  HB   sing N N 199 
DIL CG1 CD1  sing N N 200 
DIL CG1 HG12 sing N N 201 
DIL CG1 HG13 sing N N 202 
DIL CG2 HG21 sing N N 203 
DIL CG2 HG22 sing N N 204 
DIL CG2 HG23 sing N N 205 
DIL CD1 HD11 sing N N 206 
DIL CD1 HD12 sing N N 207 
DIL CD1 HD13 sing N N 208 
DIL OXT HXT  sing N N 209 
DLE N   CA   sing N N 210 
DLE N   H    sing N N 211 
DLE N   H2   sing N N 212 
DLE CA  CB   sing N N 213 
DLE CA  C    sing N N 214 
DLE CA  HA   sing N N 215 
DLE CB  CG   sing N N 216 
DLE CB  HB2  sing N N 217 
DLE CB  HB3  sing N N 218 
DLE CG  CD1  sing N N 219 
DLE CG  CD2  sing N N 220 
DLE CG  HG   sing N N 221 
DLE CD1 HD11 sing N N 222 
DLE CD1 HD12 sing N N 223 
DLE CD1 HD13 sing N N 224 
DLE CD2 HD21 sing N N 225 
DLE CD2 HD22 sing N N 226 
DLE CD2 HD23 sing N N 227 
DLE C   O    doub N N 228 
DLE C   OXT  sing N N 229 
DLE OXT HXT  sing N N 230 
DLY N   CA   sing N N 231 
DLY N   H    sing N N 232 
DLY N   H2   sing N N 233 
DLY CA  C    sing N N 234 
DLY CA  CB   sing N N 235 
DLY CA  HA   sing N N 236 
DLY C   O    doub N N 237 
DLY C   OXT  sing N N 238 
DLY CB  CG   sing N N 239 
DLY CB  HB2  sing N N 240 
DLY CB  HB3  sing N N 241 
DLY CG  CD   sing N N 242 
DLY CG  HG2  sing N N 243 
DLY CG  HG3  sing N N 244 
DLY CD  CE   sing N N 245 
DLY CD  HD2  sing N N 246 
DLY CD  HD3  sing N N 247 
DLY CE  NZ   sing N N 248 
DLY CE  HE2  sing N N 249 
DLY CE  HE3  sing N N 250 
DLY NZ  HZ1  sing N N 251 
DLY NZ  HZ2  sing N N 252 
DLY OXT HXT  sing N N 253 
DPN N   CA   sing N N 254 
DPN N   H    sing N N 255 
DPN N   H2   sing N N 256 
DPN CA  C    sing N N 257 
DPN CA  CB   sing N N 258 
DPN CA  HA   sing N N 259 
DPN C   O    doub N N 260 
DPN C   OXT  sing N N 261 
DPN OXT HXT  sing N N 262 
DPN CB  CG   sing N N 263 
DPN CB  HB2  sing N N 264 
DPN CB  HB3  sing N N 265 
DPN CG  CD1  doub Y N 266 
DPN CG  CD2  sing Y N 267 
DPN CD1 CE1  sing Y N 268 
DPN CD1 HD1  sing N N 269 
DPN CD2 CE2  doub Y N 270 
DPN CD2 HD2  sing N N 271 
DPN CE1 CZ   doub Y N 272 
DPN CE1 HE1  sing N N 273 
DPN CE2 CZ   sing Y N 274 
DPN CE2 HE2  sing N N 275 
DPN CZ  HZ   sing N N 276 
DPR N   CA   sing N N 277 
DPR N   CD   sing N N 278 
DPR N   H    sing N N 279 
DPR CA  CB   sing N N 280 
DPR CA  C    sing N N 281 
DPR CA  HA   sing N N 282 
DPR CB  CG   sing N N 283 
DPR CB  HB2  sing N N 284 
DPR CB  HB3  sing N N 285 
DPR CG  CD   sing N N 286 
DPR CG  HG2  sing N N 287 
DPR CG  HG3  sing N N 288 
DPR CD  HD2  sing N N 289 
DPR CD  HD3  sing N N 290 
DPR C   O    doub N N 291 
DPR C   OXT  sing N N 292 
DPR OXT HXT  sing N N 293 
DSN N   CA   sing N N 294 
DSN N   H    sing N N 295 
DSN N   H2   sing N N 296 
DSN CA  C    sing N N 297 
DSN CA  CB   sing N N 298 
DSN CA  HA   sing N N 299 
DSN C   O    doub N N 300 
DSN C   OXT  sing N N 301 
DSN OXT HXT  sing N N 302 
DSN CB  OG   sing N N 303 
DSN CB  HB2  sing N N 304 
DSN CB  HB3  sing N N 305 
DSN OG  HG   sing N N 306 
DTH N   CA   sing N N 307 
DTH N   H    sing N N 308 
DTH N   H2   sing N N 309 
DTH CA  CB   sing N N 310 
DTH CA  C    sing N N 311 
DTH CA  HA   sing N N 312 
DTH CB  CG2  sing N N 313 
DTH CB  OG1  sing N N 314 
DTH CB  HB   sing N N 315 
DTH CG2 HG21 sing N N 316 
DTH CG2 HG22 sing N N 317 
DTH CG2 HG23 sing N N 318 
DTH OG1 HG1  sing N N 319 
DTH C   O    doub N N 320 
DTH C   OXT  sing N N 321 
DTH OXT HXT  sing N N 322 
DTY N   CA   sing N N 323 
DTY N   H    sing N N 324 
DTY N   H2   sing N N 325 
DTY CA  C    sing N N 326 
DTY CA  CB   sing N N 327 
DTY CA  HA   sing N N 328 
DTY C   O    doub N N 329 
DTY C   OXT  sing N N 330 
DTY CB  CG   sing N N 331 
DTY CB  HB2  sing N N 332 
DTY CB  HB3  sing N N 333 
DTY CG  CD1  doub Y N 334 
DTY CG  CD2  sing Y N 335 
DTY CD1 CE1  sing Y N 336 
DTY CD1 HD1  sing N N 337 
DTY CD2 CE2  doub Y N 338 
DTY CD2 HD2  sing N N 339 
DTY CE1 CZ   doub Y N 340 
DTY CE1 HE1  sing N N 341 
DTY CE2 CZ   sing Y N 342 
DTY CE2 HE2  sing N N 343 
DTY CZ  OH   sing N N 344 
DTY OH  HH   sing N N 345 
DTY OXT HXT  sing N N 346 
GLN N   CA   sing N N 347 
GLN N   H    sing N N 348 
GLN N   H2   sing N N 349 
GLN CA  C    sing N N 350 
GLN CA  CB   sing N N 351 
GLN CA  HA   sing N N 352 
GLN C   O    doub N N 353 
GLN C   OXT  sing N N 354 
GLN CB  CG   sing N N 355 
GLN CB  HB2  sing N N 356 
GLN CB  HB3  sing N N 357 
GLN CG  CD   sing N N 358 
GLN CG  HG2  sing N N 359 
GLN CG  HG3  sing N N 360 
GLN CD  OE1  doub N N 361 
GLN CD  NE2  sing N N 362 
GLN NE2 HE21 sing N N 363 
GLN NE2 HE22 sing N N 364 
GLN OXT HXT  sing N N 365 
GLY N   CA   sing N N 366 
GLY N   H    sing N N 367 
GLY N   H2   sing N N 368 
GLY CA  C    sing N N 369 
GLY CA  HA2  sing N N 370 
GLY CA  HA3  sing N N 371 
GLY C   O    doub N N 372 
GLY C   OXT  sing N N 373 
GLY OXT HXT  sing N N 374 
GOL C1  O1   sing N N 375 
GOL C1  C2   sing N N 376 
GOL C1  H11  sing N N 377 
GOL C1  H12  sing N N 378 
GOL O1  HO1  sing N N 379 
GOL C2  O2   sing N N 380 
GOL C2  C3   sing N N 381 
GOL C2  H2   sing N N 382 
GOL O2  HO2  sing N N 383 
GOL C3  O3   sing N N 384 
GOL C3  H31  sing N N 385 
GOL C3  H32  sing N N 386 
GOL O3  HO3  sing N N 387 
HIS N   CA   sing N N 388 
HIS N   H    sing N N 389 
HIS N   H2   sing N N 390 
HIS CA  C    sing N N 391 
HIS CA  CB   sing N N 392 
HIS CA  HA   sing N N 393 
HIS C   O    doub N N 394 
HIS C   OXT  sing N N 395 
HIS CB  CG   sing N N 396 
HIS CB  HB2  sing N N 397 
HIS CB  HB3  sing N N 398 
HIS CG  ND1  sing Y N 399 
HIS CG  CD2  doub Y N 400 
HIS ND1 CE1  doub Y N 401 
HIS ND1 HD1  sing N N 402 
HIS CD2 NE2  sing Y N 403 
HIS CD2 HD2  sing N N 404 
HIS CE1 NE2  sing Y N 405 
HIS CE1 HE1  sing N N 406 
HIS NE2 HE2  sing N N 407 
HIS OXT HXT  sing N N 408 
HOH O   H1   sing N N 409 
HOH O   H2   sing N N 410 
ILE N   CA   sing N N 411 
ILE N   H    sing N N 412 
ILE N   H2   sing N N 413 
ILE CA  C    sing N N 414 
ILE CA  CB   sing N N 415 
ILE CA  HA   sing N N 416 
ILE C   O    doub N N 417 
ILE C   OXT  sing N N 418 
ILE CB  CG1  sing N N 419 
ILE CB  CG2  sing N N 420 
ILE CB  HB   sing N N 421 
ILE CG1 CD1  sing N N 422 
ILE CG1 HG12 sing N N 423 
ILE CG1 HG13 sing N N 424 
ILE CG2 HG21 sing N N 425 
ILE CG2 HG22 sing N N 426 
ILE CG2 HG23 sing N N 427 
ILE CD1 HD11 sing N N 428 
ILE CD1 HD12 sing N N 429 
ILE CD1 HD13 sing N N 430 
ILE OXT HXT  sing N N 431 
LEU N   CA   sing N N 432 
LEU N   H    sing N N 433 
LEU N   H2   sing N N 434 
LEU CA  C    sing N N 435 
LEU CA  CB   sing N N 436 
LEU CA  HA   sing N N 437 
LEU C   O    doub N N 438 
LEU C   OXT  sing N N 439 
LEU CB  CG   sing N N 440 
LEU CB  HB2  sing N N 441 
LEU CB  HB3  sing N N 442 
LEU CG  CD1  sing N N 443 
LEU CG  CD2  sing N N 444 
LEU CG  HG   sing N N 445 
LEU CD1 HD11 sing N N 446 
LEU CD1 HD12 sing N N 447 
LEU CD1 HD13 sing N N 448 
LEU CD2 HD21 sing N N 449 
LEU CD2 HD22 sing N N 450 
LEU CD2 HD23 sing N N 451 
LEU OXT HXT  sing N N 452 
LYS N   CA   sing N N 453 
LYS N   H    sing N N 454 
LYS N   H2   sing N N 455 
LYS CA  C    sing N N 456 
LYS CA  CB   sing N N 457 
LYS CA  HA   sing N N 458 
LYS C   O    doub N N 459 
LYS C   OXT  sing N N 460 
LYS CB  CG   sing N N 461 
LYS CB  HB2  sing N N 462 
LYS CB  HB3  sing N N 463 
LYS CG  CD   sing N N 464 
LYS CG  HG2  sing N N 465 
LYS CG  HG3  sing N N 466 
LYS CD  CE   sing N N 467 
LYS CD  HD2  sing N N 468 
LYS CD  HD3  sing N N 469 
LYS CE  NZ   sing N N 470 
LYS CE  HE2  sing N N 471 
LYS CE  HE3  sing N N 472 
LYS NZ  HZ1  sing N N 473 
LYS NZ  HZ2  sing N N 474 
LYS NZ  HZ3  sing N N 475 
LYS OXT HXT  sing N N 476 
MED N   CA   sing N N 477 
MED N   H    sing N N 478 
MED N   H2   sing N N 479 
MED CA  C    sing N N 480 
MED CA  CB   sing N N 481 
MED CA  HA   sing N N 482 
MED C   O    doub N N 483 
MED C   OXT  sing N N 484 
MED CB  CG   sing N N 485 
MED CB  HB2  sing N N 486 
MED CB  HB3  sing N N 487 
MED CG  SD   sing N N 488 
MED CG  HG2  sing N N 489 
MED CG  HG3  sing N N 490 
MED SD  CE   sing N N 491 
MED CE  HE1  sing N N 492 
MED CE  HE2  sing N N 493 
MED CE  HE3  sing N N 494 
MED OXT HXT  sing N N 495 
MET N   CA   sing N N 496 
MET N   H    sing N N 497 
MET N   H2   sing N N 498 
MET CA  C    sing N N 499 
MET CA  CB   sing N N 500 
MET CA  HA   sing N N 501 
MET C   O    doub N N 502 
MET C   OXT  sing N N 503 
MET CB  CG   sing N N 504 
MET CB  HB2  sing N N 505 
MET CB  HB3  sing N N 506 
MET CG  SD   sing N N 507 
MET CG  HG2  sing N N 508 
MET CG  HG3  sing N N 509 
MET SD  CE   sing N N 510 
MET CE  HE1  sing N N 511 
MET CE  HE2  sing N N 512 
MET CE  HE3  sing N N 513 
MET OXT HXT  sing N N 514 
PHE N   CA   sing N N 515 
PHE N   H    sing N N 516 
PHE N   H2   sing N N 517 
PHE CA  C    sing N N 518 
PHE CA  CB   sing N N 519 
PHE CA  HA   sing N N 520 
PHE C   O    doub N N 521 
PHE C   OXT  sing N N 522 
PHE CB  CG   sing N N 523 
PHE CB  HB2  sing N N 524 
PHE CB  HB3  sing N N 525 
PHE CG  CD1  doub Y N 526 
PHE CG  CD2  sing Y N 527 
PHE CD1 CE1  sing Y N 528 
PHE CD1 HD1  sing N N 529 
PHE CD2 CE2  doub Y N 530 
PHE CD2 HD2  sing N N 531 
PHE CE1 CZ   doub Y N 532 
PHE CE1 HE1  sing N N 533 
PHE CE2 CZ   sing Y N 534 
PHE CE2 HE2  sing N N 535 
PHE CZ  HZ   sing N N 536 
PHE OXT HXT  sing N N 537 
PRO N   CA   sing N N 538 
PRO N   CD   sing N N 539 
PRO N   H    sing N N 540 
PRO CA  C    sing N N 541 
PRO CA  CB   sing N N 542 
PRO CA  HA   sing N N 543 
PRO C   O    doub N N 544 
PRO C   OXT  sing N N 545 
PRO CB  CG   sing N N 546 
PRO CB  HB2  sing N N 547 
PRO CB  HB3  sing N N 548 
PRO CG  CD   sing N N 549 
PRO CG  HG2  sing N N 550 
PRO CG  HG3  sing N N 551 
PRO CD  HD2  sing N N 552 
PRO CD  HD3  sing N N 553 
PRO OXT HXT  sing N N 554 
SER N   CA   sing N N 555 
SER N   H    sing N N 556 
SER N   H2   sing N N 557 
SER CA  C    sing N N 558 
SER CA  CB   sing N N 559 
SER CA  HA   sing N N 560 
SER C   O    doub N N 561 
SER C   OXT  sing N N 562 
SER CB  OG   sing N N 563 
SER CB  HB2  sing N N 564 
SER CB  HB3  sing N N 565 
SER OG  HG   sing N N 566 
SER OXT HXT  sing N N 567 
SO4 S   O1   doub N N 568 
SO4 S   O2   doub N N 569 
SO4 S   O3   sing N N 570 
SO4 S   O4   sing N N 571 
THR N   CA   sing N N 572 
THR N   H    sing N N 573 
THR N   H2   sing N N 574 
THR CA  C    sing N N 575 
THR CA  CB   sing N N 576 
THR CA  HA   sing N N 577 
THR C   O    doub N N 578 
THR C   OXT  sing N N 579 
THR CB  OG1  sing N N 580 
THR CB  CG2  sing N N 581 
THR CB  HB   sing N N 582 
THR OG1 HG1  sing N N 583 
THR CG2 HG21 sing N N 584 
THR CG2 HG22 sing N N 585 
THR CG2 HG23 sing N N 586 
THR OXT HXT  sing N N 587 
TYR N   CA   sing N N 588 
TYR N   H    sing N N 589 
TYR N   H2   sing N N 590 
TYR CA  C    sing N N 591 
TYR CA  CB   sing N N 592 
TYR CA  HA   sing N N 593 
TYR C   O    doub N N 594 
TYR C   OXT  sing N N 595 
TYR CB  CG   sing N N 596 
TYR CB  HB2  sing N N 597 
TYR CB  HB3  sing N N 598 
TYR CG  CD1  doub Y N 599 
TYR CG  CD2  sing Y N 600 
TYR CD1 CE1  sing Y N 601 
TYR CD1 HD1  sing N N 602 
TYR CD2 CE2  doub Y N 603 
TYR CD2 HD2  sing N N 604 
TYR CE1 CZ   doub Y N 605 
TYR CE1 HE1  sing N N 606 
TYR CE2 CZ   sing Y N 607 
TYR CE2 HE2  sing N N 608 
TYR CZ  OH   sing N N 609 
TYR OH  HH   sing N N 610 
TYR OXT HXT  sing N N 611 
# 
_pdbx_initial_refinement_model.id               1 
_pdbx_initial_refinement_model.entity_id_list   ? 
_pdbx_initial_refinement_model.type             'experimental model' 
_pdbx_initial_refinement_model.source_name      PDB 
_pdbx_initial_refinement_model.accession_code   4LFS 
_pdbx_initial_refinement_model.details          ? 
# 
_atom_sites.entry_id                    5I5B 
_atom_sites.fract_transf_matrix[1][1]   -0.04571862 
_atom_sites.fract_transf_matrix[1][2]   0.00345476 
_atom_sites.fract_transf_matrix[1][3]   0.01173359 
_atom_sites.fract_transf_matrix[2][1]   0.00384832 
_atom_sites.fract_transf_matrix[2][2]   0.01404934 
_atom_sites.fract_transf_matrix[2][3]   0.04206404 
_atom_sites.fract_transf_matrix[3][1]   0.00073774 
_atom_sites.fract_transf_matrix[3][2]   0.03643666 
_atom_sites.fract_transf_matrix[3][3]   0.00365552 
_atom_sites.fract_transf_vector[1]      -0.002117 
_atom_sites.fract_transf_vector[2]      -0.135052 
_atom_sites.fract_transf_vector[3]      -0.131603 
# 
loop_
_atom_type.symbol 
C  
LI 
N  
O  
S  
# 
loop_
_atom_site.group_PDB 
_atom_site.id 
_atom_site.type_symbol 
_atom_site.label_atom_id 
_atom_site.label_alt_id 
_atom_site.label_comp_id 
_atom_site.label_asym_id 
_atom_site.label_entity_id 
_atom_site.label_seq_id 
_atom_site.pdbx_PDB_ins_code 
_atom_site.Cartn_x 
_atom_site.Cartn_y 
_atom_site.Cartn_z 
_atom_site.occupancy 
_atom_site.B_iso_or_equiv 
_atom_site.pdbx_formal_charge 
_atom_site.auth_seq_id 
_atom_site.auth_comp_id 
_atom_site.auth_asym_id 
_atom_site.auth_atom_id 
_atom_site.pdbx_PDB_model_num 
ATOM   1   N  N   . ARG A 1 1  ? -10.318 -1.571  -7.529  1.00 27.75  ? 1   ARG A N   1 
ATOM   2   C  CA  . ARG A 1 1  ? -8.806  -1.621  -7.450  1.00 18.28  ? 1   ARG A CA  1 
ATOM   3   C  C   . ARG A 1 1  ? -8.242  -3.061  -7.508  1.00 15.51  ? 1   ARG A C   1 
ATOM   4   O  O   . ARG A 1 1  ? -8.622  -3.955  -6.753  1.00 21.81  ? 1   ARG A O   1 
ATOM   5   C  CB  . ARG A 1 1  ? -8.406  -0.841  -6.182  1.00 20.10  ? 1   ARG A CB  1 
ATOM   6   C  CG  . ARG A 1 1  ? -7.166  -1.240  -5.430  1.00 12.05  ? 1   ARG A CG  1 
ATOM   7   C  CD  . ARG A 1 1  ? -6.282  -0.365  -4.636  1.00 10.39  ? 1   ARG A CD  1 
ATOM   8   N  NE  . ARG A 1 1  ? -6.914  0.789   -4.036  1.00 8.97   ? 1   ARG A NE  1 
ATOM   9   C  CZ  . ARG A 1 1  ? -6.667  2.058   -4.282  1.00 7.15   ? 1   ARG A CZ  1 
ATOM   10  N  NH1 . ARG A 1 1  ? -5.888  2.461   -5.281  1.00 7.35   ? 1   ARG A NH1 1 
ATOM   11  N  NH2 . ARG A 1 1  ? -7.227  3.008   -3.587  1.00 7.84   ? 1   ARG A NH2 1 
ATOM   12  N  N   . SER A 1 2  ? -7.309  -3.276  -8.427  1.00 10.49  ? 2   SER A N   1 
ATOM   13  C  CA  . SER A 1 2  ? -6.685  -4.590  -8.632  1.00 10.09  ? 2   SER A CA  1 
ATOM   14  C  C   . SER A 1 2  ? -5.468  -4.749  -7.733  1.00 10.42  ? 2   SER A C   1 
ATOM   15  O  O   . SER A 1 2  ? -5.063  -5.862  -7.528  1.00 12.78  ? 2   SER A O   1 
ATOM   16  C  CB  . SER A 1 2  ? -6.226  -4.797  -10.089 1.00 11.99  ? 2   SER A CB  1 
ATOM   17  O  OG  . SER A 1 2  ? -5.163  -3.963  -10.426 1.00 15.33  ? 2   SER A OG  1 
ATOM   18  N  N   . CYS A 1 3  ? -4.858  -3.707  -7.263  1.00 7.29   ? 3   CYS A N   1 
ATOM   19  C  CA  . CYS A 1 3  ? -3.596  -3.859  -6.533  1.00 7.58   ? 3   CYS A CA  1 
ATOM   20  C  C   . CYS A 1 3  ? -3.922  -4.166  -5.060  1.00 6.64   ? 3   CYS A C   1 
ATOM   21  O  O   . CYS A 1 3  ? -4.226  -3.254  -4.299  1.00 10.20  ? 3   CYS A O   1 
ATOM   22  C  CB  . CYS A 1 3  ? -2.924  -2.574  -6.634  1.00 8.10   ? 3   CYS A CB  1 
ATOM   23  S  SG  . CYS A 1 3  ? -1.301  -2.541  -5.763  1.00 8.59   ? 3   CYS A SG  1 
ATOM   24  N  N   . ILE A 1 4  ? -3.695  -5.457  -4.671  1.00 6.68   ? 4   ILE A N   1 
ATOM   25  C  CA  . ILE A 1 4  ? -3.938  -5.932  -3.311  1.00 6.15   ? 4   ILE A CA  1 
ATOM   26  C  C   . ILE A 1 4  ? -2.801  -6.842  -2.903  1.00 6.36   ? 4   ILE A C   1 
ATOM   27  O  O   . ILE A 1 4  ? -2.208  -7.571  -3.738  1.00 9.38   ? 4   ILE A O   1 
ATOM   28  C  CB  . ILE A 1 4  ? -5.297  -6.663  -3.059  1.00 7.87   ? 4   ILE A CB  1 
ATOM   29  C  CG1 . ILE A 1 4  ? -5.465  -7.886  -3.835  1.00 10.38  ? 4   ILE A CG1 1 
ATOM   30  C  CG2 . ILE A 1 4  ? -6.366  -5.680  -3.514  1.00 13.30  ? 4   ILE A CG2 1 
ATOM   31  C  CD1 . ILE A 1 4  ? -6.780  -8.577  -3.426  1.00 13.50  ? 4   ILE A CD1 1 
ATOM   32  N  N   . ASP A 1 5  ? -2.675  -6.991  -1.614  1.00 5.14   ? 5   ASP A N   1 
ATOM   33  C  CA  . ASP A 1 5  ? -1.918  -8.059  -0.961  1.00 5.23   ? 5   ASP A CA  1 
ATOM   34  C  C   . ASP A 1 5  ? -2.825  -9.228  -0.737  1.00 6.14   ? 5   ASP A C   1 
ATOM   35  O  O   . ASP A 1 5  ? -3.917  -9.053  -0.173  1.00 8.67   ? 5   ASP A O   1 
ATOM   36  C  CB  . ASP A 1 5  ? -1.415  -7.593  0.410   1.00 4.73   ? 5   ASP A CB  1 
ATOM   37  C  CG  . ASP A 1 5  ? -0.515  -6.410  0.355   1.00 4.44   ? 5   ASP A CG  1 
ATOM   38  O  OD1 . ASP A 1 5  ? 0.366   -6.354  -0.539  1.00 4.49   ? 5   ASP A OD1 1 
ATOM   39  O  OD2 . ASP A 1 5  ? -0.661  -5.519  1.243   1.00 6.03   ? 5   ASP A OD2 1 
ATOM   40  N  N   . THR A 1 6  ? -2.320  -10.469 -0.912  1.00 3.86   ? 6   THR A N   1 
ATOM   41  C  CA  . THR A 1 6  ? -3.134  -11.652 -0.744  1.00 3.83   ? 6   THR A CA  1 
ATOM   42  C  C   . THR A 1 6  ? -2.999  -12.295 0.633   1.00 3.61   ? 6   THR A C   1 
ATOM   43  O  O   . THR A 1 6  ? -3.677  -13.275 0.919   1.00 4.14   ? 6   THR A O   1 
ATOM   44  C  CB  . THR A 1 6  ? -2.844  -12.762 -1.819  1.00 4.42   ? 6   THR A CB  1 
ATOM   45  O  OG1 . THR A 1 6  ? -1.568  -13.300 -1.508  1.00 4.94   ? 6   THR A OG1 1 
ATOM   46  C  CG2 . THR A 1 6  ? -2.864  -12.175 -3.185  1.00 5.21   ? 6   THR A CG2 1 
ATOM   47  N  N   . ILE A 1 7  ? -2.177  -11.679 1.523   1.00 4.00   ? 7   ILE A N   1 
ATOM   48  C  CA  . ILE A 1 7  ? -2.051  -12.098 2.885   1.00 4.16   ? 7   ILE A CA  1 
ATOM   49  C  C   . ILE A 1 7  ? -2.264  -10.903 3.778   1.00 4.50   ? 7   ILE A C   1 
ATOM   50  O  O   . ILE A 1 7  ? -2.151  -9.763  3.306   1.00 5.08   ? 7   ILE A O   1 
ATOM   51  C  CB  . ILE A 1 7  ? -0.675  -12.770 3.192   1.00 4.22   ? 7   ILE A CB  1 
ATOM   52  C  CG1 . ILE A 1 7  ? 0.492   -11.772 3.023   1.00 4.70   ? 7   ILE A CG1 1 
ATOM   53  C  CG2 . ILE A 1 7  ? -0.527  -14.034 2.309   1.00 5.27   ? 7   ILE A CG2 1 
ATOM   54  C  CD1 . ILE A 1 7  ? 1.824   -12.310 3.493   1.00 4.80   ? 7   ILE A CD1 1 
ATOM   55  N  N   . PRO A 1 8  ? -2.495  -11.126 5.075   1.00 4.73   ? 8   PRO A N   1 
ATOM   56  C  CA  . PRO A 1 8  ? -2.582  -9.963  5.987   1.00 5.43   ? 8   PRO A CA  1 
ATOM   57  C  C   . PRO A 1 8  ? -1.360  -9.090  5.886   1.00 5.35   ? 8   PRO A C   1 
ATOM   58  O  O   . PRO A 1 8  ? -0.242  -9.557  5.982   1.00 5.41   ? 8   PRO A O   1 
ATOM   59  C  CB  . PRO A 1 8  ? -2.712  -10.657 7.380   1.00 8.17   ? 8   PRO A CB  1 
ATOM   60  C  CG  . PRO A 1 8  ? -3.479  -11.919 7.005   1.00 7.32   ? 8   PRO A CG  1 
ATOM   61  C  CD  . PRO A 1 8  ? -2.836  -12.398 5.713   1.00 5.81   ? 8   PRO A CD  1 
ATOM   62  N  N   . LYS A 1 9  ? -1.566  -7.788  5.816   1.00 5.56   ? 9   LYS A N   1 
ATOM   63  C  CA  . LYS A 1 9  ? -0.416  -6.896  5.480   1.00 6.03   ? 9   LYS A CA  1 
ATOM   64  C  C   . LYS A 1 9  ? 0.514   -6.780  6.709   1.00 5.70   ? 9   LYS A C   1 
ATOM   65  O  O   . LYS A 1 9  ? 1.635   -6.400  6.477   1.00 5.94   ? 9   LYS A O   1 
ATOM   66  C  CB  . LYS A 1 9  ? -0.827  -5.549  4.948   1.00 10.71  ? 9   LYS A CB  1 
ATOM   67  C  CG  . LYS A 1 9  ? -1.624  -4.723  5.928   1.00 12.81  ? 9   LYS A CG  1 
ATOM   68  C  CD  . LYS A 1 9  ? -2.047  -3.344  5.348   1.00 15.26  ? 9   LYS A CD  1 
ATOM   69  C  CE  . LYS A 1 9  ? -3.171  -2.578  6.110   1.00 16.90  ? 9   LYS A CE  1 
ATOM   70  N  NZ  . LYS A 1 9  ? -2.773  -2.442  7.505   1.00 21.22  ? 9   LYS A NZ  1 
ATOM   71  N  N   . SER A 1 10 ? 0.087   -7.152  7.938   1.00 5.39   ? 10  SER A N   1 
ATOM   72  C  CA  . SER A 1 10 ? 1.070   -7.173  8.988   1.00 6.52   ? 10  SER A CA  1 
ATOM   73  C  C   . SER A 1 10 ? 2.245   -8.119  8.704   1.00 6.30   ? 10  SER A C   1 
ATOM   74  O  O   . SER A 1 10 ? 3.334   -7.941  9.278   1.00 7.10   ? 10  SER A O   1 
ATOM   75  C  CB  . SER A 1 10 ? 0.404   -7.579  10.314  1.00 7.73   ? 10  SER A CB  1 
ATOM   76  O  OG  . SER A 1 10 ? -0.146  -8.891  10.292  1.00 8.04   ? 10  SER A OG  1 
ATOM   77  N  N   . ARG A 1 11 ? 2.024   -9.130  7.890   1.00 5.24   ? 11  ARG A N   1 
ATOM   78  C  CA  . ARG A 1 11 ? 3.092   -10.040 7.479   1.00 5.14   ? 11  ARG A CA  1 
ATOM   79  C  C   . ARG A 1 11 ? 3.768   -9.628  6.190   1.00 5.63   ? 11  ARG A C   1 
ATOM   80  O  O   . ARG A 1 11 ? 4.663   -10.371 5.759   1.00 6.61   ? 11  ARG A O   1 
ATOM   81  C  CB  . ARG A 1 11 ? 2.568   -11.469 7.436   1.00 5.18   ? 11  ARG A CB  1 
ATOM   82  C  CG  . ARG A 1 11 ? 2.067   -11.964 8.773   1.00 4.84   ? 11  ARG A CG  1 
ATOM   83  C  CD  . ARG A 1 11 ? 3.128   -12.078 9.824   1.00 4.84   ? 11  ARG A CD  1 
ATOM   84  N  NE  . ARG A 1 11 ? 4.134   -13.081 9.453   1.00 4.17   ? 11  ARG A NE  1 
ATOM   85  C  CZ  . ARG A 1 11 ? 5.419   -13.112 9.809   1.00 4.12   ? 11  ARG A CZ  1 
ATOM   86  N  NH1 . ARG A 1 11 ? 6.150   -14.193 9.575   1.00 4.65   ? 11  ARG A NH1 1 
ATOM   87  N  NH2 . ARG A 1 11 ? 6.031   -12.054 10.375  1.00 4.57   ? 11  ARG A NH2 1 
ATOM   88  N  N   . CYS A 1 12 ? 3.414   -8.514  5.559   1.00 5.07   ? 12  CYS A N   1 
ATOM   89  C  CA  . CYS A 1 12 ? 4.105   -7.989  4.405   1.00 5.25   ? 12  CYS A CA  1 
ATOM   90  C  C   . CYS A 1 12 ? 5.212   -7.088  4.893   1.00 5.83   ? 12  CYS A C   1 
ATOM   91  O  O   . CYS A 1 12 ? 5.138   -5.898  4.826   1.00 9.06   ? 12  CYS A O   1 
ATOM   92  C  CB  . CYS A 1 12 ? 3.140   -7.245  3.479   1.00 5.27   ? 12  CYS A CB  1 
ATOM   93  S  SG  . CYS A 1 12 ? 1.934   -8.308  2.637   1.00 4.76   ? 12  CYS A SG  1 
HETATM 94  N  N   . ALO A 1 13 ? 6.207   -7.747  5.508   1.00 5.92   ? 13  ALO A N   1 
HETATM 95  C  CA  . ALO A 1 13 ? 7.293   -7.078  6.206   1.00 7.79   ? 13  ALO A CA  1 
HETATM 96  C  CB  . ALO A 1 13 ? 7.894   -8.156  7.163   1.00 10.26  ? 13  ALO A CB  1 
HETATM 97  C  CG2 . ALO A 1 13 ? 6.949   -8.711  8.246   1.00 14.35  ? 13  ALO A CG2 1 
HETATM 98  O  OG1 . ALO A 1 13 ? 9.089   -7.715  7.652   1.00 14.46  ? 13  ALO A OG1 1 
HETATM 99  C  C   . ALO A 1 13 ? 8.247   -6.522  5.239   1.00 6.08   ? 13  ALO A C   1 
HETATM 100 O  O   . ALO A 1 13 ? 8.479   -7.085  4.205   1.00 6.34   ? 13  ALO A O   1 
ATOM   101 N  N   . ALA A 1 14 ? 8.860   -5.412  5.614   1.00 7.56   ? 14  ALA A N   1 
ATOM   102 C  CA  . ALA A 1 14 ? 9.899   -4.789  4.839   1.00 8.79   ? 14  ALA A CA  1 
ATOM   103 C  C   . ALA A 1 14 ? 11.045  -5.764  4.578   1.00 6.19   ? 14  ALA A C   1 
ATOM   104 O  O   . ALA A 1 14 ? 11.612  -5.815  3.503   1.00 7.08   ? 14  ALA A O   1 
ATOM   105 C  CB  . ALA A 1 14 ? 10.450  -3.581  5.673   1.00 12.58  ? 14  ALA A CB  1 
ATOM   106 N  N   . PHE A 1 15 ? 11.335  -6.548  5.589   1.00 6.49   ? 15  PHE A N   1 
ATOM   107 C  CA  . PHE A 1 15 ? 12.306  -7.621  5.581   1.00 6.35   ? 15  PHE A CA  1 
ATOM   108 C  C   . PHE A 1 15 ? 12.076  -8.552  4.347   1.00 6.26   ? 15  PHE A C   1 
ATOM   109 O  O   . PHE A 1 15 ? 12.964  -9.010  3.679   1.00 8.93   ? 15  PHE A O   1 
ATOM   110 C  CB  . PHE A 1 15 ? 12.195  -8.404  6.889   1.00 6.48   ? 15  PHE A CB  1 
ATOM   111 C  CG  . PHE A 1 15 ? 13.006  -9.662  6.879   1.00 6.84   ? 15  PHE A CG  1 
ATOM   112 C  CD1 . PHE A 1 15 ? 14.346  -9.684  6.987   1.00 6.64   ? 15  PHE A CD1 1 
ATOM   113 C  CD2 . PHE A 1 15 ? 12.321  -10.931 6.887   1.00 8.42   ? 15  PHE A CD2 1 
ATOM   114 C  CE1 . PHE A 1 15 ? 15.076  -10.853 7.032   1.00 7.62   ? 15  PHE A CE1 1 
ATOM   115 C  CE2 . PHE A 1 15 ? 13.023  -12.092 6.918   1.00 7.53   ? 15  PHE A CE2 1 
ATOM   116 C  CZ  . PHE A 1 15 ? 14.445  -12.035 6.940   1.00 7.99   ? 15  PHE A CZ  1 
ATOM   117 N  N   . GLN A 1 16 ? 10.859  -8.917  4.101   1.00 4.92   ? 16  GLN A N   1 
ATOM   118 C  CA  . GLN A 1 16 ? 10.508  -9.802  3.005   1.00 4.83   ? 16  GLN A CA  1 
ATOM   119 C  C   . GLN A 1 16 ? 10.466  -9.037  1.716   1.00 4.39   ? 16  GLN A C   1 
ATOM   120 O  O   . GLN A 1 16 ? 10.918  -9.533  0.660   1.00 5.37   ? 16  GLN A O   1 
ATOM   121 C  CB  . GLN A 1 16 ? 9.160   -10.461 3.306   1.00 4.77   ? 16  GLN A CB  1 
ATOM   122 C  CG  . GLN A 1 16 ? 9.185   -11.458 4.443   1.00 6.72   ? 16  GLN A CG  1 
ATOM   123 C  CD  . GLN A 1 16 ? 9.916   -12.739 4.110   1.00 5.27   ? 16  GLN A CD  1 
ATOM   124 O  OE1 . GLN A 1 16 ? 10.462  -12.940 2.997   1.00 5.86   ? 16  GLN A OE1 1 
ATOM   125 N  NE2 . GLN A 1 16 ? 9.938   -13.660 5.059   1.00 6.55   ? 16  GLN A NE2 1 
ATOM   126 N  N   . CYS A 1 17 ? 9.847   -7.881  1.690   1.00 4.43   ? 17  CYS A N   1 
ATOM   127 C  CA  . CYS A 1 17 ? 9.741   -7.142  0.431   1.00 5.40   ? 17  CYS A CA  1 
ATOM   128 C  C   . CYS A 1 17 ? 11.098  -6.876  -0.196  1.00 4.97   ? 17  CYS A C   1 
ATOM   129 O  O   . CYS A 1 17 ? 11.212  -6.741  -1.428  1.00 7.09   ? 17  CYS A O   1 
ATOM   130 C  CB  . CYS A 1 17 ? 9.054   -5.792  0.671   1.00 5.15   ? 17  CYS A CB  1 
ATOM   131 S  SG  . CYS A 1 17 ? 7.256   -5.913  0.951   1.00 5.88   ? 17  CYS A SG  1 
ATOM   132 N  N   A LYS A 1 18 ? 12.138  -6.688  0.602   0.50 4.40   ? 18  LYS A N   1 
ATOM   133 N  N   B LYS A 1 18 ? 12.141  -6.695  0.584   0.50 4.31   ? 18  LYS A N   1 
ATOM   134 C  CA  A LYS A 1 18 ? 13.461  -6.315  0.086   0.50 5.62   ? 18  LYS A CA  1 
ATOM   135 C  CA  B LYS A 1 18 ? 13.418  -6.291  -0.005  0.50 5.22   ? 18  LYS A CA  1 
ATOM   136 C  C   A LYS A 1 18 ? 14.033  -7.477  -0.748  0.50 5.16   ? 18  LYS A C   1 
ATOM   137 C  C   B LYS A 1 18 ? 14.183  -7.481  -0.637  0.50 5.38   ? 18  LYS A C   1 
ATOM   138 O  O   A LYS A 1 18 ? 14.847  -7.253  -1.634  0.50 5.52   ? 18  LYS A O   1 
ATOM   139 O  O   B LYS A 1 18 ? 15.177  -7.231  -1.282  0.50 6.08   ? 18  LYS A O   1 
ATOM   140 C  CB  A LYS A 1 18 ? 14.457  -6.028  1.297   0.50 5.89   ? 18  LYS A CB  1 
ATOM   141 C  CB  B LYS A 1 18 ? 14.338  -5.728  1.104   0.50 7.22   ? 18  LYS A CB  1 
ATOM   142 C  CG  A LYS A 1 18 ? 14.291  -4.648  1.846   0.50 6.97   ? 18  LYS A CG  1 
ATOM   143 C  CG  B LYS A 1 18 ? 13.946  -4.388  1.612   0.50 7.36   ? 18  LYS A CG  1 
ATOM   144 C  CD  A LYS A 1 18 ? 15.191  -4.329  3.024   0.50 8.37   ? 18  LYS A CD  1 
ATOM   145 C  CD  B LYS A 1 18 ? 14.928  -3.939  2.739   0.50 8.81   ? 18  LYS A CD  1 
ATOM   146 C  CE  A LYS A 1 18 ? 14.930  -2.975  3.561   0.50 11.86  ? 18  LYS A CE  1 
ATOM   147 C  CE  B LYS A 1 18 ? 14.417  -2.554  3.332   0.50 12.83  ? 18  LYS A CE  1 
ATOM   148 N  NZ  A LYS A 1 18 ? 15.951  -2.325  2.864   0.50 11.83  ? 18  LYS A NZ  1 
ATOM   149 N  NZ  B LYS A 1 18 ? 14.921  -2.307  4.687   0.50 13.68  ? 18  LYS A NZ  1 
ATOM   150 N  N   . HIS A 1 19 ? 13.749  -8.707  -0.418  1.00 4.84   ? 19  HIS A N   1 
ATOM   151 C  CA  A HIS A 1 19 ? 14.606  -9.734  -1.040  0.70 4.32   ? 19  HIS A CA  1 
ATOM   152 C  CA  B HIS A 1 19 ? 14.622  -9.938  -0.646  0.30 4.44   ? 19  HIS A CA  1 
ATOM   153 C  C   . HIS A 1 19 ? 13.849  -11.027 -1.445  1.00 4.40   ? 19  HIS A C   1 
ATOM   154 O  O   . HIS A 1 19 ? 14.515  -11.839 -2.093  1.00 5.41   ? 19  HIS A O   1 
ATOM   155 C  CB  A HIS A 1 19 ? 15.721  -10.133 -0.076  0.70 4.42   ? 19  HIS A CB  1 
ATOM   156 C  CB  B HIS A 1 19 ? 15.317  -10.444 0.665   0.30 4.16   ? 19  HIS A CB  1 
ATOM   157 C  CG  A HIS A 1 19 ? 15.265  -11.012 1.072   0.70 4.36   ? 19  HIS A CG  1 
ATOM   158 C  CG  B HIS A 1 19 ? 15.971  -9.351  1.404   0.30 3.98   ? 19  HIS A CG  1 
ATOM   159 N  ND1 A HIS A 1 19 ? 14.541  -10.593 2.150   0.70 6.30   ? 19  HIS A ND1 1 
ATOM   160 N  ND1 B HIS A 1 19 ? 16.846  -8.526  0.785   0.30 3.79   ? 19  HIS A ND1 1 
ATOM   161 C  CD2 A HIS A 1 19 ? 15.483  -12.347 1.290   0.70 5.31   ? 19  HIS A CD2 1 
ATOM   162 C  CD2 B HIS A 1 19 ? 15.894  -8.941  2.704   0.30 5.31   ? 19  HIS A CD2 1 
ATOM   163 C  CE1 A HIS A 1 19 ? 14.388  -11.619 3.008   0.70 6.83   ? 19  HIS A CE1 1 
ATOM   164 C  CE1 B HIS A 1 19 ? 17.456  -7.630  1.720   0.30 2.87   ? 19  HIS A CE1 1 
ATOM   165 N  NE2 A HIS A 1 19 ? 14.925  -12.712 2.469   0.70 7.14   ? 19  HIS A NE2 1 
ATOM   166 N  NE2 B HIS A 1 19 ? 16.716  -7.804  2.848   0.30 5.22   ? 19  HIS A NE2 1 
ATOM   167 N  N   . SER A 1 20 ? 12.540  -11.207 -1.136  1.00 3.70   ? 20  SER A N   1 
ATOM   168 C  CA  . SER A 1 20 ? 11.780  -12.359 -1.551  1.00 3.63   ? 20  SER A CA  1 
ATOM   169 C  C   . SER A 1 20 ? 10.886  -12.011 -2.763  1.00 3.21   ? 20  SER A C   1 
ATOM   170 O  O   . SER A 1 20 ? 9.969   -11.202 -2.624  1.00 3.92   ? 20  SER A O   1 
ATOM   171 C  CB  . SER A 1 20 ? 10.935  -12.906 -0.428  1.00 3.90   ? 20  SER A CB  1 
ATOM   172 O  OG  . SER A 1 20 ? 9.961   -13.848 -0.926  1.00 4.20   ? 20  SER A OG  1 
ATOM   173 N  N   . MET A 1 21 ? 11.183  -12.610 -3.931  1.00 3.52   ? 21  MET A N   1 
ATOM   174 C  CA  . MET A 1 21 ? 10.307  -12.365 -5.049  1.00 3.68   ? 21  MET A CA  1 
ATOM   175 C  C   . MET A 1 21 ? 8.892   -12.891 -4.849  1.00 3.43   ? 21  MET A C   1 
ATOM   176 O  O   . MET A 1 21 ? 7.953   -12.314 -5.405  1.00 3.66   ? 21  MET A O   1 
ATOM   177 C  CB  . MET A 1 21 ? 10.953  -12.969 -6.322  1.00 5.01   ? 21  MET A CB  1 
ATOM   178 C  CG  . MET A 1 21 ? 12.084  -12.183 -6.845  1.00 8.27   ? 21  MET A CG  1 
ATOM   179 S  SD  . MET A 1 21 ? 11.385  -10.617 -7.623  1.00 10.10  ? 21  MET A SD  1 
ATOM   180 C  CE  . MET A 1 21 ? 12.990  -10.158 -8.180  1.00 15.94  ? 21  MET A CE  1 
ATOM   181 N  N   . LYS A 1 22 ? 8.712   -13.964 -4.095  1.00 3.42   ? 22  LYS A N   1 
ATOM   182 C  CA  . LYS A 1 22 ? 7.337   -14.422 -3.838  1.00 3.40   ? 22  LYS A CA  1 
ATOM   183 C  C   . LYS A 1 22 ? 6.569   -13.397 -3.049  1.00 3.35   ? 22  LYS A C   1 
ATOM   184 O  O   . LYS A 1 22 ? 5.392   -13.154 -3.340  1.00 3.88   ? 22  LYS A O   1 
ATOM   185 C  CB  . LYS A 1 22 ? 7.377   -15.763 -3.110  1.00 3.74   ? 22  LYS A CB  1 
ATOM   186 C  CG  . LYS A 1 22 ? 7.872   -16.916 -4.019  1.00 4.91   ? 22  LYS A CG  1 
ATOM   187 C  CD  . LYS A 1 22 ? 8.129   -18.214 -3.308  1.00 6.53   ? 22  LYS A CD  1 
ATOM   188 C  CE  . LYS A 1 22 ? 8.810   -19.213 -4.249  1.00 9.69   ? 22  LYS A CE  1 
ATOM   189 N  NZ  . LYS A 1 22 ? 8.930   -20.519 -3.573  1.00 9.61   ? 22  LYS A NZ  1 
ATOM   190 N  N   . TYR A 1 23 ? 7.176   -12.756 -2.050  1.00 3.32   ? 23  TYR A N   1 
ATOM   191 C  CA  A TYR A 1 23 ? 6.477   -11.615 -1.407  0.50 3.32   ? 23  TYR A CA  1 
ATOM   192 C  CA  B TYR A 1 23 ? 6.432   -11.710 -1.371  0.50 3.42   ? 23  TYR A CA  1 
ATOM   193 C  C   . TYR A 1 23 ? 6.256   -10.462 -2.349  1.00 3.42   ? 23  TYR A C   1 
ATOM   194 O  O   . TYR A 1 23 ? 5.166   -9.867  -2.364  1.00 4.05   ? 23  TYR A O   1 
ATOM   195 C  CB  A TYR A 1 23 ? 7.338   -11.048 -0.239  0.50 3.37   ? 23  TYR A CB  1 
ATOM   196 C  CB  B TYR A 1 23 ? 7.156   -11.379 -0.018  0.50 3.76   ? 23  TYR A CB  1 
ATOM   197 C  CG  A TYR A 1 23 ? 6.972   -11.803 1.023   0.50 3.56   ? 23  TYR A CG  1 
ATOM   198 C  CG  B TYR A 1 23 ? 6.886   -12.360 1.079   0.50 4.85   ? 23  TYR A CG  1 
ATOM   199 C  CD1 A TYR A 1 23 ? 6.043   -11.294 1.928   0.50 3.55   ? 23  TYR A CD1 1 
ATOM   200 C  CD1 B TYR A 1 23 ? 5.809   -12.251 1.909   0.50 8.08   ? 23  TYR A CD1 1 
ATOM   201 C  CD2 A TYR A 1 23 ? 7.447   -13.108 1.275   0.50 3.64   ? 23  TYR A CD2 1 
ATOM   202 C  CD2 B TYR A 1 23 ? 7.717   -13.410 1.315   0.50 6.39   ? 23  TYR A CD2 1 
ATOM   203 C  CE1 A TYR A 1 23 ? 5.630   -12.018 3.059   0.50 4.19   ? 23  TYR A CE1 1 
ATOM   204 C  CE1 B TYR A 1 23 ? 5.599   -13.196 2.942   0.50 8.47   ? 23  TYR A CE1 1 
ATOM   205 C  CE2 A TYR A 1 23 ? 7.092   -13.811 2.405   0.50 3.82   ? 23  TYR A CE2 1 
ATOM   206 C  CE2 B TYR A 1 23 ? 7.519   -14.309 2.321   0.50 6.65   ? 23  TYR A CE2 1 
ATOM   207 C  CZ  A TYR A 1 23 ? 6.192   -13.315 3.313   0.50 3.32   ? 23  TYR A CZ  1 
ATOM   208 C  CZ  B TYR A 1 23 ? 6.397   -14.257 3.036   0.50 7.03   ? 23  TYR A CZ  1 
ATOM   209 O  OH  A TYR A 1 23 ? 5.789   -13.947 4.427   0.50 5.04   ? 23  TYR A OH  1 
ATOM   210 O  OH  B TYR A 1 23 ? 6.132   -15.059 4.154   0.50 11.70  ? 23  TYR A OH  1 
ATOM   211 N  N   . ARG A 1 24 ? 7.274   -10.112 -3.139  1.00 3.45   ? 24  ARG A N   1 
ATOM   212 C  CA  . ARG A 1 24 ? 7.117   -8.921  -3.999  1.00 3.81   ? 24  ARG A CA  1 
ATOM   213 C  C   . ARG A 1 24 ? 6.007   -9.157  -5.045  1.00 3.73   ? 24  ARG A C   1 
ATOM   214 O  O   . ARG A 1 24 ? 5.320   -8.222  -5.425  1.00 4.33   ? 24  ARG A O   1 
ATOM   215 C  CB  . ARG A 1 24 ? 8.427   -8.608  -4.701  1.00 4.51   ? 24  ARG A CB  1 
ATOM   216 C  CG  . ARG A 1 24 ? 9.497   -8.124  -3.728  1.00 4.13   ? 24  ARG A CG  1 
ATOM   217 C  CD  . ARG A 1 24 ? 10.878  -8.018  -4.341  1.00 6.87   ? 24  ARG A CD  1 
ATOM   218 N  NE  . ARG A 1 24 ? 11.084  -7.070  -5.375  1.00 6.74   ? 24  ARG A NE  1 
ATOM   219 C  CZ  . ARG A 1 24 ? 11.393  -5.815  -5.113  1.00 7.76   ? 24  ARG A CZ  1 
ATOM   220 N  NH1 . ARG A 1 24 ? 11.487  -5.399  -3.888  1.00 8.79   ? 24  ARG A NH1 1 
ATOM   221 N  NH2 . ARG A 1 24 ? 11.620  -4.995  -6.118  1.00 10.72  ? 24  ARG A NH2 1 
ATOM   222 N  N   . LEU A 1 25 ? 5.922   -10.357 -5.578  1.00 3.61   ? 25  LEU A N   1 
ATOM   223 C  CA  . LEU A 1 25 ? 5.135   -10.601 -6.768  1.00 3.84   ? 25  LEU A CA  1 
ATOM   224 C  C   . LEU A 1 25 ? 3.884   -11.446 -6.571  1.00 4.16   ? 25  LEU A C   1 
ATOM   225 O  O   . LEU A 1 25 ? 3.020   -11.480 -7.474  1.00 5.40   ? 25  LEU A O   1 
ATOM   226 C  CB  . LEU A 1 25 ? 5.992   -11.280 -7.877  1.00 4.33   ? 25  LEU A CB  1 
ATOM   227 C  CG  . LEU A 1 25 ? 7.230   -10.522 -8.271  1.00 4.79   ? 25  LEU A CG  1 
ATOM   228 C  CD1 . LEU A 1 25 ? 7.957   -11.379 -9.347  1.00 6.05   ? 25  LEU A CD1 1 
ATOM   229 C  CD2 . LEU A 1 25 ? 6.953   -9.139  -8.811  1.00 6.86   ? 25  LEU A CD2 1 
ATOM   230 N  N   . SER A 1 26 ? 3.764   -12.163 -5.471  1.00 4.07   ? 26  SER A N   1 
ATOM   231 C  CA  . SER A 1 26 ? 2.570   -12.987 -5.212  1.00 4.31   ? 26  SER A CA  1 
ATOM   232 C  C   . SER A 1 26 ? 1.787   -12.483 -4.026  1.00 3.79   ? 26  SER A C   1 
ATOM   233 O  O   . SER A 1 26 ? 0.624   -12.143 -4.122  1.00 4.77   ? 26  SER A O   1 
ATOM   234 C  CB  . SER A 1 26 ? 2.952   -14.480 -5.050  1.00 4.76   ? 26  SER A CB  1 
ATOM   235 O  OG  . SER A 1 26 ? 1.717   -15.136 -4.880  1.00 6.30   ? 26  SER A OG  1 
ATOM   236 N  N   . PHE A 1 27 ? 2.448   -12.442 -2.840  1.00 3.33   ? 27  PHE A N   1 
ATOM   237 C  CA  . PHE A 1 27 ? 1.691   -12.250 -1.596  1.00 3.55   ? 27  PHE A CA  1 
ATOM   238 C  C   . PHE A 1 27 ? 1.492   -10.800 -1.224  1.00 3.73   ? 27  PHE A C   1 
ATOM   239 O  O   . PHE A 1 27 ? 0.497   -10.475 -0.562  1.00 4.00   ? 27  PHE A O   1 
ATOM   240 C  CB  . PHE A 1 27 ? 2.406   -12.993 -0.470  1.00 4.21   ? 27  PHE A CB  1 
ATOM   241 C  CG  . PHE A 1 27 ? 2.530   -14.475 -0.772  1.00 4.78   ? 27  PHE A CG  1 
ATOM   242 C  CD1 . PHE A 1 27 ? 3.720   -15.076 -1.100  1.00 5.37   ? 27  PHE A CD1 1 
ATOM   243 C  CD2 . PHE A 1 27 ? 1.416   -15.265 -0.856  1.00 5.80   ? 27  PHE A CD2 1 
ATOM   244 C  CE1 . PHE A 1 27 ? 3.751   -16.400 -1.460  1.00 5.28   ? 27  PHE A CE1 1 
ATOM   245 C  CE2 . PHE A 1 27 ? 1.484   -16.630 -1.157  1.00 6.41   ? 27  PHE A CE2 1 
ATOM   246 C  CZ  . PHE A 1 27 ? 2.667   -17.162 -1.510  1.00 6.21   ? 27  PHE A CZ  1 
ATOM   247 N  N   . CYS A 1 28 ? 2.426   -9.927  -1.555  1.00 3.18   ? 28  CYS A N   1 
ATOM   248 C  CA  . CYS A 1 28 ? 2.457   -8.557  -1.063  1.00 3.52   ? 28  CYS A CA  1 
ATOM   249 C  C   . CYS A 1 28 ? 2.688   -7.562  -2.148  1.00 3.71   ? 28  CYS A C   1 
ATOM   250 O  O   . CYS A 1 28 ? 3.489   -6.611  -1.993  1.00 3.96   ? 28  CYS A O   1 
ATOM   251 C  CB  . CYS A 1 28 ? 3.498   -8.401  0.074   1.00 3.69   ? 28  CYS A CB  1 
ATOM   252 S  SG  . CYS A 1 28 ? 3.175   -9.472  1.493   1.00 4.59   ? 28  CYS A SG  1 
ATOM   253 N  N   . ARG A 1 29 ? 2.015   -7.733  -3.296  1.00 3.58   ? 29  ARG A N   1 
ATOM   254 C  CA  . ARG A 1 29 ? 2.284   -6.816  -4.402  1.00 3.99   ? 29  ARG A CA  1 
ATOM   255 C  C   . ARG A 1 29 ? 2.000   -5.397  -4.059  1.00 4.19   ? 29  ARG A C   1 
ATOM   256 O  O   . ARG A 1 29 ? 2.712   -4.489  -4.506  1.00 5.53   ? 29  ARG A O   1 
ATOM   257 C  CB  . ARG A 1 29 ? 1.455   -7.211  -5.654  1.00 4.81   ? 29  ARG A CB  1 
ATOM   258 C  CG  . ARG A 1 29 ? 1.820   -8.547  -6.269  1.00 5.26   ? 29  ARG A CG  1 
ATOM   259 C  CD  . ARG A 1 29 ? 0.887   -8.959  -7.381  1.00 5.94   ? 29  ARG A CD  1 
ATOM   260 N  NE  . ARG A 1 29 ? 1.075   -8.176  -8.644  1.00 7.39   ? 29  ARG A NE  1 
ATOM   261 C  CZ  . ARG A 1 29 ? 1.954   -8.471  -9.645  1.00 6.89   ? 29  ARG A CZ  1 
ATOM   262 N  NH1 . ARG A 1 29 ? 1.988   -7.832  -10.816 1.00 8.21   ? 29  ARG A NH1 1 
ATOM   263 N  NH2 . ARG A 1 29 ? 2.787   -9.475  -9.495  1.00 6.41   ? 29  ARG A NH2 1 
ATOM   264 N  N   . LYS A 1 30 ? 0.925   -5.154  -3.273  1.00 4.05   ? 30  LYS A N   1 
ATOM   265 C  CA  . LYS A 1 30 ? 0.618   -3.753  -2.883  1.00 4.01   ? 30  LYS A CA  1 
ATOM   266 C  C   . LYS A 1 30 ? 1.622   -3.227  -1.866  1.00 4.17   ? 30  LYS A C   1 
ATOM   267 O  O   . LYS A 1 30 ? 2.231   -2.198  -2.116  1.00 4.68   ? 30  LYS A O   1 
ATOM   268 C  CB  . LYS A 1 30 ? -0.797  -3.729  -2.306  1.00 4.36   ? 30  LYS A CB  1 
ATOM   269 C  CG  . LYS A 1 30 ? -1.208  -2.350  -1.808  1.00 4.97   ? 30  LYS A CG  1 
ATOM   270 C  CD  . LYS A 1 30 ? -2.561  -2.379  -1.112  1.00 5.76   ? 30  LYS A CD  1 
ATOM   271 C  CE  A LYS A 1 30 ? -2.993  -0.984  -0.714  0.50 7.07   ? 30  LYS A CE  1 
ATOM   272 C  CE  B LYS A 1 30 ? -2.993  -0.984  -0.714  0.50 7.07   ? 30  LYS A CE  1 
ATOM   273 N  NZ  A LYS A 1 30 ? -4.338  -0.986  -0.117  0.50 8.77   ? 30  LYS A NZ  1 
ATOM   274 N  NZ  B LYS A 1 30 ? -4.338  -0.986  -0.116  0.50 8.77   ? 30  LYS A NZ  1 
ATOM   275 N  N   . THR A 1 31 ? 1.828   -3.948  -0.786  1.00 4.09   ? 31  THR A N   1 
ATOM   276 C  CA  . THR A 1 31 ? 2.663   -3.409  0.277   1.00 4.10   ? 31  THR A CA  1 
ATOM   277 C  C   . THR A 1 31 ? 4.127   -3.290  -0.209  1.00 4.69   ? 31  THR A C   1 
ATOM   278 O  O   . THR A 1 31 ? 4.826   -2.273  0.120   1.00 5.61   ? 31  THR A O   1 
ATOM   279 C  CB  . THR A 1 31 ? 2.532   -4.243  1.574   1.00 4.98   ? 31  THR A CB  1 
ATOM   280 O  OG1 . THR A 1 31 ? 1.258   -3.991  2.108   1.00 5.73   ? 31  THR A OG1 1 
ATOM   281 C  CG2 . THR A 1 31 ? 3.534   -3.816  2.653   1.00 6.00   ? 31  THR A CG2 1 
ATOM   282 N  N   . CYS A 1 32 ? 4.593   -4.243  -1.024  1.00 4.17   ? 32  CYS A N   1 
ATOM   283 C  CA  . CYS A 1 32 ? 5.952   -4.134  -1.573  1.00 5.11   ? 32  CYS A CA  1 
ATOM   284 C  C   . CYS A 1 32 ? 6.113   -3.125  -2.718  1.00 5.28   ? 32  CYS A C   1 
ATOM   285 O  O   . CYS A 1 32 ? 7.233   -2.906  -3.167  1.00 6.87   ? 32  CYS A O   1 
ATOM   286 C  CB  . CYS A 1 32 ? 6.517   -5.467  -2.012  1.00 5.11   ? 32  CYS A CB  1 
ATOM   287 S  SG  . CYS A 1 32 ? 6.518   -6.788  -0.745  1.00 5.30   ? 32  CYS A SG  1 
ATOM   288 N  N   . GLY A 1 33 ? 5.003   -2.588  -3.224  1.00 5.78   ? 33  GLY A N   1 
ATOM   289 C  CA  . GLY A 1 33 ? 5.077   -1.570  -4.244  1.00 7.16   ? 33  GLY A CA  1 
ATOM   290 C  C   . GLY A 1 33 ? 5.234   -2.067  -5.653  1.00 6.01   ? 33  GLY A C   1 
ATOM   291 O  O   . GLY A 1 33 ? 5.516   -1.250  -6.559  1.00 8.10   ? 33  GLY A O   1 
ATOM   292 N  N   . THR A 1 34 ? 4.958   -3.333  -5.913  1.00 5.85   ? 34  THR A N   1 
ATOM   293 C  CA  . THR A 1 34 ? 4.955   -3.871  -7.281  1.00 6.36   ? 34  THR A CA  1 
ATOM   294 C  C   . THR A 1 34 ? 3.869   -3.249  -8.103  1.00 7.21   ? 34  THR A C   1 
ATOM   295 O  O   . THR A 1 34 ? 4.089   -3.014  -9.269  1.00 11.49  ? 34  THR A O   1 
ATOM   296 C  CB  . THR A 1 34 ? 4.812   -5.423  -7.183  1.00 7.04   ? 34  THR A CB  1 
ATOM   297 O  OG1 . THR A 1 34 ? 6.003   -5.846  -6.530  1.00 7.96   ? 34  THR A OG1 1 
ATOM   298 C  CG2 . THR A 1 34 ? 4.726   -6.049  -8.468  1.00 7.97   ? 34  THR A CG2 1 
ATOM   299 N  N   . CYS A 1 35 ? 2.674   -3.085  -7.511  1.00 7.14   ? 35  CYS A N   1 
ATOM   300 C  CA  . CYS A 1 35 ? 1.517   -2.395  -8.101  1.00 7.84   ? 35  CYS A CA  1 
ATOM   301 C  C   . CYS A 1 35 ? 1.255   -1.125  -7.304  1.00 7.95   ? 35  CYS A C   1 
ATOM   302 O  O   . CYS A 1 35 ? 1.809   -0.930  -6.195  1.00 8.98   ? 35  CYS A O   1 
ATOM   303 C  CB  . CYS A 1 35 ? 0.281   -3.293  -8.220  1.00 8.94   ? 35  CYS A CB  1 
ATOM   304 S  SG  . CYS A 1 35 ? -0.319  -4.046  -6.627  1.00 8.62   ? 35  CYS A SG  1 
ATOM   305 O  OXT . CYS A 1 35 ? 0.514   -0.256  -7.834  1.00 11.69  ? 35  CYS A OXT 1 
HETATM 306 N  N   . DAR B 2 1  ? 9.674   1.146   6.162   1.00 22.64  ? 1   DAR B N   1 
HETATM 307 C  CA  . DAR B 2 1  ? 8.518   1.056   7.079   1.00 13.65  ? 1   DAR B CA  1 
HETATM 308 C  CB  . DAR B 2 1  ? 7.510   0.050   6.386   1.00 15.62  ? 1   DAR B CB  1 
HETATM 309 C  CG  . DAR B 2 1  ? 6.022   0.086   6.279   1.00 27.61  ? 1   DAR B CG  1 
HETATM 310 C  CD  . DAR B 2 1  ? 5.406   0.985   7.264   1.00 27.08  ? 1   DAR B CD  1 
HETATM 311 N  NE  . DAR B 2 1  ? 4.660   0.489   8.365   1.00 13.48  ? 1   DAR B NE  1 
HETATM 312 C  CZ  . DAR B 2 1  ? 5.232   0.045   9.518   1.00 15.76  ? 1   DAR B CZ  1 
HETATM 313 N  NH1 . DAR B 2 1  ? 6.618   0.173   9.862   1.00 15.03  ? 1   DAR B NH1 1 
HETATM 314 N  NH2 . DAR B 2 1  ? 4.426   -0.436  10.430  1.00 31.78  ? 1   DAR B NH2 1 
HETATM 315 C  C   . DAR B 2 1  ? 8.054   2.482   7.277   1.00 11.04  ? 1   DAR B C   1 
HETATM 316 O  O   . DAR B 2 1  ? 8.429   3.394   6.564   1.00 14.63  ? 1   DAR B O   1 
HETATM 317 N  N   . DSN B 2 2  ? 7.124   2.650   8.198   1.00 11.35  ? 2   DSN B N   1 
HETATM 318 C  CA  A DSN B 2 2  ? 6.391   3.848   8.426   0.50 10.46  ? 2   DSN B CA  1 
HETATM 319 C  CA  B DSN B 2 2  ? 6.430   3.866   8.398   0.50 14.64  ? 2   DSN B CA  1 
HETATM 320 C  C   . DSN B 2 2  ? 5.276   4.212   7.504   1.00 9.29   ? 2   DSN B C   1 
HETATM 321 O  O   . DSN B 2 2  ? 4.985   5.383   7.206   1.00 12.56  ? 2   DSN B O   1 
HETATM 322 C  CB  A DSN B 2 2  ? 6.144   4.082   9.868   0.50 11.01  ? 2   DSN B CB  1 
HETATM 323 C  CB  B DSN B 2 2  ? 6.540   4.490   9.786   0.50 18.21  ? 2   DSN B CB  1 
HETATM 324 O  OG  A DSN B 2 2  ? 5.061   3.275   10.281  0.50 11.54  ? 2   DSN B OG  1 
HETATM 325 O  OG  B DSN B 2 2  ? 7.405   3.789   10.674  0.50 15.42  ? 2   DSN B OG  1 
HETATM 326 N  N   . DCY B 2 3  ? 4.634   3.193   7.007   1.00 8.50   ? 3   DCY B N   1 
HETATM 327 C  CA  . DCY B 2 3  ? 3.405   3.287   6.224   1.00 7.32   ? 3   DCY B CA  1 
HETATM 328 C  C   . DCY B 2 3  ? 3.695   3.657   4.760   1.00 7.66   ? 3   DCY B C   1 
HETATM 329 O  O   . DCY B 2 3  ? 4.207   2.872   4.017   1.00 8.93   ? 3   DCY B O   1 
HETATM 330 C  CB  . DCY B 2 3  ? 2.590   2.005   6.355   1.00 8.42   ? 3   DCY B CB  1 
HETATM 331 S  SG  . DCY B 2 3  ? 1.054   2.030   5.492   1.00 8.58   ? 3   DCY B SG  1 
HETATM 332 N  N   . DIL B 2 4  ? 3.467   4.888   4.435   1.00 6.58   ? 4   DIL B N   1 
HETATM 333 C  CA  . DIL B 2 4  ? 3.726   5.416   3.100   1.00 6.66   ? 4   DIL B CA  1 
HETATM 334 C  C   . DIL B 2 4  ? 2.543   6.300   2.627   1.00 5.90   ? 4   DIL B C   1 
HETATM 335 O  O   . DIL B 2 4  ? 1.748   6.780   3.382   1.00 8.95   ? 4   DIL B O   1 
HETATM 336 C  CB  . DIL B 2 4  ? 5.027   6.230   3.072   1.00 10.22  ? 4   DIL B CB  1 
HETATM 337 C  CG1 . DIL B 2 4  ? 4.949   7.674   3.562   1.00 11.32  ? 4   DIL B CG1 1 
HETATM 338 C  CG2 . DIL B 2 4  ? 6.327   5.472   3.095   1.00 11.11  ? 4   DIL B CG2 1 
HETATM 339 C  CD1 . DIL B 2 4  ? 5.940   8.667   2.978   1.00 11.72  ? 4   DIL B CD1 1 
HETATM 340 N  N   . DAS B 2 5  ? 2.419   6.425   1.308   1.00 4.88   ? 5   DAS B N   1 
HETATM 341 C  CA  . DAS B 2 5  ? 1.665   7.517   0.712   1.00 4.38   ? 5   DAS B CA  1 
HETATM 342 C  C   . DAS B 2 5  ? 2.650   8.764   0.706   1.00 5.26   ? 5   DAS B C   1 
HETATM 343 O  O   . DAS B 2 5  ? 3.876   8.597   0.795   1.00 5.83   ? 5   DAS B O   1 
HETATM 344 C  CB  . DAS B 2 5  ? 1.234   7.132   -0.655  1.00 5.34   ? 5   DAS B CB  1 
HETATM 345 C  CG  . DAS B 2 5  ? 0.261   5.886   -0.656  1.00 4.42   ? 5   DAS B CG  1 
HETATM 346 O  OD1 . DAS B 2 5  ? 0.443   5.040   -1.536  1.00 5.72   ? 5   DAS B OD1 1 
HETATM 347 O  OD2 . DAS B 2 5  ? -0.608  5.823   0.226   1.00 4.43   ? 5   DAS B OD2 1 
HETATM 348 N  N   . DTH B 2 6  ? 2.079   9.951   0.635   1.00 3.44   ? 6   DTH B N   1 
HETATM 349 C  CA  . DTH B 2 6  ? 2.884   11.155  0.497   1.00 3.85   ? 6   DTH B CA  1 
HETATM 350 C  CB  . DTH B 2 6  ? 2.599   12.157  1.553   1.00 4.38   ? 6   DTH B CB  1 
HETATM 351 C  CG2 . DTH B 2 6  ? 2.776   11.642  2.974   1.00 7.61   ? 6   DTH B CG2 1 
HETATM 352 O  OG1 . DTH B 2 6  ? 1.346   12.759  1.269   1.00 5.37   ? 6   DTH B OG1 1 
HETATM 353 C  C   . DTH B 2 6  ? 2.764   11.770  -0.901  1.00 3.78   ? 6   DTH B C   1 
HETATM 354 O  O   . DTH B 2 6  ? 3.425   12.775  -1.191  1.00 4.24   ? 6   DTH B O   1 
HETATM 355 N  N   . DIL B 2 7  ? 1.941   11.201  -1.746  1.00 3.91   ? 7   DIL B N   1 
HETATM 356 C  CA  . DIL B 2 7  ? 1.810   11.620  -3.149  1.00 3.95   ? 7   DIL B CA  1 
HETATM 357 C  C   . DIL B 2 7  ? 2.058   10.374  -4.029  1.00 4.16   ? 7   DIL B C   1 
HETATM 358 O  O   . DIL B 2 7  ? 1.980   9.229   -3.572  1.00 4.91   ? 7   DIL B O   1 
HETATM 359 C  CB  . DIL B 2 7  ? 0.446   12.256  -3.396  1.00 4.16   ? 7   DIL B CB  1 
HETATM 360 C  CG1 . DIL B 2 7  ? -0.721  11.277  -3.302  1.00 4.32   ? 7   DIL B CG1 1 
HETATM 361 C  CG2 . DIL B 2 7  ? 0.283   13.464  -2.536  1.00 5.04   ? 7   DIL B CG2 1 
HETATM 362 C  CD1 . DIL B 2 7  ? -2.054  11.873  -3.714  1.00 6.44   ? 7   DIL B CD1 1 
HETATM 363 N  N   . DPR B 2 8  ? 2.269   10.593  -5.324  1.00 4.78   ? 8   DPR B N   1 
HETATM 364 C  CA  . DPR B 2 8  ? 2.414   9.481   -6.265  1.00 5.39   ? 8   DPR B CA  1 
HETATM 365 C  CB  . DPR B 2 8  ? 2.557   10.139  -7.598  1.00 6.87   ? 8   DPR B CB  1 
HETATM 366 C  CG  . DPR B 2 8  ? 3.211   11.467  -7.280  1.00 7.34   ? 8   DPR B CG  1 
HETATM 367 C  CD  . DPR B 2 8  ? 2.498   11.880  -6.001  1.00 5.80   ? 8   DPR B CD  1 
HETATM 368 C  C   . DPR B 2 8  ? 1.177   8.589   -6.231  1.00 4.42   ? 8   DPR B C   1 
HETATM 369 O  O   . DPR B 2 8  ? 0.026   9.039   -6.317  1.00 5.53   ? 8   DPR B O   1 
HETATM 370 N  N   . DLY B 2 9  ? 1.392   7.277   -6.113  1.00 6.23   ? 9   DLY B N   1 
HETATM 371 C  CA  A DLY B 2 9  ? 0.332   6.320   -5.868  0.50 6.50   ? 9   DLY B CA  1 
HETATM 372 C  CA  B DLY B 2 9  ? 0.479   6.275   -6.058  0.50 7.64   ? 9   DLY B CA  1 
HETATM 373 C  C   . DLY B 2 9  ? -0.726  6.269   -6.966  1.00 5.63   ? 9   DLY B C   1 
HETATM 374 O  O   . DLY B 2 9  ? -1.889  5.899   -6.690  1.00 6.23   ? 9   DLY B O   1 
HETATM 375 C  CB  A DLY B 2 9  ? 0.685   4.944   -5.288  0.50 6.53   ? 9   DLY B CB  1 
HETATM 376 C  CB  B DLY B 2 9  ? 1.188   4.961   -5.980  0.50 7.22   ? 9   DLY B CB  1 
HETATM 377 C  CG  A DLY B 2 9  ? 1.440   4.217   -6.414  0.50 7.60   ? 9   DLY B CG  1 
HETATM 378 C  CG  B DLY B 2 9  ? 0.223   3.852   -5.751  0.50 8.87   ? 9   DLY B CG  1 
HETATM 379 C  CD  A DLY B 2 9  ? 2.033   2.879   -6.061  0.50 9.54   ? 9   DLY B CD  1 
HETATM 380 C  CD  B DLY B 2 9  ? 0.971   2.626   -5.452  0.50 10.31  ? 9   DLY B CD  1 
HETATM 381 C  CE  A DLY B 2 9  ? 2.893   2.159   -7.119  0.50 14.53  ? 9   DLY B CE  1 
HETATM 382 C  CE  B DLY B 2 9  ? 2.286   2.404   -6.282  0.50 13.17  ? 9   DLY B CE  1 
HETATM 383 N  NZ  A DLY B 2 9  ? 2.217   1.907   -8.456  0.50 18.04  ? 9   DLY B NZ  1 
HETATM 384 N  NZ  B DLY B 2 9  ? 2.202   1.860   -7.678  0.50 12.02  ? 9   DLY B NZ  1 
HETATM 385 N  N   . DSN B 2 10 ? -0.354  6.653   -8.192  1.00 6.03   ? 10  DSN B N   1 
HETATM 386 C  CA  . DSN B 2 10 ? -1.298  6.693   -9.298  1.00 5.83   ? 10  DSN B CA  1 
HETATM 387 C  C   . DSN B 2 10 ? -2.446  7.644   -9.005  1.00 5.31   ? 10  DSN B C   1 
HETATM 388 O  O   . DSN B 2 10 ? -3.499  7.473   -9.640  1.00 7.41   ? 10  DSN B O   1 
HETATM 389 C  CB  . DSN B 2 10 ? -0.671  7.078   -10.635 1.00 7.14   ? 10  DSN B CB  1 
HETATM 390 O  OG  . DSN B 2 10 ? -0.105  8.351   -10.595 1.00 8.68   ? 10  DSN B OG  1 
HETATM 391 N  N   . DAR B 2 11 ? -2.277  8.595   -8.076  1.00 4.75   ? 11  DAR B N   1 
HETATM 392 C  CA  . DAR B 2 11 ? -3.315  9.544   -7.709  1.00 4.95   ? 11  DAR B CA  1 
HETATM 393 C  CB  . DAR B 2 11 ? -2.759  10.987  -7.662  1.00 5.14   ? 11  DAR B CB  1 
HETATM 394 C  CG  . DAR B 2 11 ? -2.309  11.474  -9.054  1.00 4.99   ? 11  DAR B CG  1 
HETATM 395 C  CD  . DAR B 2 11 ? -3.436  11.578  -10.109 1.00 4.26   ? 11  DAR B CD  1 
HETATM 396 N  NE  . DAR B 2 11 ? -4.389  12.592  -9.740  1.00 4.41   ? 11  DAR B NE  1 
HETATM 397 C  CZ  . DAR B 2 11 ? -5.679  12.581  -10.052 1.00 3.89   ? 11  DAR B CZ  1 
HETATM 398 N  NH1 . DAR B 2 11 ? -6.375  13.676  -9.805  1.00 4.50   ? 11  DAR B NH1 1 
HETATM 399 N  NH2 . DAR B 2 11 ? -6.240  11.527  -10.620 1.00 4.60   ? 11  DAR B NH2 1 
HETATM 400 C  C   . DAR B 2 11 ? -4.039  9.138   -6.421  1.00 5.74   ? 11  DAR B C   1 
HETATM 401 O  O   . DAR B 2 11 ? -5.056  9.730   -6.049  1.00 7.45   ? 11  DAR B O   1 
HETATM 402 N  N   . DCY B 2 12 ? -3.581  8.044   -5.807  1.00 5.36   ? 12  DCY B N   1 
HETATM 403 C  CA  . DCY B 2 12 ? -4.327  7.499   -4.649  1.00 5.09   ? 12  DCY B CA  1 
HETATM 404 C  C   . DCY B 2 12 ? -5.492  6.575   -5.135  1.00 5.57   ? 12  DCY B C   1 
HETATM 405 O  O   . DCY B 2 12 ? -5.554  5.365   -4.860  1.00 7.84   ? 12  DCY B O   1 
HETATM 406 C  CB  . DCY B 2 12 ? -3.395  6.747   -3.733  1.00 4.75   ? 12  DCY B CB  1 
HETATM 407 S  SG  . DCY B 2 12 ? -2.175  7.809   -2.908  1.00 4.90   ? 12  DCY B SG  1 
HETATM 408 N  N   . DTH B 2 13 ? -6.418  7.196   -5.822  1.00 6.75   ? 13  DTH B N   1 
HETATM 409 C  CA  . DTH B 2 13 ? -7.468  6.434   -6.482  1.00 7.34   ? 13  DTH B CA  1 
HETATM 410 C  CB  . DTH B 2 13 ? -8.145  7.409   -7.460  1.00 9.54   ? 13  DTH B CB  1 
HETATM 411 C  CG2 . DTH B 2 13 ? -7.183  7.883   -8.537  1.00 10.69  ? 13  DTH B CG2 1 
HETATM 412 O  OG1 . DTH B 2 13 ? -8.811  8.426   -6.705  1.00 7.98   ? 13  DTH B OG1 1 
HETATM 413 C  C   . DTH B 2 13 ? -8.506  5.856   -5.461  1.00 6.48   ? 13  DTH B C   1 
HETATM 414 O  O   . DTH B 2 13 ? -8.770  6.478   -4.403  1.00 6.29   ? 13  DTH B O   1 
HETATM 415 N  N   . DAL B 2 14 ? -9.150  4.713   -5.774  1.00 7.91   ? 14  DAL B N   1 
HETATM 416 C  CA  . DAL B 2 14 ? -10.208 4.241   -4.912  1.00 7.64   ? 14  DAL B CA  1 
HETATM 417 C  CB  . DAL B 2 14 ? -10.755 2.868   -5.327  1.00 11.02  ? 14  DAL B CB  1 
HETATM 418 C  C   . DAL B 2 14 ? -11.322 5.273   -4.753  1.00 6.02   ? 14  DAL B C   1 
HETATM 419 O  O   . DAL B 2 14 ? -11.915 5.343   -3.665  1.00 6.83   ? 14  DAL B O   1 
HETATM 420 N  N   . DPN B 2 15 ? -11.627 6.022   -5.811  1.00 5.57   ? 15  DPN B N   1 
HETATM 421 C  CA  . DPN B 2 15 ? -12.614 7.067   -5.744  1.00 7.83   ? 15  DPN B CA  1 
HETATM 422 C  C   . DPN B 2 15 ? -12.359 7.913   -4.542  1.00 5.61   ? 15  DPN B C   1 
HETATM 423 O  O   . DPN B 2 15 ? -13.355 8.119   -3.754  1.00 6.94   ? 15  DPN B O   1 
HETATM 424 C  CB  . DPN B 2 15 ? -12.494 7.859   -7.092  1.00 7.57   ? 15  DPN B CB  1 
HETATM 425 C  CG  . DPN B 2 15 ? -13.288 9.118   -7.068  1.00 7.02   ? 15  DPN B CG  1 
HETATM 426 C  CD1 . DPN B 2 15 ? -14.680 9.100   -7.227  1.00 8.70   ? 15  DPN B CD1 1 
HETATM 427 C  CD2 . DPN B 2 15 ? -12.650 10.377  -7.062  1.00 7.76   ? 15  DPN B CD2 1 
HETATM 428 C  CE1 . DPN B 2 15 ? -15.369 10.320  -7.241  1.00 8.26   ? 15  DPN B CE1 1 
HETATM 429 C  CE2 . DPN B 2 15 ? -13.391 11.523  -7.052  1.00 8.22   ? 15  DPN B CE2 1 
HETATM 430 C  CZ  . DPN B 2 15 ? -14.745 11.526  -7.168  1.00 7.71   ? 15  DPN B CZ  1 
HETATM 431 N  N   . DGN B 2 16 ? -11.120 8.413   -4.411  1.00 4.94   ? 16  DGN B N   1 
HETATM 432 C  CA  . DGN B 2 16 ? -10.759 9.279   -3.282  1.00 4.74   ? 16  DGN B CA  1 
HETATM 433 C  C   . DGN B 2 16 ? -10.712 8.561   -1.939  1.00 4.61   ? 16  DGN B C   1 
HETATM 434 O  O   . DGN B 2 16 ? -11.223 9.036   -0.932  1.00 5.25   ? 16  DGN B O   1 
HETATM 435 C  CB  . DGN B 2 16 ? -9.424  9.968   -3.494  1.00 5.48   ? 16  DGN B CB  1 
HETATM 436 C  CG  . DGN B 2 16 ? -9.400  10.967  -4.664  1.00 5.32   ? 16  DGN B CG  1 
HETATM 437 C  CD  . DGN B 2 16 ? -10.270 12.183  -4.387  1.00 5.36   ? 16  DGN B CD  1 
HETATM 438 O  OE1 . DGN B 2 16 ? -10.825 12.367  -3.322  1.00 5.99   ? 16  DGN B OE1 1 
HETATM 439 N  NE2 . DGN B 2 16 ? -10.350 13.046  -5.402  1.00 6.96   ? 16  DGN B NE2 1 
HETATM 440 N  N   . DCY B 2 17 ? -10.108 7.341   -1.925  1.00 4.44   ? 17  DCY B N   1 
HETATM 441 C  CA  . DCY B 2 17 ? -9.987  6.613   -0.683  1.00 4.43   ? 17  DCY B CA  1 
HETATM 442 C  C   . DCY B 2 17 ? -11.313 6.352   -0.038  1.00 5.14   ? 17  DCY B C   1 
HETATM 443 O  O   . DCY B 2 17 ? -11.391 6.361   1.175   1.00 6.78   ? 17  DCY B O   1 
HETATM 444 C  CB  . DCY B 2 17 ? -9.292  5.279   -0.854  1.00 6.03   ? 17  DCY B CB  1 
HETATM 445 S  SG  . DCY B 2 17 ? -7.526  5.378   -1.232  1.00 5.96   ? 17  DCY B SG  1 
HETATM 446 N  N   . DLY B 2 18 ? -12.361 6.145   -0.845  1.00 5.09   ? 18  DLY B N   1 
HETATM 447 C  CA  . DLY B 2 18 ? -13.651 5.852   -0.260  1.00 5.84   ? 18  DLY B CA  1 
HETATM 448 C  C   . DLY B 2 18 ? -14.333 6.997   0.434   1.00 5.23   ? 18  DLY B C   1 
HETATM 449 O  O   . DLY B 2 18 ? -15.218 6.758   1.243   1.00 8.45   ? 18  DLY B O   1 
HETATM 450 C  CB  . DLY B 2 18 ? -14.538 5.142   -1.212  1.00 7.85   ? 18  DLY B CB  1 
HETATM 451 C  CG  . DLY B 2 18 ? -13.936 3.792   -1.665  1.00 10.39  ? 18  DLY B CG  1 
HETATM 452 C  CD  . DLY B 2 18 ? -13.504 2.695   -0.617  1.00 11.19  ? 18  DLY B CD  1 
HETATM 453 C  CE  . DLY B 2 18 ? -12.741 1.508   -1.271  1.00 12.43  ? 18  DLY B CE  1 
HETATM 454 N  NZ  . DLY B 2 18 ? -12.576 0.444   -0.408  1.00 14.56  ? 18  DLY B NZ  1 
HETATM 455 N  N   . DHI B 2 19 ? -13.980 8.240   0.084   1.00 4.46   ? 19  DHI B N   1 
HETATM 456 C  CA  A DHI B 2 19 ? -14.806 9.287   0.686   0.70 4.48   ? 19  DHI B CA  1 
HETATM 457 C  CA  B DHI B 2 19 ? -14.760 9.557   0.183   0.30 3.80   ? 19  DHI B CA  1 
HETATM 458 C  C   . DHI B 2 19 ? -14.110 10.586  1.048   1.00 5.08   ? 19  DHI B C   1 
HETATM 459 O  O   . DHI B 2 19 ? -14.744 11.470  1.610   1.00 7.12   ? 19  DHI B O   1 
HETATM 460 C  CB  A DHI B 2 19 ? -15.933 9.656   -0.262  0.70 5.14   ? 19  DHI B CB  1 
HETATM 461 C  CB  B DHI B 2 19 ? -15.591 10.013  -0.980  0.30 3.76   ? 19  DHI B CB  1 
HETATM 462 C  CG  A DHI B 2 19 ? -15.473 10.561  -1.363  0.70 5.15   ? 19  DHI B CG  1 
HETATM 463 C  CG  B DHI B 2 19 ? -16.260 8.853   -1.671  0.30 4.36   ? 19  DHI B CG  1 
HETATM 464 N  ND1 A DHI B 2 19 ? -14.610 10.211  -2.383  0.70 6.60   ? 19  DHI B ND1 1 
HETATM 465 N  ND1 B DHI B 2 19 ? -17.115 8.031   -1.022  0.30 4.47   ? 19  DHI B ND1 1 
HETATM 466 C  CD2 A DHI B 2 19 ? -15.746 11.867  -1.548  0.70 5.25   ? 19  DHI B CD2 1 
HETATM 467 C  CD2 B DHI B 2 19 ? -16.139 8.348   -2.969  0.30 5.54   ? 19  DHI B CD2 1 
HETATM 468 C  CE1 A DHI B 2 19 ? -14.337 11.300  -3.128  0.70 9.36   ? 19  DHI B CE1 1 
HETATM 469 C  CE1 B DHI B 2 19 ? -17.685 7.111   -1.931  0.30 3.67   ? 19  DHI B CE1 1 
HETATM 470 N  NE2 A DHI B 2 19 ? -15.088 12.310  -2.668  0.70 7.41   ? 19  DHI B NE2 1 
HETATM 471 N  NE2 B DHI B 2 19 ? -16.939 7.209   -3.067  0.30 5.05   ? 19  DHI B NE2 1 
HETATM 472 N  N   . DSN B 2 20 ? -12.783 10.672  0.892   1.00 3.87   ? 20  DSN B N   1 
HETATM 473 C  CA  . DSN B 2 20 ? -12.041 11.877  1.350   1.00 3.65   ? 20  DSN B CA  1 
HETATM 474 C  C   . DSN B 2 20 ? -11.152 11.501  2.492   1.00 3.65   ? 20  DSN B C   1 
HETATM 475 O  O   . DSN B 2 20 ? -10.204 10.692  2.372   1.00 3.69   ? 20  DSN B O   1 
HETATM 476 C  CB  . DSN B 2 20 ? -11.209 12.419  0.205   1.00 4.02   ? 20  DSN B CB  1 
HETATM 477 O  OG  . DSN B 2 20 ? -10.220 13.329  0.682   1.00 4.47   ? 20  DSN B OG  1 
HETATM 478 N  N   . MED B 2 21 ? -11.386 12.136  3.626   1.00 3.66   ? 21  MED B N   1 
HETATM 479 C  CA  A MED B 2 21 ? -10.565 11.896  4.823   0.50 3.53   ? 21  MED B CA  1 
HETATM 480 C  CA  B MED B 2 21 ? -10.573 11.925  4.801   0.50 3.64   ? 21  MED B CA  1 
HETATM 481 C  C   . MED B 2 21 ? -9.151  12.381  4.605   1.00 3.38   ? 21  MED B C   1 
HETATM 482 O  O   . MED B 2 21 ? -8.194  11.793  5.136   1.00 4.00   ? 21  MED B O   1 
HETATM 483 C  CB  A MED B 2 21 ? -11.128 12.525  6.088   0.50 4.68   ? 21  MED B CB  1 
HETATM 484 C  CB  B MED B 2 21 ? -11.176 12.528  6.032   0.50 5.07   ? 21  MED B CB  1 
HETATM 485 C  CG  A MED B 2 21 ? -12.419 11.956  6.528   0.50 7.27   ? 21  MED B CG  1 
HETATM 486 C  CG  B MED B 2 21 ? -10.940 11.828  7.295   0.50 6.83   ? 21  MED B CG  1 
HETATM 487 S  SD  A MED B 2 21 ? -12.506 10.171  6.584   0.50 19.40  ? 21  MED B SD  1 
HETATM 488 S  SD  B MED B 2 21 ? -11.388 10.098  7.493   0.50 16.47  ? 21  MED B SD  1 
HETATM 489 C  CE  A MED B 2 21 ? -11.358 10.075  7.444   0.50 4.46   ? 21  MED B CE  1 
HETATM 490 C  CE  B MED B 2 21 ? -12.603 9.888   6.377   0.50 8.22   ? 21  MED B CE  1 
HETATM 491 N  N   . DLY B 2 22 ? -8.957  13.467  3.819   1.00 3.33   ? 22  DLY B N   1 
HETATM 492 C  CA  . DLY B 2 22 ? -7.617  13.924  3.562   1.00 3.66   ? 22  DLY B CA  1 
HETATM 493 C  C   . DLY B 2 22 ? -6.798  12.866  2.801   1.00 3.58   ? 22  DLY B C   1 
HETATM 494 O  O   . DLY B 2 22 ? -5.606  12.643  3.071   1.00 3.60   ? 22  DLY B O   1 
HETATM 495 C  CB  . DLY B 2 22 ? -7.644  15.287  2.834   1.00 4.54   ? 22  DLY B CB  1 
HETATM 496 C  CG  . DLY B 2 22 ? -8.040  16.379  3.775   1.00 5.04   ? 22  DLY B CG  1 
HETATM 497 C  CD  . DLY B 2 22 ? -8.363  17.680  3.024   1.00 7.27   ? 22  DLY B CD  1 
HETATM 498 C  CE  . DLY B 2 22 ? -8.813  18.783  4.036   1.00 8.46   ? 22  DLY B CE  1 
HETATM 499 N  NZ  . DLY B 2 22 ? -9.355  19.980  3.369   1.00 11.81  ? 22  DLY B NZ  1 
HETATM 500 N  N   . DTY B 2 23 ? -7.433  12.202  1.809   1.00 3.61   ? 23  DTY B N   1 
HETATM 501 C  CA  A DTY B 2 23 ? -6.830  11.056  1.162   0.50 3.91   ? 23  DTY B CA  1 
HETATM 502 C  CA  B DTY B 2 23 ? -6.715  11.160  1.133   0.50 3.48   ? 23  DTY B CA  1 
HETATM 503 C  C   . DTY B 2 23 ? -6.488  9.982   2.097   1.00 3.71   ? 23  DTY B C   1 
HETATM 504 O  O   . DTY B 2 23 ? -5.389  9.407   2.116   1.00 4.16   ? 23  DTY B O   1 
HETATM 505 C  CB  A DTY B 2 23 ? -7.632  10.562  -0.054  0.50 2.92   ? 23  DTY B CB  1 
HETATM 506 C  CB  B DTY B 2 23 ? -7.277  10.803  -0.238  0.50 3.93   ? 23  DTY B CB  1 
HETATM 507 C  CG  A DTY B 2 23 ? -7.191  11.371  -1.244  0.50 2.83   ? 23  DTY B CG  1 
HETATM 508 C  CG  B DTY B 2 23 ? -7.086  11.879  -1.349  0.50 4.40   ? 23  DTY B CG  1 
HETATM 509 C  CD1 A DTY B 2 23 ? -6.306  10.847  -2.212  0.50 3.07   ? 23  DTY B CD1 1 
HETATM 510 C  CD1 B DTY B 2 23 ? -5.889  12.051  -2.030  0.50 5.91   ? 23  DTY B CD1 1 
HETATM 511 C  CD2 A DTY B 2 23 ? -7.632  12.683  -1.494  0.50 3.35   ? 23  DTY B CD2 1 
HETATM 512 C  CD2 B DTY B 2 23 ? -8.033  12.828  -1.640  0.50 4.49   ? 23  DTY B CD2 1 
HETATM 513 C  CE1 A DTY B 2 23 ? -5.880  11.581  -3.311  0.50 4.18   ? 23  DTY B CE1 1 
HETATM 514 C  CE1 B DTY B 2 23 ? -5.684  13.043  -2.967  0.50 6.35   ? 23  DTY B CE1 1 
HETATM 515 C  CE2 A DTY B 2 23 ? -7.205  13.418  -2.590  0.50 3.47   ? 23  DTY B CE2 1 
HETATM 516 C  CE2 B DTY B 2 23 ? -7.842  13.806  -2.622  0.50 5.90   ? 23  DTY B CE2 1 
HETATM 517 C  CZ  A DTY B 2 23 ? -6.314  12.840  -3.533  0.50 3.90   ? 23  DTY B CZ  1 
HETATM 518 C  CZ  B DTY B 2 23 ? -6.668  13.955  -3.233  0.50 6.61   ? 23  DTY B CZ  1 
HETATM 519 O  OH  A DTY B 2 23 ? -5.868  13.517  -4.626  0.50 4.77   ? 23  DTY B OH  1 
HETATM 520 O  OH  B DTY B 2 23 ? -6.423  14.948  -4.172  0.50 6.25   ? 23  DTY B OH  1 
HETATM 521 N  N   . DAR B 2 24 ? -7.492  9.571   2.877   1.00 3.51   ? 24  DAR B N   1 
HETATM 522 C  CA  . DAR B 2 24 ? -7.339  8.434   3.777   1.00 3.82   ? 24  DAR B CA  1 
HETATM 523 C  CB  . DAR B 2 24 ? -8.663  8.110   4.443   1.00 4.15   ? 24  DAR B CB  1 
HETATM 524 C  CG  . DAR B 2 24 ? -9.738  7.626   3.505   1.00 4.84   ? 24  DAR B CG  1 
HETATM 525 C  CD  . DAR B 2 24 ? -11.139 7.643   4.181   1.00 5.92   ? 24  DAR B CD  1 
HETATM 526 N  NE  . DAR B 2 24 ? -11.320 6.555   5.146   1.00 7.24   ? 24  DAR B NE  1 
HETATM 527 C  CZ  . DAR B 2 24 ? -11.654 5.296   4.815   1.00 6.37   ? 24  DAR B CZ  1 
HETATM 528 N  NH1 . DAR B 2 24 ? -11.801 4.925   3.579   1.00 7.06   ? 24  DAR B NH1 1 
HETATM 529 N  NH2 . DAR B 2 24 ? -11.877 4.414   5.775   1.00 9.51   ? 24  DAR B NH2 1 
HETATM 530 C  C   . DAR B 2 24 ? -6.263  8.634   4.805   1.00 3.72   ? 24  DAR B C   1 
HETATM 531 O  O   . DAR B 2 24 ? -5.577  7.658   5.177   1.00 4.92   ? 24  DAR B O   1 
HETATM 532 N  N   . DLE B 2 25 ? -6.146  9.870   5.313   1.00 3.45   ? 25  DLE B N   1 
HETATM 533 C  CA  . DLE B 2 25 ? -5.366  10.104  6.541   1.00 3.85   ? 25  DLE B CA  1 
HETATM 534 C  CB  . DLE B 2 25 ? -6.207  10.771  7.613   1.00 3.89   ? 25  DLE B CB  1 
HETATM 535 C  CG  . DLE B 2 25 ? -7.451  10.009  8.022   1.00 4.40   ? 25  DLE B CG  1 
HETATM 536 C  CD1 . DLE B 2 25 ? -8.233  10.772  9.072   1.00 5.97   ? 25  DLE B CD1 1 
HETATM 537 C  CD2 . DLE B 2 25 ? -7.134  8.622   8.518   1.00 6.01   ? 25  DLE B CD2 1 
HETATM 538 C  C   . DLE B 2 25 ? -4.119  10.925  6.328   1.00 4.30   ? 25  DLE B C   1 
HETATM 539 O  O   . DLE B 2 25 ? -3.254  10.925  7.209   1.00 5.18   ? 25  DLE B O   1 
HETATM 540 N  N   . DSN B 2 26 ? -4.013  11.666  5.225   1.00 4.04   ? 26  DSN B N   1 
HETATM 541 C  CA  . DSN B 2 26 ? -2.851  12.500  4.960   1.00 4.38   ? 26  DSN B CA  1 
HETATM 542 C  C   . DSN B 2 26 ? -2.057  11.978  3.742   1.00 4.03   ? 26  DSN B C   1 
HETATM 543 O  O   . DSN B 2 26 ? -0.854  11.671  3.872   1.00 5.05   ? 26  DSN B O   1 
HETATM 544 C  CB  . DSN B 2 26 ? -3.187  13.949  4.805   1.00 5.33   ? 26  DSN B CB  1 
HETATM 545 O  OG  . DSN B 2 26 ? -1.997  14.646  4.607   1.00 6.72   ? 26  DSN B OG  1 
HETATM 546 N  N   . DPN B 2 27 ? -2.673  11.914  2.587   1.00 3.53   ? 27  DPN B N   1 
HETATM 547 C  CA  . DPN B 2 27 ? -1.939  11.728  1.333   1.00 3.63   ? 27  DPN B CA  1 
HETATM 548 C  C   . DPN B 2 27 ? -1.715  10.271  0.924   1.00 3.33   ? 27  DPN B C   1 
HETATM 549 O  O   . DPN B 2 27 ? -0.716  9.993   0.240   1.00 4.08   ? 27  DPN B O   1 
HETATM 550 C  CB  . DPN B 2 27 ? -2.652  12.487  0.180   1.00 3.95   ? 27  DPN B CB  1 
HETATM 551 C  CG  . DPN B 2 27 ? -2.760  13.938  0.500   1.00 4.58   ? 27  DPN B CG  1 
HETATM 552 C  CD1 . DPN B 2 27 ? -3.972  14.553  0.826   1.00 5.56   ? 27  DPN B CD1 1 
HETATM 553 C  CD2 . DPN B 2 27 ? -1.632  14.767  0.538   1.00 5.52   ? 27  DPN B CD2 1 
HETATM 554 C  CE1 . DPN B 2 27 ? -4.060  15.918  1.154   1.00 6.43   ? 27  DPN B CE1 1 
HETATM 555 C  CE2 . DPN B 2 27 ? -1.687  16.079  0.901   1.00 6.39   ? 27  DPN B CE2 1 
HETATM 556 C  CZ  . DPN B 2 27 ? -2.917  16.648  1.204   1.00 6.51   ? 27  DPN B CZ  1 
HETATM 557 N  N   . DCY B 2 28 ? -2.671  9.411   1.284   1.00 3.57   ? 28  DCY B N   1 
HETATM 558 C  CA  . DCY B 2 28 ? -2.692  8.066   0.763   1.00 3.67   ? 28  DCY B CA  1 
HETATM 559 C  C   . DCY B 2 28 ? -2.978  7.061   1.906   1.00 3.75   ? 28  DCY B C   1 
HETATM 560 O  O   . DCY B 2 28 ? -3.729  6.115   1.773   1.00 4.18   ? 28  DCY B O   1 
HETATM 561 C  CB  . DCY B 2 28 ? -3.761  7.923   -0.301  1.00 3.97   ? 28  DCY B CB  1 
HETATM 562 S  SG  . DCY B 2 28 ? -3.409  8.964   -1.760  1.00 4.20   ? 28  DCY B SG  1 
HETATM 563 N  N   . DAR B 2 29 ? -2.279  7.231   3.043   1.00 4.25   ? 29  DAR B N   1 
HETATM 564 C  CA  . DAR B 2 29 ? -2.528  6.334   4.168   1.00 4.38   ? 29  DAR B CA  1 
HETATM 565 C  CB  . DAR B 2 29 ? -1.678  6.705   5.360   1.00 4.74   ? 29  DAR B CB  1 
HETATM 566 C  CG  . DAR B 2 29 ? -2.088  8.028   5.987   1.00 4.54   ? 29  DAR B CG  1 
HETATM 567 C  CD  . DAR B 2 29 ? -1.174  8.399   7.184   1.00 5.69   ? 29  DAR B CD  1 
HETATM 568 N  NE  . DAR B 2 29 ? -1.377  7.608   8.396   1.00 6.39   ? 29  DAR B NE  1 
HETATM 569 C  CZ  . DAR B 2 29 ? -2.178  7.948   9.361   1.00 5.97   ? 29  DAR B CZ  1 
HETATM 570 N  NH1 . DAR B 2 29 ? -2.998  8.919   9.241   1.00 5.79   ? 29  DAR B NH1 1 
HETATM 571 N  NH2 . DAR B 2 29 ? -2.184  7.205   10.436  1.00 8.49   ? 29  DAR B NH2 1 
HETATM 572 C  C   . DAR B 2 29 ? -2.280  4.856   3.782   1.00 4.23   ? 29  DAR B C   1 
HETATM 573 O  O   . DAR B 2 29 ? -2.938  3.960   4.275   1.00 5.04   ? 29  DAR B O   1 
HETATM 574 N  N   . DLY B 2 30 ? -1.224  4.613   3.025   1.00 3.94   ? 30  DLY B N   1 
HETATM 575 C  CA  A DLY B 2 30 ? -0.835  3.292   2.629   0.50 4.13   ? 30  DLY B CA  1 
HETATM 576 C  CA  B DLY B 2 30 ? -0.865  3.325   2.573   0.50 4.34   ? 30  DLY B CA  1 
HETATM 577 C  C   . DLY B 2 30 ? -1.876  2.718   1.612   1.00 3.85   ? 30  DLY B C   1 
HETATM 578 O  O   . DLY B 2 30 ? -2.446  1.617   1.763   1.00 4.64   ? 30  DLY B O   1 
HETATM 579 C  CB  A DLY B 2 30 ? 0.573   3.234   2.057   0.50 4.38   ? 30  DLY B CB  1 
HETATM 580 C  CB  B DLY B 2 30 ? 0.555   3.208   2.078   0.50 4.51   ? 30  DLY B CB  1 
HETATM 581 C  CG  A DLY B 2 30 ? 0.935   1.820   1.584   0.50 4.93   ? 30  DLY B CG  1 
HETATM 582 C  CG  B DLY B 2 30 ? 0.925   1.805   1.609   0.50 5.01   ? 30  DLY B CG  1 
HETATM 583 C  CD  A DLY B 2 30 ? 2.309   1.797   1.003   0.50 6.80   ? 30  DLY B CD  1 
HETATM 584 C  CD  B DLY B 2 30 ? 2.297   1.806   0.986   0.50 6.83   ? 30  DLY B CD  1 
HETATM 585 C  CE  A DLY B 2 30 ? 2.724   0.402   0.601   0.50 7.48   ? 30  DLY B CE  1 
HETATM 586 C  CE  B DLY B 2 30 ? 2.812   0.417   0.637   0.50 8.10   ? 30  DLY B CE  1 
HETATM 587 N  NZ  A DLY B 2 30 ? 3.964   0.448   -0.184  0.50 4.49   ? 30  DLY B NZ  1 
HETATM 588 N  NZ  B DLY B 2 30 ? 4.252   0.179   1.108   0.50 10.54  ? 30  DLY B NZ  1 
HETATM 589 N  N   . DTH B 2 31 ? -2.050  3.431   0.492   1.00 3.78   ? 31  DTH B N   1 
HETATM 590 C  CA  . DTH B 2 31 ? -2.955  2.885   -0.535  1.00 4.51   ? 31  DTH B CA  1 
HETATM 591 C  CB  . DTH B 2 31 ? -2.786  3.676   -1.815  1.00 4.77   ? 31  DTH B CB  1 
HETATM 592 C  CG2 . DTH B 2 31 ? -3.872  3.267   -2.810  1.00 5.95   ? 31  DTH B CG2 1 
HETATM 593 O  OG1 . DTH B 2 31 ? -1.510  3.504   -2.385  1.00 5.87   ? 31  DTH B OG1 1 
HETATM 594 C  C   . DTH B 2 31 ? -4.367  2.751   -0.025  1.00 4.30   ? 31  DTH B C   1 
HETATM 595 O  O   . DTH B 2 31 ? -5.061  1.808   -0.378  1.00 5.04   ? 31  DTH B O   1 
HETATM 596 N  N   . DCY B 2 32 ? -4.864  3.690   0.767   1.00 4.36   ? 32  DCY B N   1 
HETATM 597 C  CA  . DCY B 2 32 ? -6.189  3.630   1.253   1.00 4.62   ? 32  DCY B CA  1 
HETATM 598 C  C   . DCY B 2 32 ? -6.336  2.651   2.399   1.00 6.25   ? 32  DCY B C   1 
HETATM 599 O  O   . DCY B 2 32 ? -7.455  2.316   2.747   1.00 8.79   ? 32  DCY B O   1 
HETATM 600 C  CB  . DCY B 2 32 ? -6.685  5.011   1.734   1.00 5.19   ? 32  DCY B CB  1 
HETATM 601 S  SG  . DCY B 2 32 ? -6.768  6.266   0.407   1.00 5.48   ? 32  DCY B SG  1 
ATOM   602 N  N   . GLY B 2 33 ? -5.252  2.098   2.957   1.00 5.71   ? 33  GLY B N   1 
ATOM   603 C  CA  . GLY B 2 33 ? -5.333  1.056   3.980   1.00 6.39   ? 33  GLY B CA  1 
ATOM   604 C  C   . GLY B 2 33 ? -5.462  1.545   5.386   1.00 6.96   ? 33  GLY B C   1 
ATOM   605 O  O   . GLY B 2 33 ? -5.852  0.779   6.261   1.00 9.70   ? 33  GLY B O   1 
HETATM 606 N  N   . DTH B 2 34 ? -5.165  2.809   5.655   1.00 6.26   ? 34  DTH B N   1 
HETATM 607 C  CA  . DTH B 2 34 ? -5.153  3.390   6.988   1.00 6.57   ? 34  DTH B CA  1 
HETATM 608 C  CB  . DTH B 2 34 ? -5.061  4.895   6.892   1.00 6.62   ? 34  DTH B CB  1 
HETATM 609 C  CG2 . DTH B 2 34 ? -4.869  5.625   8.310   1.00 8.72   ? 34  DTH B CG2 1 
HETATM 610 O  OG1 . DTH B 2 34 ? -6.187  5.342   6.180   1.00 8.76   ? 34  DTH B OG1 1 
HETATM 611 C  C   . DTH B 2 34 ? -4.017  2.853   7.863   1.00 6.92   ? 34  DTH B C   1 
HETATM 612 O  O   . DTH B 2 34 ? -4.129  2.727   9.085   1.00 9.19   ? 34  DTH B O   1 
HETATM 613 N  N   . DCY B 2 35 ? -2.893  2.580   7.199   1.00 7.40   ? 35  DCY B N   1 
HETATM 614 C  CA  . DCY B 2 35 ? -1.837  1.831   7.802   1.00 8.16   ? 35  DCY B CA  1 
HETATM 615 C  C   . DCY B 2 35 ? -1.469  0.605   6.949   1.00 9.39   ? 35  DCY B C   1 
HETATM 616 O  O   . DCY B 2 35 ? -0.563  -0.145  7.494   1.00 11.12  ? 35  DCY B O   1 
HETATM 617 C  CB  . DCY B 2 35 ? -0.663  2.728   8.033   1.00 9.68   ? 35  DCY B CB  1 
HETATM 618 S  SG  . DCY B 2 35 ? -0.005  3.536   6.503   1.00 8.80   ? 35  DCY B SG  1 
HETATM 619 O  OXT . DCY B 2 35 ? -2.054  0.484   5.920   1.00 9.24   ? 35  DCY B OXT 1 
HETATM 620 S  S   . SO4 C 3 .  ? 11.819  -16.125 -3.676  1.00 4.36   ? 101 SO4 A S   1 
HETATM 621 O  O1  . SO4 C 3 .  ? 11.221  -16.388 -4.996  1.00 7.08   ? 101 SO4 A O1  1 
HETATM 622 O  O2  . SO4 C 3 .  ? 12.537  -17.272 -3.229  1.00 8.28   ? 101 SO4 A O2  1 
HETATM 623 O  O3  . SO4 C 3 .  ? 10.737  -15.653 -2.797  1.00 4.85   ? 101 SO4 A O3  1 
HETATM 624 O  O4  . SO4 C 3 .  ? 12.794  -15.028 -3.872  1.00 5.01   ? 101 SO4 A O4  1 
HETATM 625 S  S   . SO4 D 3 .  ? -9.328  -1.526  -1.855  1.00 11.02  ? 102 SO4 A S   1 
HETATM 626 O  O1  . SO4 D 3 .  ? -10.021 -1.842  -3.119  1.00 17.67  ? 102 SO4 A O1  1 
HETATM 627 O  O2  . SO4 D 3 .  ? -8.500  -2.735  -1.578  1.00 13.47  ? 102 SO4 A O2  1 
HETATM 628 O  O3  . SO4 D 3 .  ? -8.440  -0.398  -1.984  1.00 14.81  ? 102 SO4 A O3  1 
HETATM 629 O  O4  . SO4 D 3 .  ? -10.232 -1.349  -0.713  1.00 16.12  ? 102 SO4 A O4  1 
HETATM 630 S  S   . SO4 E 3 .  ? 17.986  -7.697  7.955   1.00 19.46  ? 103 SO4 A S   1 
HETATM 631 O  O1  . SO4 E 3 .  ? 17.018  -8.400  8.696   1.00 22.00  ? 103 SO4 A O1  1 
HETATM 632 O  O2  . SO4 E 3 .  ? 18.970  -8.428  7.418   1.00 18.75  ? 103 SO4 A O2  1 
HETATM 633 O  O3  . SO4 E 3 .  ? 17.266  -7.065  6.788   1.00 28.86  ? 103 SO4 A O3  1 
HETATM 634 O  O4  . SO4 E 3 .  ? 18.441  -6.464  8.695   1.00 38.83  ? 103 SO4 A O4  1 
HETATM 635 LI LI  . LI  F 4 .  ? 4.706   -14.363 5.976   1.00 7.39   ? 104 LI  A LI  1 
HETATM 636 LI LI  . LI  G 4 .  ? 4.032   -13.186 13.209  1.00 7.52   ? 105 LI  A LI  1 
HETATM 637 LI LI  . LI  H 4 .  ? -1.187  -3.386  12.522  1.00 61.99  ? 106 LI  A LI  1 
HETATM 638 S  S   . SO4 I 3 .  ? -12.050 15.629  3.415   1.00 4.25   ? 101 SO4 B S   1 
HETATM 639 O  O1  . SO4 I 3 .  ? -13.012 14.542  3.625   1.00 5.13   ? 101 SO4 B O1  1 
HETATM 640 O  O2  . SO4 I 3 .  ? -10.963 15.200  2.537   1.00 4.71   ? 101 SO4 B O2  1 
HETATM 641 O  O3  . SO4 I 3 .  ? -12.719 16.778  2.655   1.00 5.90   ? 101 SO4 B O3  1 
HETATM 642 O  O4  . SO4 I 3 .  ? -11.465 16.193  4.616   1.00 6.64   ? 101 SO4 B O4  1 
HETATM 643 C  C1  . GOL J 5 .  ? 1.108   16.606  6.142   1.00 10.80  ? 102 GOL B C1  1 
HETATM 644 O  O1  . GOL J 5 .  ? 0.040   17.356  6.777   1.00 13.67  ? 102 GOL B O1  1 
HETATM 645 C  C2  . GOL J 5 .  ? 1.203   15.146  6.569   1.00 10.44  ? 102 GOL B C2  1 
HETATM 646 O  O2  . GOL J 5 .  ? 2.134   14.278  5.796   1.00 11.76  ? 102 GOL B O2  1 
HETATM 647 C  C3  . GOL J 5 .  ? 1.439   15.103  8.074   1.00 9.65   ? 102 GOL B C3  1 
HETATM 648 O  O3  . GOL J 5 .  ? 2.724   15.622  8.338   1.00 13.84  ? 102 GOL B O3  1 
HETATM 649 LI LI  . LI  K 4 .  ? 2.228   3.702   9.578   1.00 8.14   ? 103 LI  B LI  1 
HETATM 650 O  O   . HOH L 6 .  ? 16.437  -6.274  5.570   1.00 25.01  ? 201 HOH A O   1 
HETATM 651 O  O   . HOH L 6 .  ? -10.948 0.573   -8.216  1.00 89.28  ? 202 HOH A O   1 
HETATM 652 O  O   . HOH L 6 .  ? -5.935  -2.863  -0.871  1.00 19.37  ? 203 HOH A O   1 
HETATM 653 O  O   . HOH L 6 .  ? 14.107  -3.999  6.460   1.00 30.82  ? 204 HOH A O   1 
HETATM 654 O  O   . HOH L 6 .  ? 10.720  -5.770  8.406   1.00 13.14  ? 205 HOH A O   1 
HETATM 655 O  O   . HOH L 6 .  ? 8.392   -5.367  -7.567  1.00 19.25  ? 206 HOH A O   1 
HETATM 656 O  O   . HOH L 6 .  ? 6.154   -12.542 6.658   1.00 8.82   ? 207 HOH A O   1 
HETATM 657 O  O   . HOH L 6 .  ? -9.092  2.190   -1.756  1.00 17.48  ? 208 HOH A O   1 
HETATM 658 O  O   . HOH L 6 .  ? 1.488   -0.058  -3.673  1.00 6.65   ? 209 HOH A O   1 
HETATM 659 O  O   . HOH L 6 .  ? 0.865   -1.483  2.994   1.00 10.90  ? 210 HOH A O   1 
HETATM 660 O  O   A HOH L 6 .  ? 1.449   -17.819 -4.835  0.50 6.32   ? 211 HOH A O   1 
HETATM 661 O  O   B HOH L 6 .  ? 2.651   -17.905 -5.042  0.50 16.71  ? 211 HOH A O   1 
HETATM 662 O  O   . HOH L 6 .  ? -2.531  -4.213  -9.893  1.00 34.68  ? 212 HOH A O   1 
HETATM 663 O  O   . HOH L 6 .  ? -2.421  -7.561  -6.437  1.00 10.47  ? 213 HOH A O   1 
HETATM 664 O  O   . HOH L 6 .  ? -3.125  -4.907  2.264   1.00 7.45   ? 214 HOH A O   1 
HETATM 665 O  O   . HOH L 6 .  ? -0.172  -9.533  -3.620  1.00 6.28   ? 215 HOH A O   1 
HETATM 666 O  O   . HOH L 6 .  ? 4.942   -9.359  11.050  1.00 6.23   ? 216 HOH A O   1 
HETATM 667 O  O   . HOH L 6 .  ? -0.724  -15.240 -3.325  1.00 6.87   ? 217 HOH A O   1 
HETATM 668 O  O   . HOH L 6 .  ? -1.133  -12.356 -6.279  1.00 6.58   ? 218 HOH A O   1 
HETATM 669 O  O   . HOH L 6 .  ? 7.994   -3.858  7.774   1.00 18.71  ? 219 HOH A O   1 
HETATM 670 O  O   . HOH L 6 .  ? 9.310   -5.827  9.711   1.00 56.34  ? 220 HOH A O   1 
HETATM 671 O  O   . HOH L 6 .  ? 10.080  -9.442  9.625   1.00 13.29  ? 221 HOH A O   1 
HETATM 672 O  O   . HOH L 6 .  ? 3.258   -4.104  6.758   1.00 21.93  ? 222 HOH A O   1 
HETATM 673 O  O   . HOH L 6 .  ? 4.597   0.294   -8.750  1.00 27.18  ? 223 HOH A O   1 
HETATM 674 O  O   . HOH L 6 .  ? -1.471  1.121   -6.345  1.00 12.92  ? 224 HOH A O   1 
HETATM 675 O  O   . HOH L 6 .  ? -3.722  -2.074  2.465   1.00 9.28   ? 225 HOH A O   1 
HETATM 676 O  O   . HOH L 6 .  ? 0.573   -12.658 -8.421  1.00 6.98   ? 226 HOH A O   1 
HETATM 677 O  O   . HOH L 6 .  ? 10.412  -7.003  -8.186  1.00 12.38  ? 227 HOH A O   1 
HETATM 678 O  O   . HOH L 6 .  ? -1.343  -6.606  -8.922  1.00 10.58  ? 228 HOH A O   1 
HETATM 679 O  O   . HOH L 6 .  ? 8.271   -17.042 4.314   0.50 5.83   ? 229 HOH A O   1 
HETATM 680 O  O   . HOH L 6 .  ? 9.570   -3.042  -1.400  1.00 19.74  ? 230 HOH A O   1 
HETATM 681 O  O   . HOH L 6 .  ? -3.846  -7.332  3.644   0.50 7.53   ? 231 HOH A O   1 
HETATM 682 O  O   . HOH L 6 .  ? 0.375   -5.354  -11.312 1.00 58.33  ? 232 HOH A O   1 
HETATM 683 O  O   . HOH L 6 .  ? 6.815   -3.408  4.405   1.00 59.02  ? 233 HOH A O   1 
HETATM 684 O  O   . HOH L 6 .  ? -3.391  -0.330  -4.072  1.00 14.85  ? 234 HOH A O   1 
HETATM 685 O  O   . HOH L 6 .  ? -4.626  -5.088  -0.107  1.00 7.78   ? 235 HOH A O   1 
HETATM 686 O  O   A HOH L 6 .  ? 8.827   -12.034 7.522   0.50 9.56   ? 236 HOH A O   1 
HETATM 687 O  O   B HOH L 6 .  ? 8.589   -13.249 7.651   0.50 7.70   ? 236 HOH A O   1 
HETATM 688 O  O   . HOH L 6 .  ? -4.690  -0.603  9.270   1.00 78.42  ? 237 HOH A O   1 
HETATM 689 O  O   . HOH L 6 .  ? -4.712  -0.587  -8.608  1.00 28.09  ? 238 HOH A O   1 
HETATM 690 O  O   . HOH L 6 .  ? -10.061 -6.981  -8.299  1.00 36.57  ? 239 HOH A O   1 
HETATM 691 O  O   A HOH L 6 .  ? 0.392   -11.995 -10.985 0.50 7.03   ? 240 HOH A O   1 
HETATM 692 O  O   B HOH L 6 .  ? 1.536   -11.845 -10.575 0.50 11.25  ? 240 HOH A O   1 
HETATM 693 O  O   . HOH L 6 .  ? 8.778   -2.821  -7.848  1.00 24.50  ? 241 HOH A O   1 
HETATM 694 O  O   . HOH L 6 .  ? 13.397  -4.994  8.607   1.00 34.69  ? 242 HOH A O   1 
HETATM 695 O  O   . HOH L 6 .  ? -5.543  -7.640  5.763   0.50 10.46  ? 243 HOH A O   1 
HETATM 696 O  O   . HOH L 6 .  ? -2.504  -7.969  -11.030 1.00 7.07   ? 244 HOH A O   1 
HETATM 697 O  O   . HOH L 6 .  ? -0.776  -18.269 -3.130  1.00 9.53   ? 245 HOH A O   1 
HETATM 698 O  O   . HOH L 6 .  ? 9.051   -2.758  1.211   1.00 13.65  ? 246 HOH A O   1 
HETATM 699 O  O   . HOH L 6 .  ? -9.367  -6.609  -10.899 1.00 23.74  ? 247 HOH A O   1 
HETATM 700 O  O   . HOH L 6 .  ? 0.785   -13.761 -12.188 1.00 32.49  ? 248 HOH A O   1 
HETATM 701 O  O   . HOH M 6 .  ? -17.773 7.013   -2.020  0.50 5.42   ? 201 HOH B O   1 
HETATM 702 O  O   . HOH M 6 .  ? -16.174 7.420   -4.203  0.50 6.62   ? 202 HOH B O   1 
HETATM 703 O  O   . HOH M 6 .  ? 1.340   3.855   -9.586  1.00 15.67  ? 203 HOH B O   1 
HETATM 704 O  O   . HOH M 6 .  ? 5.513   2.391   1.450   1.00 9.03   ? 204 HOH B O   1 
HETATM 705 O  O   . HOH M 6 .  ? 5.912   7.803   7.291   1.00 62.37  ? 205 HOH B O   1 
HETATM 706 O  O   . HOH M 6 .  ? -1.996  17.305  4.676   1.00 14.82  ? 206 HOH B O   1 
HETATM 707 O  O   . HOH M 6 .  ? -1.720  -0.438  3.411   1.00 7.09   ? 207 HOH B O   1 
HETATM 708 O  O   . HOH M 6 .  ? -9.603  2.750   1.166   1.00 10.04  ? 208 HOH B O   1 
HETATM 709 O  O   . HOH M 6 .  ? 0.406   -0.139  10.045  1.00 41.04  ? 209 HOH B O   1 
HETATM 710 O  O   . HOH M 6 .  ? -9.992  22.106  4.960   1.00 90.01  ? 210 HOH B O   1 
HETATM 711 O  O   . HOH M 6 .  ? -5.306  8.855   -11.196 1.00 7.18   ? 211 HOH B O   1 
HETATM 712 O  O   . HOH M 6 .  ? -5.870  3.613   11.028  1.00 45.52  ? 212 HOH B O   1 
HETATM 713 O  O   . HOH M 6 .  ? 0.818   11.847  6.059   1.00 10.39  ? 213 HOH B O   1 
HETATM 714 O  O   . HOH M 6 .  ? 2.561   7.866   -11.150 1.00 19.77  ? 214 HOH B O   1 
HETATM 715 O  O   A HOH M 6 .  ? -8.992  10.953  -7.824  0.50 7.13   ? 215 HOH B O   1 
HETATM 716 O  O   B HOH M 6 .  ? -9.049  12.249  -7.771  0.50 12.52  ? 215 HOH B O   1 
HETATM 717 O  O   . HOH M 6 .  ? -6.543  11.862  -7.039  1.00 8.37   ? 216 HOH B O   1 
HETATM 718 O  O   . HOH M 6 .  ? -1.047  1.062   -3.648  1.00 11.74  ? 217 HOH B O   1 
HETATM 719 O  O   A HOH M 6 .  ? 3.553   1.601   -2.705  0.50 5.95   ? 218 HOH B O   1 
HETATM 720 O  O   B HOH M 6 .  ? 3.417   1.956   -3.451  0.50 9.86   ? 218 HOH B O   1 
HETATM 721 O  O   . HOH M 6 .  ? -0.069  8.940   3.496   1.00 6.34   ? 219 HOH B O   1 
HETATM 722 O  O   . HOH M 6 .  ? -1.029  4.801   11.397  1.00 15.08  ? 220 HOH B O   1 
HETATM 723 O  O   . HOH M 6 .  ? 0.555   14.754  3.137   1.00 9.39   ? 221 HOH B O   1 
HETATM 724 O  O   . HOH M 6 .  ? -11.419 6.671   7.993   1.00 49.58  ? 222 HOH B O   1 
HETATM 725 O  O   . HOH M 6 .  ? -11.479 5.118   -8.522  1.00 25.86  ? 223 HOH B O   1 
HETATM 726 O  O   . HOH M 6 .  ? -8.955  1.437   5.045   1.00 24.08  ? 224 HOH B O   1 
HETATM 727 O  O   . HOH M 6 .  ? 2.387   6.506   -9.116  1.00 13.54  ? 225 HOH B O   1 
HETATM 728 O  O   . HOH M 6 .  ? 1.209   6.149   8.575   1.00 8.71   ? 226 HOH B O   1 
HETATM 729 O  O   . HOH M 6 .  ? -17.094 5.868   -5.743  1.00 30.69  ? 227 HOH B O   1 
HETATM 730 O  O   . HOH M 6 .  ? 2.409   6.928   6.366   1.00 14.77  ? 228 HOH B O   1 
HETATM 731 O  O   . HOH M 6 .  ? 4.315   4.601   -0.145  1.00 6.51   ? 229 HOH B O   1 
HETATM 732 O  O   . HOH M 6 .  ? 1.067   -1.849  5.564   1.00 36.47  ? 230 HOH B O   1 
HETATM 733 O  O   . HOH M 6 .  ? 3.482   0.537   -10.875 1.00 82.62  ? 231 HOH B O   1 
HETATM 734 O  O   . HOH M 6 .  ? -8.677  3.761   5.273   1.00 31.86  ? 232 HOH B O   1 
HETATM 735 O  O   . HOH M 6 .  ? -6.815  21.235  2.054   1.00 126.59 ? 233 HOH B O   1 
HETATM 736 O  O   . HOH M 6 .  ? -8.869  -0.119  7.058   1.00 28.95  ? 234 HOH B O   1 
HETATM 737 O  O   . HOH M 6 .  ? -8.335  3.826   -8.951  1.00 33.62  ? 235 HOH B O   1 
HETATM 738 O  O   . HOH M 6 .  ? -4.349  12.579  -13.552 1.00 11.24  ? 236 HOH B O   1 
HETATM 739 O  O   . HOH M 6 .  ? -14.768 4.352   -6.608  1.00 33.45  ? 237 HOH B O   1 
HETATM 740 O  O   . HOH M 6 .  ? -9.378  2.570   7.833   1.00 61.15  ? 238 HOH B O   1 
HETATM 741 O  O   . HOH M 6 .  ? -18.478 4.577   -0.525  1.00 6.65   ? 239 HOH B O   1 
HETATM 742 O  O   . HOH M 6 .  ? -0.644  11.430  10.821  1.00 11.98  ? 240 HOH B O   1 
HETATM 743 O  O   . HOH M 6 .  ? -10.068 8.843   -10.348 1.00 19.21  ? 241 HOH B O   1 
HETATM 744 O  O   . HOH M 6 .  ? 0.485   17.733  2.838   1.00 11.18  ? 242 HOH B O   1 
HETATM 745 O  O   . HOH M 6 .  ? 2.604   9.693   5.999   1.00 11.89  ? 243 HOH B O   1 
HETATM 746 O  O   . HOH M 6 .  ? -3.737  9.861   -13.282 1.00 20.92  ? 244 HOH B O   1 
HETATM 747 O  O   . HOH M 6 .  ? -9.414  6.116   -10.464 1.00 57.02  ? 245 HOH B O   1 
HETATM 748 O  O   . HOH M 6 .  ? -9.680  -1.515  3.870   1.00 34.86  ? 246 HOH B O   1 
HETATM 749 O  O   . HOH M 6 .  ? 0.540   2.464   11.300  1.00 18.95  ? 247 HOH B O   1 
HETATM 750 O  O   . HOH M 6 .  ? 5.286   10.639  5.251   1.00 16.67  ? 248 HOH B O   1 
HETATM 751 O  O   . HOH M 6 .  ? 1.528   2.424   13.577  1.00 20.67  ? 249 HOH B O   1 
HETATM 752 O  O   . HOH M 6 .  ? -0.584  14.002  11.718  1.00 14.27  ? 250 HOH B O   1 
HETATM 753 O  O   . HOH M 6 .  ? -14.825 6.966   -9.943  1.00 10.81  ? 251 HOH B O   1 
HETATM 754 O  O   . HOH M 6 .  ? -2.493  13.420  -15.458 1.00 23.49  ? 252 HOH B O   1 
HETATM 755 O  O   . HOH M 6 .  ? -6.678  14.639  -15.924 1.00 18.57  ? 253 HOH B O   1 
HETATM 756 O  O   . HOH M 6 .  ? 3.013   1.191   16.588  1.00 121.42 ? 254 HOH B O   1 
# 
loop_
_atom_site_anisotrop.id 
_atom_site_anisotrop.type_symbol 
_atom_site_anisotrop.pdbx_label_atom_id 
_atom_site_anisotrop.pdbx_label_alt_id 
_atom_site_anisotrop.pdbx_label_comp_id 
_atom_site_anisotrop.pdbx_label_asym_id 
_atom_site_anisotrop.pdbx_label_seq_id 
_atom_site_anisotrop.pdbx_PDB_ins_code 
_atom_site_anisotrop.U[1][1] 
_atom_site_anisotrop.U[2][2] 
_atom_site_anisotrop.U[3][3] 
_atom_site_anisotrop.U[1][2] 
_atom_site_anisotrop.U[1][3] 
_atom_site_anisotrop.U[2][3] 
_atom_site_anisotrop.pdbx_auth_seq_id 
_atom_site_anisotrop.pdbx_auth_comp_id 
_atom_site_anisotrop.pdbx_auth_asym_id 
_atom_site_anisotrop.pdbx_auth_atom_id 
1   N  N   . ARG A 1  ? 0.1541 0.4598 0.4403 0.0766  0.0358  0.0081  1   ARG A N   
2   C  CA  . ARG A 1  ? 0.1536 0.3398 0.2011 0.0803  -0.0594 -0.0427 1   ARG A CA  
3   C  C   . ARG A 1  ? 0.1727 0.3050 0.1113 0.0246  0.0068  0.0054  1   ARG A C   
4   O  O   . ARG A 1  ? 0.2629 0.4210 0.1444 -0.0962 0.0790  -0.0008 1   ARG A O   
5   C  CB  . ARG A 1  ? 0.2530 0.3089 0.2017 0.0455  -0.0794 -0.0535 1   ARG A CB  
6   C  CG  . ARG A 1  ? 0.2001 0.1321 0.1255 0.0353  -0.0317 -0.0457 1   ARG A CG  
7   C  CD  . ARG A 1  ? 0.1786 0.0861 0.1298 0.0050  0.0031  -0.0278 1   ARG A CD  
8   N  NE  . ARG A 1  ? 0.1358 0.0718 0.1330 0.0024  0.0040  -0.0143 1   ARG A NE  
9   C  CZ  . ARG A 1  ? 0.0797 0.0873 0.1045 -0.0008 -0.0197 -0.0191 1   ARG A CZ  
10  N  NH1 . ARG A 1  ? 0.1105 0.0780 0.0906 -0.0198 -0.0089 -0.0242 1   ARG A NH1 
11  N  NH2 . ARG A 1  ? 0.0747 0.0627 0.1602 -0.0030 -0.0062 -0.0207 1   ARG A NH2 
12  N  N   . SER A 2  ? 0.1249 0.1693 0.1043 0.0068  -0.0299 0.0004  2   SER A N   
13  C  CA  . SER A 2  ? 0.1223 0.1413 0.1196 -0.0250 -0.0258 -0.0224 2   SER A CA  
14  C  C   . SER A 2  ? 0.1531 0.1328 0.1100 -0.0087 -0.0303 0.0181  2   SER A C   
15  O  O   . SER A 2  ? 0.1748 0.1147 0.1957 -0.0260 -0.0488 -0.0490 2   SER A O   
16  C  CB  . SER A 2  ? 0.1259 0.2239 0.1057 -0.0257 -0.0225 -0.0303 2   SER A CB  
17  O  OG  . SER A 2  ? 0.1717 0.3146 0.0962 -0.0092 -0.0112 0.0174  2   SER A OG  
18  N  N   . CYS A 3  ? 0.1022 0.0944 0.0801 0.0093  -0.0129 0.0015  3   CYS A N   
19  C  CA  . CYS A 3  ? 0.0972 0.1146 0.0760 0.0183  -0.0246 0.0133  3   CYS A CA  
20  C  C   . CYS A 3  ? 0.0899 0.0761 0.0865 0.0000  -0.0217 -0.0110 3   CYS A C   
21  O  O   . CYS A 3  ? 0.2185 0.0779 0.0912 0.0298  -0.0338 -0.0168 3   CYS A O   
22  C  CB  . CYS A 3  ? 0.1115 0.0946 0.1015 0.0116  -0.0391 0.0028  3   CYS A CB  
23  S  SG  . CYS A 3  ? 0.1152 0.1080 0.1031 0.0083  -0.0239 -0.0034 3   CYS A SG  
24  N  N   . ILE A 4  ? 0.0728 0.0989 0.0818 0.0180  -0.0102 0.0054  4   ILE A N   
25  C  CA  . ILE A 4  ? 0.0659 0.0845 0.0831 0.0047  -0.0034 -0.0189 4   ILE A CA  
26  C  C   . ILE A 4  ? 0.0739 0.0885 0.0792 0.0105  0.0195  0.0011  4   ILE A C   
27  O  O   . ILE A 4  ? 0.1238 0.1539 0.0787 0.0594  0.0265  0.0169  4   ILE A O   
28  C  CB  . ILE A 4  ? 0.0795 0.1633 0.0560 -0.0142 -0.0122 -0.0363 4   ILE A CB  
29  C  CG1 . ILE A 4  ? 0.1553 0.1540 0.0849 -0.0624 -0.0066 -0.0247 4   ILE A CG1 
30  C  CG2 . ILE A 4  ? 0.0573 0.2677 0.1801 0.0055  -0.0214 -0.0070 4   ILE A CG2 
31  C  CD1 . ILE A 4  ? 0.1555 0.2226 0.1346 -0.0732 -0.0185 -0.0332 4   ILE A CD1 
32  N  N   . ASP A 5  ? 0.0556 0.0514 0.0884 -0.0012 0.0233  0.0004  5   ASP A N   
33  C  CA  . ASP A 5  ? 0.0645 0.0528 0.0810 0.0003  0.0220  0.0027  5   ASP A CA  
34  C  C   . ASP A 5  ? 0.0447 0.0575 0.1310 -0.0038 0.0176  0.0034  5   ASP A C   
35  O  O   . ASP A 5  ? 0.0584 0.0704 0.2003 -0.0045 0.0475  -0.0050 5   ASP A O   
36  C  CB  . ASP A 5  ? 0.0688 0.0480 0.0628 0.0045  0.0220  0.0007  5   ASP A CB  
37  C  CG  . ASP A 5  ? 0.0567 0.0506 0.0613 0.0008  0.0098  0.0057  5   ASP A CG  
38  O  OD1 . ASP A 5  ? 0.0607 0.0405 0.0694 -0.0025 0.0186  -0.0028 5   ASP A OD1 
39  O  OD2 . ASP A 5  ? 0.0752 0.0730 0.0807 -0.0043 0.0165  -0.0133 5   ASP A OD2 
40  N  N   . THR A 6  ? 0.0392 0.0544 0.0530 -0.0076 -0.0055 0.0045  6   THR A N   
41  C  CA  . THR A 6  ? 0.0460 0.0542 0.0452 -0.0094 0.0073  -0.0021 6   THR A CA  
42  C  C   . THR A 6  ? 0.0463 0.0445 0.0462 -0.0051 -0.0011 -0.0117 6   THR A C   
43  O  O   . THR A 6  ? 0.0561 0.0523 0.0489 -0.0154 0.0043  -0.0042 6   THR A O   
44  C  CB  . THR A 6  ? 0.0591 0.0599 0.0487 -0.0155 -0.0044 -0.0025 6   THR A CB  
45  O  OG1 . THR A 6  ? 0.0511 0.0724 0.0641 -0.0041 0.0013  -0.0166 6   THR A OG1 
46  C  CG2 . THR A 6  ? 0.0709 0.0853 0.0418 -0.0187 -0.0054 -0.0072 6   THR A CG2 
47  N  N   . ILE A 7  ? 0.0578 0.0542 0.0397 -0.0167 -0.0008 -0.0085 7   ILE A N   
48  C  CA  . ILE A 7  ? 0.0609 0.0520 0.0448 -0.0144 0.0032  0.0016  7   ILE A CA  
49  C  C   . ILE A 7  ? 0.0724 0.0496 0.0489 -0.0049 -0.0029 -0.0025 7   ILE A C   
50  O  O   . ILE A 7  ? 0.0980 0.0517 0.0431 -0.0116 0.0070  -0.0027 7   ILE A O   
51  C  CB  . ILE A 7  ? 0.0726 0.0491 0.0385 -0.0118 -0.0046 -0.0016 7   ILE A CB  
52  C  CG1 . ILE A 7  ? 0.0697 0.0594 0.0492 -0.0097 0.0083  0.0062  7   ILE A CG1 
53  C  CG2 . ILE A 7  ? 0.0889 0.0610 0.0500 0.0027  -0.0015 -0.0063 7   ILE A CG2 
54  C  CD1 . ILE A 7  ? 0.0655 0.0769 0.0400 -0.0124 -0.0031 -0.0004 7   ILE A CD1 
55  N  N   . PRO A 8  ? 0.0710 0.0581 0.0504 -0.0002 0.0014  -0.0025 8   PRO A N   
56  C  CA  . PRO A 8  ? 0.0858 0.0697 0.0506 0.0016  0.0015  -0.0120 8   PRO A CA  
57  C  C   . PRO A 8  ? 0.0786 0.0734 0.0512 0.0067  -0.0032 -0.0150 8   PRO A C   
58  O  O   . PRO A 8  ? 0.0832 0.0713 0.0510 0.0023  -0.0044 -0.0186 8   PRO A O   
59  C  CB  . PRO A 8  ? 0.1205 0.1294 0.0603 -0.0132 0.0049  0.0000  8   PRO A CB  
60  C  CG  . PRO A 8  ? 0.1186 0.0974 0.0619 -0.0083 0.0296  0.0004  8   PRO A CG  
61  C  CD  . PRO A 8  ? 0.0974 0.0728 0.0504 -0.0006 0.0079  0.0080  8   PRO A CD  
62  N  N   . LYS A 9  ? 0.0675 0.0696 0.0741 -0.0065 -0.0180 -0.0143 9   LYS A N   
63  C  CA  . LYS A 9  ? 0.0767 0.0787 0.0733 -0.0228 -0.0128 -0.0105 9   LYS A CA  
64  C  C   . LYS A 9  ? 0.0993 0.0589 0.0583 -0.0002 -0.0255 -0.0227 9   LYS A C   
65  O  O   . LYS A 9  ? 0.0893 0.0606 0.0756 -0.0060 -0.0225 -0.0086 9   LYS A O   
66  C  CB  . LYS A 9  ? 0.1541 0.1134 0.1394 -0.0466 -0.0492 0.0323  9   LYS A CB  
67  C  CG  . LYS A 9  ? 0.2021 0.1258 0.1589 -0.0121 -0.0493 0.0119  9   LYS A CG  
68  C  CD  . LYS A 9  ? 0.3153 0.1157 0.1487 0.0122  -0.0136 0.0118  9   LYS A CD  
69  C  CE  . LYS A 9  ? 0.3163 0.1832 0.1425 -0.1155 0.0298  -0.0454 9   LYS A CE  
70  N  NZ  . LYS A 9  ? 0.3242 0.2589 0.2232 0.0590  -0.0753 -0.0191 9   LYS A NZ  
71  N  N   . SER A 10 ? 0.0750 0.0667 0.0631 0.0087  -0.0070 -0.0259 10  SER A N   
72  C  CA  . SER A 10 ? 0.1059 0.0848 0.0568 0.0129  -0.0246 -0.0406 10  SER A CA  
73  C  C   . SER A 10 ? 0.0973 0.0885 0.0532 0.0081  -0.0196 -0.0142 10  SER A C   
74  O  O   . SER A 10 ? 0.0978 0.1102 0.0617 0.0163  -0.0297 -0.0272 10  SER A O   
75  C  CB  . SER A 10 ? 0.1048 0.1161 0.0724 0.0093  -0.0022 -0.0305 10  SER A CB  
76  O  OG  . SER A 10 ? 0.1316 0.1014 0.0725 -0.0057 0.0147  -0.0188 10  SER A OG  
77  N  N   . ARG A 11 ? 0.0842 0.0697 0.0451 0.0155  -0.0072 -0.0090 11  ARG A N   
78  C  CA  . ARG A 11 ? 0.0792 0.0667 0.0493 0.0071  0.0008  -0.0071 11  ARG A CA  
79  C  C   . ARG A 11 ? 0.0857 0.0752 0.0527 0.0097  -0.0043 -0.0022 11  ARG A C   
80  O  O   . ARG A 11 ? 0.1130 0.0842 0.0537 0.0237  0.0133  0.0079  11  ARG A O   
81  C  CB  . ARG A 11 ? 0.0705 0.0686 0.0578 0.0057  -0.0177 -0.0147 11  ARG A CB  
82  C  CG  . ARG A 11 ? 0.0494 0.0616 0.0728 -0.0098 -0.0031 -0.0115 11  ARG A CG  
83  C  CD  . ARG A 11 ? 0.0656 0.0586 0.0593 -0.0023 0.0088  0.0044  11  ARG A CD  
84  N  NE  . ARG A 11 ? 0.0616 0.0519 0.0447 -0.0064 -0.0067 -0.0056 11  ARG A NE  
85  C  CZ  . ARG A 11 ? 0.0616 0.0495 0.0452 -0.0097 0.0003  0.0021  11  ARG A CZ  
86  N  NH1 . ARG A 11 ? 0.0756 0.0483 0.0525 -0.0032 -0.0061 -0.0085 11  ARG A NH1 
87  N  NH2 . ARG A 11 ? 0.0537 0.0574 0.0623 -0.0008 -0.0118 -0.0100 11  ARG A NH2 
88  N  N   . CYS A 12 ? 0.0758 0.0681 0.0486 0.0149  -0.0007 -0.0070 12  CYS A N   
89  C  CA  . CYS A 12 ? 0.0771 0.0622 0.0602 0.0040  -0.0076 -0.0065 12  CYS A CA  
90  C  C   . CYS A 12 ? 0.0744 0.0789 0.0680 0.0048  -0.0095 -0.0095 12  CYS A C   
91  O  O   . CYS A 12 ? 0.1279 0.0733 0.1427 0.0067  -0.0671 -0.0129 12  CYS A O   
92  C  CB  . CYS A 12 ? 0.0827 0.0671 0.0502 -0.0004 -0.0098 0.0061  12  CYS A CB  
93  S  SG  . CYS A 12 ? 0.0637 0.0668 0.0502 -0.0044 0.0071  0.0033  12  CYS A SG  
94  N  N   . ALO A 13 ? 0.0805 0.1023 0.0419 0.0115  0.0101  -0.0043 13  ALO A N   
95  C  CA  . ALO A 13 ? 0.0826 0.1551 0.0583 0.0151  0.0169  -0.0266 13  ALO A CA  
96  C  CB  . ALO A 13 ? 0.0738 0.2442 0.0717 0.0380  -0.0005 0.0158  13  ALO A CB  
97  C  CG2 . ALO A 13 ? 0.1075 0.2776 0.1598 0.0224  0.0423  0.0267  13  ALO A CG2 
98  O  OG1 . ALO A 13 ? 0.1190 0.2926 0.1378 0.0212  0.0020  0.0156  13  ALO A OG1 
99  C  C   . ALO A 13 ? 0.0695 0.0897 0.0715 0.0021  0.0042  -0.0350 13  ALO A C   
100 O  O   . ALO A 13 ? 0.0782 0.0845 0.0780 -0.0068 0.0178  -0.0430 13  ALO A O   
101 N  N   . ALA A 14 ? 0.0821 0.0899 0.1151 0.0098  0.0083  -0.0404 14  ALA A N   
102 C  CA  . ALA A 14 ? 0.1096 0.0635 0.1609 0.0067  0.0115  -0.0125 14  ALA A CA  
103 C  C   . ALA A 14 ? 0.0709 0.0701 0.0942 -0.0143 -0.0081 -0.0282 14  ALA A C   
104 O  O   . ALA A 14 ? 0.0777 0.0949 0.0962 -0.0207 0.0015  -0.0006 14  ALA A O   
105 C  CB  . ALA A 14 ? 0.1334 0.0835 0.2607 -0.0242 0.0399  -0.0572 14  ALA A CB  
106 N  N   . PHE A 15 ? 0.0791 0.0891 0.0780 0.0007  -0.0082 -0.0180 15  PHE A N   
107 C  CA  . PHE A 15 ? 0.0591 0.1113 0.0706 0.0021  -0.0071 -0.0255 15  PHE A CA  
108 C  C   . PHE A 15 ? 0.0732 0.1050 0.0593 0.0207  -0.0107 -0.0118 15  PHE A C   
109 O  O   . PHE A 15 ? 0.0569 0.1985 0.0837 0.0132  -0.0029 -0.0463 15  PHE A O   
110 C  CB  . PHE A 15 ? 0.0782 0.1212 0.0466 0.0056  -0.0143 -0.0095 15  PHE A CB  
111 C  CG  . PHE A 15 ? 0.0824 0.1259 0.0513 0.0124  -0.0085 -0.0134 15  PHE A CG  
112 C  CD1 . PHE A 15 ? 0.0887 0.1037 0.0600 0.0035  -0.0077 -0.0067 15  PHE A CD1 
113 C  CD2 . PHE A 15 ? 0.0952 0.1368 0.0879 -0.0077 -0.0478 -0.0049 15  PHE A CD2 
114 C  CE1 . PHE A 15 ? 0.0781 0.1270 0.0844 0.0087  -0.0131 0.0025  15  PHE A CE1 
115 C  CE2 . PHE A 15 ? 0.1192 0.0950 0.0717 -0.0061 -0.0204 0.0204  15  PHE A CE2 
116 C  CZ  . PHE A 15 ? 0.1047 0.1255 0.0731 0.0052  0.0188  -0.0012 15  PHE A CZ  
117 N  N   . GLN A 16 ? 0.0722 0.0702 0.0445 0.0183  -0.0085 -0.0120 16  GLN A N   
118 C  CA  . GLN A 16 ? 0.0870 0.0475 0.0489 0.0128  -0.0045 -0.0018 16  GLN A CA  
119 C  C   . GLN A 16 ? 0.0623 0.0524 0.0518 0.0044  0.0023  -0.0036 16  GLN A C   
120 O  O   . GLN A 16 ? 0.0916 0.0596 0.0525 0.0131  0.0051  -0.0040 16  GLN A O   
121 C  CB  . GLN A 16 ? 0.0820 0.0502 0.0489 0.0077  0.0045  -0.0137 16  GLN A CB  
122 C  CG  . GLN A 16 ? 0.1038 0.0634 0.0882 0.0030  0.0175  0.0039  16  GLN A CG  
123 C  CD  . GLN A 16 ? 0.0780 0.0622 0.0599 -0.0023 -0.0006 0.0074  16  GLN A CD  
124 O  OE1 . GLN A 16 ? 0.0757 0.0689 0.0778 0.0062  0.0114  0.0020  16  GLN A OE1 
125 N  NE2 . GLN A 16 ? 0.1323 0.0820 0.0346 0.0168  0.0295  0.0081  16  GLN A NE2 
126 N  N   . CYS A 17 ? 0.0638 0.0665 0.0378 0.0161  0.0044  -0.0024 17  CYS A N   
127 C  CA  . CYS A 17 ? 0.0670 0.0766 0.0615 0.0273  0.0036  0.0076  17  CYS A CA  
128 C  C   . CYS A 17 ? 0.0673 0.0679 0.0535 0.0090  -0.0041 0.0045  17  CYS A C   
129 O  O   . CYS A 17 ? 0.0808 0.1330 0.0556 0.0153  -0.0012 0.0278  17  CYS A O   
130 C  CB  . CYS A 17 ? 0.0574 0.0655 0.0725 0.0152  -0.0146 0.0080  17  CYS A CB  
131 S  SG  . CYS A 17 ? 0.0670 0.0805 0.0754 0.0177  0.0081  0.0000  17  CYS A SG  
132 N  N   A LYS A 18 ? 0.0567 0.0531 0.0573 -0.0006 0.0005  -0.0071 18  LYS A N   
133 N  N   B LYS A 18 ? 0.0572 0.0522 0.0543 -0.0025 0.0034  -0.0103 18  LYS A N   
134 C  CA  A LYS A 18 ? 0.0651 0.0620 0.0861 -0.0062 0.0105  0.0042  18  LYS A CA  
135 C  CA  B LYS A 18 ? 0.0741 0.0458 0.0783 -0.0035 0.0239  -0.0001 18  LYS A CA  
136 C  C   A LYS A 18 ? 0.0551 0.0662 0.0748 -0.0151 -0.0087 -0.0083 18  LYS A C   
137 C  C   B LYS A 18 ? 0.0674 0.0703 0.0667 0.0006  0.0267  -0.0103 18  LYS A C   
138 O  O   A LYS A 18 ? 0.0579 0.0928 0.0590 0.0039  -0.0008 -0.0235 18  LYS A O   
139 O  O   B LYS A 18 ? 0.0735 0.0572 0.1002 0.0010  0.0417  0.0048  18  LYS A O   
140 C  CB  A LYS A 18 ? 0.0524 0.0704 0.1009 0.0015  -0.0084 0.0001  18  LYS A CB  
141 C  CB  B LYS A 18 ? 0.0876 0.0883 0.0982 -0.0274 0.0266  -0.0305 18  LYS A CB  
142 C  CG  A LYS A 18 ? 0.0786 0.0732 0.1131 0.0020  -0.0152 0.0070  18  LYS A CG  
143 C  CG  B LYS A 18 ? 0.1245 0.0582 0.0969 -0.0557 0.0286  -0.0262 18  LYS A CG  
144 C  CD  A LYS A 18 ? 0.1393 0.0697 0.1088 -0.0304 -0.0277 -0.0110 18  LYS A CD  
145 C  CD  B LYS A 18 ? 0.1420 0.0771 0.1156 -0.0454 -0.0102 -0.0188 18  LYS A CD  
146 C  CE  A LYS A 18 ? 0.1781 0.1015 0.1709 0.0070  -0.0520 -0.0208 18  LYS A CE  
147 C  CE  B LYS A 18 ? 0.1478 0.0937 0.2459 0.0231  -0.0603 0.0052  18  LYS A CE  
148 N  NZ  A LYS A 18 ? 0.1720 0.0967 0.1806 0.0069  -0.0133 -0.0231 18  LYS A NZ  
149 N  NZ  B LYS A 18 ? 0.2231 0.1179 0.1785 -0.0246 0.0542  -0.0298 18  LYS A NZ  
150 N  N   . HIS A 19 ? 0.0532 0.0650 0.0656 -0.0001 -0.0003 -0.0086 19  HIS A N   
151 C  CA  A HIS A 19 ? 0.0551 0.0591 0.0497 -0.0017 -0.0101 -0.0056 19  HIS A CA  
152 C  CA  B HIS A 19 ? 0.0388 0.0544 0.0752 -0.0075 -0.0012 -0.0125 19  HIS A CA  
153 C  C   . HIS A 19 ? 0.0542 0.0544 0.0584 0.0037  -0.0096 -0.0113 19  HIS A C   
154 O  O   . HIS A 19 ? 0.0623 0.0672 0.0759 -0.0129 0.0156  -0.0189 19  HIS A O   
155 C  CB  A HIS A 19 ? 0.0430 0.0611 0.0637 -0.0041 -0.0025 -0.0031 19  HIS A CB  
156 C  CB  B HIS A 19 ? 0.0456 0.0577 0.0545 -0.0073 0.0044  -0.0108 19  HIS A CB  
157 C  CG  A HIS A 19 ? 0.0526 0.0722 0.0406 0.0075  -0.0199 -0.0113 19  HIS A CG  
158 C  CG  B HIS A 19 ? 0.0321 0.0588 0.0601 -0.0063 0.0057  -0.0085 19  HIS A CG  
159 N  ND1 A HIS A 19 ? 0.1030 0.0803 0.0558 0.0250  0.0047  -0.0062 19  HIS A ND1 
160 N  ND1 B HIS A 19 ? 0.0304 0.0628 0.0506 -0.0122 0.0017  -0.0179 19  HIS A ND1 
161 C  CD2 A HIS A 19 ? 0.0805 0.0597 0.0613 0.0077  0.0057  -0.0079 19  HIS A CD2 
162 C  CD2 B HIS A 19 ? 0.0573 0.0834 0.0610 -0.0199 0.0057  -0.0077 19  HIS A CD2 
163 C  CE1 A HIS A 19 ? 0.0921 0.1106 0.0567 0.0280  0.0307  0.0080  19  HIS A CE1 
164 C  CE1 B HIS A 19 ? 0.0347 0.0351 0.0390 -0.0023 0.0069  -0.0032 19  HIS A CE1 
165 N  NE2 A HIS A 19 ? 0.1189 0.0944 0.0582 0.0264  0.0070  0.0125  19  HIS A NE2 
166 N  NE2 B HIS A 19 ? 0.0551 0.0901 0.0527 -0.0281 0.0169  -0.0116 19  HIS A NE2 
167 N  N   . SER A 20 ? 0.0441 0.0501 0.0464 0.0037  -0.0043 -0.0205 20  SER A N   
168 C  CA  . SER A 20 ? 0.0468 0.0438 0.0472 0.0016  -0.0090 -0.0134 20  SER A CA  
169 C  C   . SER A 20 ? 0.0419 0.0479 0.0320 -0.0055 0.0030  -0.0018 20  SER A C   
170 O  O   . SER A 20 ? 0.0507 0.0516 0.0466 -0.0026 -0.0068 -0.0130 20  SER A O   
171 C  CB  . SER A 20 ? 0.0546 0.0497 0.0438 -0.0032 -0.0102 -0.0063 20  SER A CB  
172 O  OG  . SER A 20 ? 0.0547 0.0568 0.0477 -0.0083 0.0038  -0.0047 20  SER A OG  
173 N  N   . MET A 21 ? 0.0478 0.0454 0.0404 -0.0012 0.0007  -0.0091 21  MET A N   
174 C  CA  . MET A 21 ? 0.0543 0.0527 0.0327 -0.0040 0.0068  -0.0011 21  MET A CA  
175 C  C   . MET A 21 ? 0.0495 0.0470 0.0338 -0.0006 -0.0002 -0.0135 21  MET A C   
176 O  O   . MET A 21 ? 0.0546 0.0477 0.0365 0.0016  -0.0064 -0.0072 21  MET A O   
177 C  CB  . MET A 21 ? 0.0750 0.0725 0.0426 -0.0012 0.0172  -0.0079 21  MET A CB  
178 C  CG  . MET A 21 ? 0.0748 0.1515 0.0878 -0.0180 0.0296  0.0126  21  MET A CG  
179 S  SD  . MET A 21 ? 0.1731 0.1321 0.0784 -0.0563 0.0302  0.0185  21  MET A SD  
180 C  CE  . MET A 21 ? 0.1355 0.3659 0.1039 -0.0708 0.0081  -0.0142 21  MET A CE  
181 N  N   . LYS A 22 ? 0.0366 0.0509 0.0422 -0.0020 -0.0031 -0.0086 22  LYS A N   
182 C  CA  . LYS A 22 ? 0.0479 0.0484 0.0329 -0.0105 0.0026  -0.0043 22  LYS A CA  
183 C  C   . LYS A 22 ? 0.0493 0.0524 0.0254 -0.0055 0.0010  0.0008  22  LYS A C   
184 O  O   . LYS A 22 ? 0.0400 0.0597 0.0477 -0.0111 -0.0052 -0.0022 22  LYS A O   
185 C  CB  . LYS A 22 ? 0.0521 0.0533 0.0367 -0.0114 0.0080  -0.0030 22  LYS A CB  
186 C  CG  . LYS A 22 ? 0.0812 0.0497 0.0554 -0.0077 0.0037  -0.0086 22  LYS A CG  
187 C  CD  . LYS A 22 ? 0.1113 0.0645 0.0723 -0.0009 -0.0022 0.0012  22  LYS A CD  
188 C  CE  . LYS A 22 ? 0.2278 0.0501 0.0903 0.0117  0.0131  -0.0083 22  LYS A CE  
189 N  NZ  . LYS A 22 ? 0.1492 0.0837 0.1323 0.0107  -0.0155 0.0076  22  LYS A NZ  
190 N  N   . TYR A 23 ? 0.0357 0.0530 0.0374 -0.0083 0.0003  -0.0078 23  TYR A N   
191 C  CA  A TYR A 23 ? 0.0361 0.0559 0.0341 -0.0078 0.0032  -0.0113 23  TYR A CA  
192 C  CA  B TYR A 23 ? 0.0420 0.0521 0.0357 -0.0053 -0.0025 -0.0075 23  TYR A CA  
193 C  C   . TYR A 23 ? 0.0400 0.0581 0.0318 0.0000  -0.0010 -0.0127 23  TYR A C   
194 O  O   . TYR A 23 ? 0.0403 0.0607 0.0525 -0.0014 0.0008  -0.0107 23  TYR A O   
195 C  CB  A TYR A 23 ? 0.0482 0.0529 0.0267 -0.0007 0.0006  -0.0060 23  TYR A CB  
196 C  CB  B TYR A 23 ? 0.0519 0.0430 0.0477 -0.0093 -0.0071 -0.0132 23  TYR A CB  
197 C  CG  A TYR A 23 ? 0.0649 0.0431 0.0272 0.0106  0.0014  -0.0049 23  TYR A CG  
198 C  CG  B TYR A 23 ? 0.0684 0.0850 0.0305 -0.0017 0.0033  -0.0015 23  TYR A CG  
199 C  CD1 A TYR A 23 ? 0.0638 0.0437 0.0272 0.0121  0.0062  -0.0017 23  TYR A CD1 
200 C  CD1 B TYR A 23 ? 0.0664 0.1751 0.0655 0.0377  0.0073  0.0226  23  TYR A CD1 
201 C  CD2 A TYR A 23 ? 0.0621 0.0374 0.0388 0.0069  0.0191  -0.0025 23  TYR A CD2 
202 C  CD2 B TYR A 23 ? 0.1005 0.0683 0.0740 0.0099  0.0037  -0.0058 23  TYR A CD2 
203 C  CE1 A TYR A 23 ? 0.0735 0.0538 0.0317 0.0348  0.0139  0.0072  23  TYR A CE1 
204 C  CE1 B TYR A 23 ? 0.0779 0.1789 0.0649 0.0194  0.0342  0.0266  23  TYR A CE1 
205 C  CE2 A TYR A 23 ? 0.0594 0.0467 0.0389 0.0182  0.0156  0.0060  23  TYR A CE2 
206 C  CE2 B TYR A 23 ? 0.0691 0.1187 0.0646 -0.0055 0.0090  0.0081  23  TYR A CE2 
207 C  CZ  A TYR A 23 ? 0.0619 0.0332 0.0309 0.0158  0.0114  0.0064  23  TYR A CZ  
208 C  CZ  B TYR A 23 ? 0.0599 0.1584 0.0487 -0.0129 -0.0056 0.0065  23  TYR A CZ  
209 O  OH  A TYR A 23 ? 0.0921 0.0600 0.0393 0.0356  0.0295  0.0195  23  TYR A OH  
210 O  OH  B TYR A 23 ? 0.0941 0.2353 0.1149 -0.0497 0.0079  0.0845  23  TYR A OH  
211 N  N   . ARG A 24 ? 0.0407 0.0534 0.0369 -0.0020 -0.0023 -0.0132 24  ARG A N   
212 C  CA  . ARG A 24 ? 0.0539 0.0439 0.0468 -0.0063 -0.0059 -0.0117 24  ARG A CA  
213 C  C   . ARG A 24 ? 0.0451 0.0531 0.0432 -0.0060 0.0069  -0.0001 24  ARG A C   
214 O  O   . ARG A 24 ? 0.0517 0.0535 0.0592 0.0065  -0.0026 -0.0081 24  ARG A O   
215 C  CB  . ARG A 24 ? 0.0516 0.0616 0.0578 -0.0062 -0.0049 -0.0005 24  ARG A CB  
216 C  CG  . ARG A 24 ? 0.0455 0.0523 0.0592 -0.0119 -0.0058 -0.0013 24  ARG A CG  
217 C  CD  . ARG A 24 ? 0.0606 0.1252 0.0750 -0.0359 -0.0073 -0.0028 24  ARG A CD  
218 N  NE  . ARG A 24 ? 0.0767 0.1205 0.0586 -0.0207 0.0073  -0.0086 24  ARG A NE  
219 C  CZ  . ARG A 24 ? 0.1064 0.1099 0.0784 -0.0001 0.0024  0.0080  24  ARG A CZ  
220 N  NH1 . ARG A 24 ? 0.1421 0.0810 0.1105 -0.0374 -0.0040 0.0316  24  ARG A NH1 
221 N  NH2 . ARG A 24 ? 0.1284 0.1664 0.1122 -0.0487 -0.0220 0.0355  24  ARG A NH2 
222 N  N   . LEU A 25 ? 0.0511 0.0597 0.0263 -0.0011 0.0023  -0.0051 25  LEU A N   
223 C  CA  . LEU A 25 ? 0.0495 0.0639 0.0323 -0.0050 0.0003  -0.0025 25  LEU A CA  
224 C  C   . LEU A 25 ? 0.0627 0.0582 0.0371 -0.0033 -0.0064 -0.0050 25  LEU A C   
225 O  O   . LEU A 25 ? 0.0691 0.0891 0.0470 -0.0080 -0.0196 0.0026  25  LEU A O   
226 C  CB  . LEU A 25 ? 0.0726 0.0596 0.0324 -0.0041 0.0079  -0.0055 25  LEU A CB  
227 C  CG  . LEU A 25 ? 0.0689 0.0702 0.0427 -0.0099 0.0066  -0.0035 25  LEU A CG  
228 C  CD1 . LEU A 25 ? 0.0923 0.0737 0.0636 -0.0089 0.0216  -0.0126 25  LEU A CD1 
229 C  CD2 . LEU A 25 ? 0.1246 0.0751 0.0608 0.0147  0.0340  0.0014  25  LEU A CD2 
230 N  N   . SER A 26 ? 0.0550 0.0696 0.0300 -0.0129 -0.0080 -0.0042 26  SER A N   
231 C  CA  . SER A 26 ? 0.0517 0.0708 0.0413 -0.0089 -0.0092 -0.0041 26  SER A CA  
232 C  C   . SER A 26 ? 0.0442 0.0614 0.0381 -0.0158 -0.0061 0.0034  26  SER A C   
233 O  O   . SER A 26 ? 0.0528 0.0712 0.0570 -0.0034 -0.0127 -0.0103 26  SER A O   
234 C  CB  . SER A 26 ? 0.0625 0.0736 0.0444 -0.0060 0.0035  -0.0131 26  SER A CB  
235 O  OG  . SER A 26 ? 0.0876 0.0711 0.0805 -0.0275 0.0008  -0.0266 26  SER A OG  
236 N  N   . PHE A 27 ? 0.0470 0.0461 0.0333 -0.0086 -0.0004 -0.0097 27  PHE A N   
237 C  CA  . PHE A 27 ? 0.0494 0.0537 0.0316 -0.0063 0.0023  -0.0047 27  PHE A CA  
238 C  C   . PHE A 27 ? 0.0487 0.0584 0.0346 -0.0063 -0.0014 -0.0010 27  PHE A C   
239 O  O   . PHE A 27 ? 0.0410 0.0602 0.0506 -0.0060 0.0065  -0.0063 27  PHE A O   
240 C  CB  . PHE A 27 ? 0.0637 0.0574 0.0389 -0.0065 0.0053  0.0015  27  PHE A CB  
241 C  CG  . PHE A 27 ? 0.0731 0.0674 0.0409 0.0000  0.0183  0.0121  27  PHE A CG  
242 C  CD1 . PHE A 27 ? 0.0718 0.0605 0.0717 0.0073  0.0109  0.0255  27  PHE A CD1 
243 C  CD2 . PHE A 27 ? 0.0916 0.0612 0.0675 -0.0078 0.0177  -0.0084 27  PHE A CD2 
244 C  CE1 . PHE A 27 ? 0.0680 0.0702 0.0623 -0.0056 0.0090  0.0090  27  PHE A CE1 
245 C  CE2 . PHE A 27 ? 0.1009 0.0627 0.0798 -0.0191 0.0151  -0.0058 27  PHE A CE2 
246 C  CZ  . PHE A 27 ? 0.1054 0.0553 0.0750 -0.0109 0.0278  0.0163  27  PHE A CZ  
247 N  N   . CYS A 28 ? 0.0385 0.0427 0.0393 -0.0020 0.0072  -0.0070 28  CYS A N   
248 C  CA  . CYS A 28 ? 0.0443 0.0432 0.0460 -0.0019 0.0073  -0.0080 28  CYS A CA  
249 C  C   . CYS A 28 ? 0.0442 0.0493 0.0472 -0.0037 0.0069  -0.0022 28  CYS A C   
250 O  O   . CYS A 28 ? 0.0521 0.0463 0.0518 -0.0084 0.0032  0.0023  28  CYS A O   
251 C  CB  . CYS A 28 ? 0.0407 0.0522 0.0472 -0.0149 0.0058  -0.0065 28  CYS A CB  
252 S  SG  . CYS A 28 ? 0.0646 0.0535 0.0563 -0.0055 -0.0027 0.0020  28  CYS A SG  
253 N  N   . ARG A 29 ? 0.0527 0.0398 0.0435 -0.0067 0.0043  -0.0043 29  ARG A N   
254 C  CA  . ARG A 29 ? 0.0540 0.0581 0.0393 -0.0050 0.0076  0.0032  29  ARG A CA  
255 C  C   . ARG A 29 ? 0.0614 0.0618 0.0358 -0.0068 0.0084  0.0039  29  ARG A C   
256 O  O   . ARG A 29 ? 0.0704 0.0649 0.0748 -0.0008 0.0235  0.0062  29  ARG A O   
257 C  CB  . ARG A 29 ? 0.0636 0.0730 0.0460 0.0081  -0.0009 -0.0053 29  ARG A CB  
258 C  CG  . ARG A 29 ? 0.0790 0.0686 0.0521 0.0057  -0.0030 -0.0113 29  ARG A CG  
259 C  CD  . ARG A 29 ? 0.0696 0.0876 0.0681 0.0092  -0.0081 -0.0238 29  ARG A CD  
260 N  NE  . ARG A 29 ? 0.0956 0.1024 0.0827 0.0261  -0.0283 -0.0022 29  ARG A NE  
261 C  CZ  . ARG A 29 ? 0.0885 0.1061 0.0668 0.0213  -0.0158 -0.0163 29  ARG A CZ  
262 N  NH1 . ARG A 29 ? 0.1198 0.0904 0.1017 0.0323  -0.0129 -0.0114 29  ARG A NH1 
263 N  NH2 . ARG A 29 ? 0.0860 0.1000 0.0574 0.0142  -0.0002 -0.0020 29  ARG A NH2 
264 N  N   . LYS A 30 ? 0.0590 0.0458 0.0490 -0.0001 0.0039  -0.0016 30  LYS A N   
265 C  CA  . LYS A 30 ? 0.0591 0.0421 0.0512 0.0029  -0.0015 0.0051  30  LYS A CA  
266 C  C   . LYS A 30 ? 0.0528 0.0411 0.0643 0.0015  0.0018  0.0068  30  LYS A C   
267 O  O   . LYS A 30 ? 0.0620 0.0465 0.0690 -0.0048 0.0007  0.0063  30  LYS A O   
268 C  CB  . LYS A 30 ? 0.0600 0.0415 0.0641 -0.0012 0.0003  -0.0080 30  LYS A CB  
269 C  CG  . LYS A 30 ? 0.0636 0.0399 0.0856 0.0013  -0.0051 -0.0007 30  LYS A CG  
270 C  CD  . LYS A 30 ? 0.0778 0.0445 0.0965 -0.0028 0.0023  -0.0020 30  LYS A CD  
271 C  CE  A LYS A 30 ? 0.0788 0.0618 0.1280 0.0025  -0.0001 -0.0165 30  LYS A CE  
272 C  CE  B LYS A 30 ? 0.0787 0.0618 0.1280 0.0025  -0.0001 -0.0165 30  LYS A CE  
273 N  NZ  A LYS A 30 ? 0.0756 0.0682 0.1893 0.0002  0.0248  -0.0267 30  LYS A NZ  
274 N  NZ  B LYS A 30 ? 0.0755 0.0680 0.1894 0.0002  0.0247  -0.0268 30  LYS A NZ  
275 N  N   . THR A 31 ? 0.0544 0.0461 0.0545 -0.0016 -0.0043 -0.0053 31  THR A N   
276 C  CA  . THR A 31 ? 0.0629 0.0363 0.0563 0.0016  0.0035  -0.0010 31  THR A CA  
277 C  C   . THR A 31 ? 0.0642 0.0509 0.0630 -0.0008 -0.0046 -0.0022 31  THR A C   
278 O  O   . THR A 31 ? 0.0722 0.0590 0.0817 -0.0037 -0.0037 -0.0086 31  THR A O   
279 C  CB  . THR A 31 ? 0.0854 0.0515 0.0519 -0.0021 -0.0049 -0.0012 31  THR A CB  
280 O  OG1 . THR A 31 ? 0.0866 0.0669 0.0642 -0.0066 0.0058  -0.0169 31  THR A OG1 
281 C  CG2 . THR A 31 ? 0.0829 0.0622 0.0827 -0.0081 -0.0197 -0.0131 31  THR A CG2 
282 N  N   . CYS A 32 ? 0.0507 0.0359 0.0717 -0.0017 -0.0025 -0.0093 32  CYS A N   
283 C  CA  . CYS A 32 ? 0.0627 0.0594 0.0721 0.0077  0.0046  -0.0037 32  CYS A CA  
284 C  C   . CYS A 32 ? 0.0585 0.0605 0.0813 -0.0101 0.0016  -0.0071 32  CYS A C   
285 O  O   . CYS A 32 ? 0.0751 0.0910 0.0948 -0.0057 0.0119  0.0178  32  CYS A O   
286 C  CB  . CYS A 32 ? 0.0648 0.0473 0.0820 -0.0051 0.0074  -0.0060 32  CYS A CB  
287 S  SG  . CYS A 32 ? 0.0575 0.0556 0.0880 0.0032  0.0014  0.0013  32  CYS A SG  
288 N  N   . GLY A 33 ? 0.0693 0.0673 0.0828 0.0003  0.0001  0.0009  33  GLY A N   
289 C  CA  . GLY A 33 ? 0.0977 0.0601 0.1142 0.0042  0.0111  0.0148  33  GLY A CA  
290 C  C   . GLY A 33 ? 0.0723 0.0688 0.0870 -0.0022 0.0122  0.0281  33  GLY A C   
291 O  O   . GLY A 33 ? 0.1271 0.0852 0.0954 -0.0238 0.0323  0.0257  33  GLY A O   
292 N  N   . THR A 34 ? 0.0823 0.0649 0.0750 0.0081  0.0159  0.0200  34  THR A N   
293 C  CA  . THR A 34 ? 0.0942 0.0711 0.0763 0.0056  0.0171  0.0159  34  THR A CA  
294 C  C   . THR A 34 ? 0.1071 0.0872 0.0797 0.0229  0.0199  0.0217  34  THR A C   
295 O  O   . THR A 34 ? 0.1838 0.1627 0.0899 0.0555  0.0288  0.0501  34  THR A O   
296 C  CB  . THR A 34 ? 0.1013 0.0798 0.0861 0.0076  0.0014  0.0157  34  THR A CB  
297 O  OG1 . THR A 34 ? 0.1137 0.0773 0.1114 0.0143  -0.0052 0.0272  34  THR A OG1 
298 C  CG2 . THR A 34 ? 0.1227 0.0817 0.0981 0.0182  0.0162  0.0095  34  THR A CG2 
299 N  N   . CYS A 35 ? 0.0941 0.1013 0.0759 0.0200  0.0020  0.0151  35  CYS A N   
300 C  CA  . CYS A 35 ? 0.1069 0.0934 0.0974 0.0297  -0.0051 0.0056  35  CYS A CA  
301 C  C   . CYS A 35 ? 0.1067 0.0809 0.1145 0.0215  -0.0071 -0.0040 35  CYS A C   
302 O  O   . CYS A 35 ? 0.1322 0.0900 0.1186 0.0078  -0.0211 -0.0099 35  CYS A O   
303 C  CB  . CYS A 35 ? 0.1253 0.1058 0.1087 0.0296  -0.0137 -0.0235 35  CYS A CB  
304 S  SG  . CYS A 35 ? 0.1115 0.0977 0.1180 0.0078  -0.0180 0.0066  35  CYS A SG  
305 O  OXT . CYS A 35 ? 0.1677 0.0875 0.1888 0.0459  0.0024  0.0309  35  CYS A OXT 
306 N  N   . DAR B 1  ? 0.2844 0.3422 0.2334 0.0339  0.1007  0.0890  1   DAR B N   
307 C  CA  . DAR B 1  ? 0.2225 0.1929 0.1032 0.0372  0.0317  -0.0080 1   DAR B CA  
308 C  CB  . DAR B 1  ? 0.2709 0.1382 0.1841 0.0428  0.0364  -0.0235 1   DAR B CB  
309 C  CG  . DAR B 1  ? 0.3408 0.3116 0.3966 0.0241  -0.0075 0.0218  1   DAR B CG  
310 C  CD  . DAR B 1  ? 0.3354 0.3789 0.3145 -0.0107 0.0119  0.0280  1   DAR B CD  
311 N  NE  . DAR B 1  ? 0.2241 0.1258 0.1621 0.0335  -0.0268 0.0109  1   DAR B NE  
312 C  CZ  . DAR B 1  ? 0.2348 0.1322 0.2318 0.0023  -0.0607 0.0687  1   DAR B CZ  
313 N  NH1 . DAR B 1  ? 0.2360 0.2456 0.0891 0.0059  -0.0164 0.0360  1   DAR B NH1 
314 N  NH2 . DAR B 1  ? 0.3795 0.4108 0.4172 -0.0953 0.0175  0.1088  1   DAR B NH2 
315 C  C   . DAR B 1  ? 0.1583 0.1677 0.0935 -0.0281 0.0005  -0.0107 1   DAR B C   
316 O  O   . DAR B 1  ? 0.2871 0.1371 0.1318 -0.0053 0.0339  0.0043  1   DAR B O   
317 N  N   . DSN B 2  ? 0.1419 0.1963 0.0928 -0.0074 -0.0170 -0.0033 2   DSN B N   
318 C  CA  A DSN B 2  ? 0.1947 0.1450 0.0575 -0.0234 -0.0329 -0.0310 2   DSN B CA  
319 C  CA  B DSN B 2  ? 0.1625 0.2050 0.1887 0.0206  -0.0267 0.0188  2   DSN B CA  
320 C  C   . DSN B 2  ? 0.1425 0.1056 0.1047 0.0007  -0.0061 -0.0432 2   DSN B C   
321 O  O   . DSN B 2  ? 0.2361 0.1261 0.1150 -0.0128 -0.0194 -0.0044 2   DSN B O   
322 C  CB  A DSN B 2  ? 0.1873 0.1625 0.0683 -0.0087 -0.0275 -0.0461 2   DSN B CB  
323 C  CB  B DSN B 2  ? 0.2233 0.2420 0.2267 0.0511  -0.0337 -0.0081 2   DSN B CB  
324 O  OG  A DSN B 2  ? 0.2026 0.1773 0.0583 0.0190  -0.0291 -0.0607 2   DSN B OG  
325 O  OG  B DSN B 2  ? 0.2038 0.2363 0.1458 0.0492  -0.0278 -0.0433 2   DSN B OG  
326 N  N   . DCY B 3  ? 0.1381 0.0935 0.0914 0.0026  -0.0467 -0.0206 3   DCY B N   
327 C  CA  . DCY B 3  ? 0.1162 0.0813 0.0804 0.0141  -0.0218 -0.0177 3   DCY B CA  
328 C  C   . DCY B 3  ? 0.1006 0.1053 0.0849 0.0226  -0.0229 0.0020  3   DCY B C   
329 O  O   . DCY B 3  ? 0.1288 0.1215 0.0889 0.0435  0.0017  0.0074  3   DCY B O   
330 C  CB  . DCY B 3  ? 0.1247 0.0909 0.1044 0.0035  0.0009  0.0073  3   DCY B CB  
331 S  SG  . DCY B 3  ? 0.1152 0.1039 0.1068 0.0054  -0.0206 -0.0020 3   DCY B SG  
332 N  N   . DIL B 4  ? 0.1051 0.0710 0.0738 0.0010  -0.0050 -0.0161 4   DIL B N   
333 C  CA  . DIL B 4  ? 0.0722 0.0939 0.0866 0.0131  -0.0101 0.0016  4   DIL B CA  
334 C  C   . DIL B 4  ? 0.0678 0.0751 0.0812 0.0125  0.0161  0.0107  4   DIL B C   
335 O  O   . DIL B 4  ? 0.1215 0.1259 0.0923 0.0526  0.0493  0.0375  4   DIL B O   
336 C  CB  . DIL B 4  ? 0.0724 0.1358 0.1801 -0.0132 0.0215  -0.0159 4   DIL B CB  
337 C  CG1 . DIL B 4  ? 0.1269 0.1402 0.1628 -0.0249 -0.0059 -0.0511 4   DIL B CG1 
338 C  CG2 . DIL B 4  ? 0.0812 0.2036 0.1373 0.0093  -0.0113 0.0251  4   DIL B CG2 
339 C  CD1 . DIL B 4  ? 0.1261 0.1027 0.2163 -0.0123 -0.0209 -0.0441 4   DIL B CD1 
340 N  N   . DAS B 5  ? 0.0550 0.0570 0.0732 -0.0018 0.0004  0.0002  5   DAS B N   
341 C  CA  . DAS B 5  ? 0.0425 0.0466 0.0772 -0.0038 0.0156  0.0049  5   DAS B CA  
342 C  C   . DAS B 5  ? 0.0525 0.0560 0.0912 -0.0057 0.0241  0.0007  5   DAS B C   
343 O  O   . DAS B 5  ? 0.0500 0.0681 0.1031 -0.0019 0.0140  0.0205  5   DAS B O   
344 C  CB  . DAS B 5  ? 0.0562 0.0623 0.0841 -0.0010 0.0242  0.0123  5   DAS B CB  
345 C  CG  . DAS B 5  ? 0.0481 0.0573 0.0623 0.0039  0.0078  -0.0040 5   DAS B CG  
346 O  OD1 . DAS B 5  ? 0.0592 0.0806 0.0776 -0.0061 0.0135  -0.0246 5   DAS B OD1 
347 O  OD2 . DAS B 5  ? 0.0532 0.0541 0.0609 -0.0024 0.0079  0.0045  5   DAS B OD2 
348 N  N   . DTH B 6  ? 0.0387 0.0452 0.0465 -0.0089 0.0074  -0.0053 6   DTH B N   
349 C  CA  . DTH B 6  ? 0.0356 0.0569 0.0538 -0.0127 -0.0052 0.0021  6   DTH B CA  
350 C  CB  . DTH B 6  ? 0.0435 0.0727 0.0502 -0.0254 -0.0001 -0.0040 6   DTH B CB  
351 C  CG2 . DTH B 6  ? 0.1362 0.1034 0.0494 -0.0528 -0.0079 0.0034  6   DTH B CG2 
352 O  OG1 . DTH B 6  ? 0.0560 0.0811 0.0666 -0.0113 0.0021  -0.0259 6   DTH B OG1 
353 C  C   . DTH B 6  ? 0.0469 0.0462 0.0506 -0.0026 0.0018  -0.0051 6   DTH B C   
354 O  O   . DTH B 6  ? 0.0490 0.0538 0.0582 -0.0119 -0.0006 -0.0009 6   DTH B O   
355 N  N   . DIL B 7  ? 0.0587 0.0413 0.0485 -0.0149 0.0011  0.0047  7   DIL B N   
356 C  CA  . DIL B 7  ? 0.0598 0.0489 0.0412 -0.0152 0.0013  -0.0028 7   DIL B CA  
357 C  C   . DIL B 7  ? 0.0630 0.0559 0.0388 -0.0099 0.0029  -0.0024 7   DIL B C   
358 O  O   . DIL B 7  ? 0.0834 0.0511 0.0520 -0.0066 -0.0045 -0.0056 7   DIL B O   
359 C  CB  . DIL B 7  ? 0.0614 0.0546 0.0420 -0.0131 0.0067  0.0046  7   DIL B CB  
360 C  CG1 . DIL B 7  ? 0.0625 0.0566 0.0448 -0.0142 0.0036  -0.0084 7   DIL B CG1 
361 C  CG2 . DIL B 7  ? 0.0741 0.0548 0.0627 -0.0081 -0.0061 -0.0082 7   DIL B CG2 
362 C  CD1 . DIL B 7  ? 0.0759 0.1036 0.0653 -0.0061 -0.0026 0.0250  7   DIL B CD1 
363 N  N   . DPR B 8  ? 0.0749 0.0645 0.0421 -0.0097 0.0080  0.0007  8   DPR B N   
364 C  CA  . DPR B 8  ? 0.0747 0.0823 0.0475 0.0000  0.0057  -0.0172 8   DPR B CA  
365 C  CB  . DPR B 8  ? 0.1114 0.1141 0.0354 -0.0151 0.0254  -0.0192 8   DPR B CB  
366 C  CG  . DPR B 8  ? 0.1183 0.1042 0.0563 -0.0190 0.0172  0.0095  8   DPR B CG  
367 C  CD  . DPR B 8  ? 0.0846 0.0771 0.0585 -0.0087 0.0208  0.0177  8   DPR B CD  
368 C  C   . DPR B 8  ? 0.0736 0.0643 0.0299 -0.0023 -0.0023 -0.0074 8   DPR B C   
369 O  O   . DPR B 8  ? 0.0819 0.0717 0.0563 0.0088  -0.0091 -0.0156 8   DPR B O   
370 N  N   . DLY B 9  ? 0.0951 0.0718 0.0695 0.0164  -0.0201 -0.0176 9   DLY B N   
371 C  CA  A DLY B 9  ? 0.1280 0.0590 0.0599 0.0002  -0.0327 -0.0184 9   DLY B CA  
372 C  CA  B DLY B 9  ? 0.1396 0.0735 0.0772 0.0082  -0.0458 0.0199  9   DLY B CA  
373 C  C   . DLY B 9  ? 0.0858 0.0516 0.0762 0.0171  -0.0171 -0.0121 9   DLY B C   
374 O  O   . DLY B 9  ? 0.0931 0.0670 0.0763 0.0126  -0.0036 -0.0156 9   DLY B O   
375 C  CB  A DLY B 9  ? 0.0955 0.0795 0.0728 -0.0192 -0.0427 0.0226  9   DLY B CB  
376 C  CB  B DLY B 9  ? 0.1259 0.0875 0.0607 0.0306  -0.0372 -0.0129 9   DLY B CB  
377 C  CG  A DLY B 9  ? 0.0698 0.0591 0.1596 -0.0053 0.0023  0.0151  9   DLY B CG  
378 C  CG  B DLY B 9  ? 0.1609 0.1001 0.0759 0.0023  -0.0368 -0.0006 9   DLY B CG  
379 C  CD  A DLY B 9  ? 0.0620 0.0714 0.2290 0.0031  -0.0274 0.0232  9   DLY B CD  
380 C  CD  B DLY B 9  ? 0.1847 0.0858 0.1213 -0.0086 -0.0098 -0.0025 9   DLY B CD  
381 C  CE  A DLY B 9  ? 0.1871 0.0760 0.2888 0.0750  0.0552  0.0485  9   DLY B CE  
382 C  CE  B DLY B 9  ? 0.2175 0.1282 0.1548 0.0075  0.0216  0.0148  9   DLY B CE  
383 N  NZ  A DLY B 9  ? 0.2506 0.1721 0.2624 -0.0630 0.0652  0.0441  9   DLY B NZ  
384 N  NZ  B DLY B 9  ? 0.2492 0.0640 0.1435 0.0240  0.0555  0.0189  9   DLY B NZ  
385 N  N   . DSN B 10 ? 0.0905 0.0779 0.0604 0.0031  -0.0172 -0.0249 10  DSN B N   
386 C  CA  . DSN B 10 ? 0.0833 0.0764 0.0617 0.0044  -0.0095 -0.0126 10  DSN B CA  
387 C  C   . DSN B 10 ? 0.0770 0.0765 0.0480 0.0049  -0.0100 -0.0071 10  DSN B C   
388 O  O   . DSN B 10 ? 0.1015 0.0931 0.0869 0.0075  -0.0385 -0.0181 10  DSN B O   
389 C  CB  . DSN B 10 ? 0.1109 0.1211 0.0391 0.0107  -0.0077 -0.0217 10  DSN B CB  
390 O  OG  . DSN B 10 ? 0.1223 0.1175 0.0899 -0.0071 -0.0027 -0.0120 10  DSN B OG  
391 N  N   . DAR B 11 ? 0.0693 0.0691 0.0419 -0.0008 -0.0144 -0.0083 11  DAR B N   
392 C  CA  . DAR B 11 ? 0.0728 0.0755 0.0396 0.0078  -0.0166 0.0015  11  DAR B CA  
393 C  CB  . DAR B 11 ? 0.0704 0.0698 0.0549 0.0070  -0.0142 -0.0042 11  DAR B CB  
394 C  CG  . DAR B 11 ? 0.0605 0.0663 0.0628 -0.0070 -0.0132 -0.0082 11  DAR B CG  
395 C  CD  . DAR B 11 ? 0.0591 0.0590 0.0438 -0.0082 -0.0049 -0.0101 11  DAR B CD  
396 N  NE  . DAR B 11 ? 0.0637 0.0481 0.0557 -0.0046 -0.0009 -0.0005 11  DAR B NE  
397 C  CZ  . DAR B 11 ? 0.0639 0.0476 0.0361 -0.0002 0.0042  -0.0007 11  DAR B CZ  
398 N  NH1 . DAR B 11 ? 0.0615 0.0533 0.0560 -0.0042 -0.0067 -0.0017 11  DAR B NH1 
399 N  NH2 . DAR B 11 ? 0.0582 0.0497 0.0669 -0.0018 -0.0023 -0.0141 11  DAR B NH2 
400 C  C   . DAR B 11 ? 0.0922 0.0767 0.0490 0.0216  -0.0025 0.0001  11  DAR B C   
401 O  O   . DAR B 11 ? 0.1121 0.0896 0.0813 0.0384  0.0238  0.0230  11  DAR B O   
402 N  N   . DCY B 12 ? 0.0888 0.0718 0.0429 0.0028  -0.0102 0.0044  12  DCY B N   
403 C  CA  . DCY B 12 ? 0.0947 0.0610 0.0375 0.0041  0.0037  -0.0041 12  DCY B CA  
404 C  C   . DCY B 12 ? 0.0805 0.0854 0.0455 0.0090  -0.0012 -0.0153 12  DCY B C   
405 O  O   . DCY B 12 ? 0.0797 0.0717 0.1463 -0.0059 -0.0170 -0.0329 12  DCY B O   
406 C  CB  . DCY B 12 ? 0.0719 0.0598 0.0486 -0.0027 0.0067  -0.0068 12  DCY B CB  
407 S  SG  . DCY B 12 ? 0.0616 0.0724 0.0522 -0.0041 0.0036  0.0033  12  DCY B SG  
408 N  N   . DTH B 13 ? 0.0561 0.1114 0.0888 0.0103  -0.0085 -0.0152 13  DTH B N   
409 C  CA  . DTH B 13 ? 0.0535 0.1504 0.0751 0.0141  -0.0099 -0.0361 13  DTH B CA  
410 C  CB  . DTH B 13 ? 0.0821 0.2148 0.0654 0.0032  0.0073  0.0086  13  DTH B CB  
411 C  CG2 . DTH B 13 ? 0.0841 0.2656 0.0563 0.0175  0.0005  0.0507  13  DTH B CG2 
412 O  OG1 . DTH B 13 ? 0.0833 0.1368 0.0830 0.0201  0.0096  0.0272  13  DTH B OG1 
413 C  C   . DTH B 13 ? 0.0520 0.1195 0.0745 0.0250  -0.0160 -0.0289 13  DTH B C   
414 O  O   . DTH B 13 ? 0.0568 0.1263 0.0555 -0.0027 -0.0015 -0.0165 13  DTH B O   
415 N  N   . DAL B 14 ? 0.0883 0.1025 0.1096 0.0213  -0.0157 -0.0621 14  DAL B N   
416 C  CA  . DAL B 14 ? 0.0717 0.0757 0.1427 0.0052  -0.0146 -0.0252 14  DAL B CA  
417 C  CB  . DAL B 14 ? 0.1563 0.0734 0.1887 0.0005  -0.0143 -0.0401 14  DAL B CB  
418 C  C   . DAL B 14 ? 0.0741 0.0668 0.0876 0.0045  -0.0143 -0.0126 14  DAL B C   
419 O  O   . DAL B 14 ? 0.1027 0.0858 0.0710 -0.0142 0.0049  0.0014  14  DAL B O   
420 N  N   . DPN B 15 ? 0.0729 0.0793 0.0591 0.0042  -0.0110 -0.0240 15  DPN B N   
421 C  CA  . DPN B 15 ? 0.0923 0.1142 0.0909 0.0353  -0.0379 -0.0372 15  DPN B CA  
422 C  C   . DPN B 15 ? 0.0677 0.0780 0.0674 0.0208  -0.0085 -0.0104 15  DPN B C   
423 O  O   . DPN B 15 ? 0.0973 0.0704 0.0958 0.0055  -0.0054 -0.0103 15  DPN B O   
424 C  CB  . DPN B 15 ? 0.0796 0.1264 0.0816 0.0230  0.0063  -0.0206 15  DPN B CB  
425 C  CG  . DPN B 15 ? 0.0676 0.1316 0.0673 0.0215  -0.0174 -0.0245 15  DPN B CG  
426 C  CD1 . DPN B 15 ? 0.0717 0.1291 0.1299 0.0112  -0.0042 0.0101  15  DPN B CD1 
427 C  CD2 . DPN B 15 ? 0.0942 0.1213 0.0791 0.0268  -0.0002 -0.0264 15  DPN B CD2 
428 C  CE1 . DPN B 15 ? 0.0794 0.1315 0.1028 0.0187  0.0036  0.0119  15  DPN B CE1 
429 C  CE2 . DPN B 15 ? 0.1140 0.1179 0.0804 0.0266  -0.0300 -0.0422 15  DPN B CE2 
430 C  CZ  . DPN B 15 ? 0.1040 0.1173 0.0713 0.0312  -0.0111 -0.0025 15  DPN B CZ  
431 N  N   . DGN B 16 ? 0.0808 0.0606 0.0462 0.0083  -0.0014 -0.0077 16  DGN B N   
432 C  CA  . DGN B 16 ? 0.0763 0.0523 0.0513 0.0107  0.0019  -0.0150 16  DGN B CA  
433 C  C   . DGN B 16 ? 0.0736 0.0528 0.0484 0.0071  -0.0049 -0.0191 16  DGN B C   
434 O  O   . DGN B 16 ? 0.0831 0.0692 0.0469 0.0156  0.0009  -0.0162 16  DGN B O   
435 C  CB  . DGN B 16 ? 0.0764 0.0616 0.0700 0.0069  0.0018  0.0001  16  DGN B CB  
436 C  CG  . DGN B 16 ? 0.0842 0.0580 0.0598 0.0027  0.0166  -0.0036 16  DGN B CG  
437 C  CD  . DGN B 16 ? 0.0931 0.0565 0.0538 0.0041  0.0024  -0.0122 16  DGN B CD  
438 O  OE1 . DGN B 16 ? 0.1128 0.0515 0.0631 0.0130  0.0141  0.0011  16  DGN B OE1 
439 N  NE2 . DGN B 16 ? 0.1104 0.0653 0.0887 0.0144  -0.0066 0.0083  16  DGN B NE2 
440 N  N   . DCY B 17 ? 0.0629 0.0483 0.0574 0.0050  0.0024  -0.0012 17  DCY B N   
441 C  CA  . DCY B 17 ? 0.0595 0.0589 0.0499 0.0044  -0.0053 -0.0012 17  DCY B CA  
442 C  C   . DCY B 17 ? 0.0679 0.0670 0.0602 0.0174  -0.0002 0.0136  17  DCY B C   
443 O  O   . DCY B 17 ? 0.0854 0.1143 0.0576 0.0200  0.0048  0.0055  17  DCY B O   
444 C  CB  . DCY B 17 ? 0.0853 0.0635 0.0801 0.0107  0.0167  -0.0006 17  DCY B CB  
445 S  SG  . DCY B 17 ? 0.0705 0.0823 0.0734 0.0237  0.0060  0.0057  17  DCY B SG  
446 N  N   . DLY B 18 ? 0.0697 0.0614 0.0621 0.0129  0.0020  0.0005  18  DLY B N   
447 C  CA  . DLY B 18 ? 0.0783 0.0641 0.0795 -0.0076 0.0082  -0.0162 18  DLY B CA  
448 C  C   . DLY B 18 ? 0.0524 0.0718 0.0743 0.0030  -0.0025 -0.0085 18  DLY B C   
449 O  O   . DLY B 18 ? 0.1049 0.1030 0.1131 0.0110  0.0336  -0.0023 18  DLY B O   
450 C  CB  . DLY B 18 ? 0.0936 0.1030 0.1015 -0.0462 0.0255  -0.0448 18  DLY B CB  
451 C  CG  . DLY B 18 ? 0.1913 0.0851 0.1180 -0.0435 0.0572  -0.0464 18  DLY B CG  
452 C  CD  . DLY B 18 ? 0.1604 0.1109 0.1535 -0.0210 0.0247  -0.0304 18  DLY B CD  
453 C  CE  . DLY B 18 ? 0.1582 0.1176 0.1964 0.0007  0.0330  -0.0053 18  DLY B CE  
454 N  NZ  . DLY B 18 ? 0.2145 0.1017 0.2368 0.0027  0.0943  0.0184  18  DLY B NZ  
455 N  N   . DHI B 19 ? 0.0375 0.0571 0.0749 -0.0051 -0.0026 -0.0278 19  DHI B N   
456 C  CA  A DHI B 19 ? 0.0411 0.0566 0.0724 0.0000  0.0030  -0.0106 19  DHI B CA  
457 C  CA  B DHI B 19 ? 0.0303 0.0590 0.0551 -0.0046 -0.0080 -0.0147 19  DHI B CA  
458 C  C   . DHI B 19 ? 0.0415 0.0685 0.0829 -0.0004 -0.0062 -0.0375 19  DHI B C   
459 O  O   . DHI B 19 ? 0.0457 0.0828 0.1418 0.0034  0.0021  -0.0555 19  DHI B O   
460 C  CB  A DHI B 19 ? 0.0598 0.0774 0.0579 -0.0024 -0.0105 -0.0028 19  DHI B CB  
461 C  CB  B DHI B 19 ? 0.0359 0.0503 0.0565 -0.0126 0.0014  0.0135  19  DHI B CB  
462 C  CG  A DHI B 19 ? 0.0587 0.0720 0.0647 0.0043  -0.0020 -0.0176 19  DHI B CG  
463 C  CG  B DHI B 19 ? 0.0484 0.0565 0.0605 -0.0087 -0.0048 0.0104  19  DHI B CG  
464 N  ND1 A DHI B 19 ? 0.0838 0.1080 0.0587 0.0333  0.0029  -0.0077 19  DHI B ND1 
465 N  ND1 B DHI B 19 ? 0.0421 0.0609 0.0667 -0.0218 0.0005  -0.0113 19  DHI B ND1 
466 C  CD2 A DHI B 19 ? 0.0630 0.0819 0.0545 0.0172  0.0071  0.0094  19  DHI B CD2 
467 C  CD2 B DHI B 19 ? 0.0657 0.0892 0.0554 -0.0111 0.0019  0.0158  19  DHI B CD2 
468 C  CE1 A DHI B 19 ? 0.1881 0.1142 0.0532 0.0876  0.0052  0.0213  19  DHI B CE1 
469 C  CE1 B DHI B 19 ? 0.0458 0.0461 0.0474 -0.0080 0.0081  -0.0015 19  DHI B CE1 
470 N  NE2 A DHI B 19 ? 0.0779 0.1151 0.0882 0.0439  0.0390  0.0359  19  DHI B NE2 
471 N  NE2 B DHI B 19 ? 0.0469 0.0948 0.0500 -0.0116 0.0019  0.0060  19  DHI B NE2 
472 N  N   . DSN B 20 ? 0.0402 0.0485 0.0580 -0.0052 -0.0140 -0.0129 20  DSN B N   
473 C  CA  . DSN B 20 ? 0.0488 0.0433 0.0463 -0.0029 -0.0016 -0.0143 20  DSN B CA  
474 C  C   . DSN B 20 ? 0.0375 0.0415 0.0597 -0.0036 -0.0041 -0.0178 20  DSN B C   
475 O  O   . DSN B 20 ? 0.0444 0.0504 0.0453 0.0023  -0.0073 -0.0118 20  DSN B O   
476 C  CB  . DSN B 20 ? 0.0537 0.0557 0.0431 -0.0026 0.0021  -0.0125 20  DSN B CB  
477 O  OG  . DSN B 20 ? 0.0673 0.0474 0.0550 -0.0144 0.0083  -0.0156 20  DSN B OG  
478 N  N   . MED B 21 ? 0.0374 0.0562 0.0454 -0.0002 -0.0010 -0.0037 21  MED B N   
479 C  CA  A MED B 21 ? 0.0515 0.0453 0.0372 -0.0031 -0.0004 -0.0094 21  MED B CA  
480 C  CA  B MED B 21 ? 0.0524 0.0464 0.0394 -0.0022 -0.0004 -0.0091 21  MED B CA  
481 C  C   . MED B 21 ? 0.0496 0.0512 0.0277 -0.0045 -0.0012 -0.0075 21  MED B C   
482 O  O   . MED B 21 ? 0.0550 0.0604 0.0364 0.0058  -0.0062 -0.0038 21  MED B O   
483 C  CB  A MED B 21 ? 0.0546 0.0898 0.0333 -0.0055 0.0049  -0.0086 21  MED B CB  
484 C  CB  B MED B 21 ? 0.0584 0.0923 0.0419 -0.0056 0.0016  -0.0159 21  MED B CB  
485 C  CG  A MED B 21 ? 0.0493 0.1848 0.0421 -0.0229 0.0109  -0.0183 21  MED B CG  
486 C  CG  B MED B 21 ? 0.0582 0.1464 0.0547 0.0104  -0.0093 -0.0177 21  MED B CG  
487 S  SD  A MED B 21 ? 0.1099 0.2769 0.3500 -0.0503 0.0432  0.1492  21  MED B SD  
488 S  SD  B MED B 21 ? 0.1895 0.1886 0.2477 0.0534  0.0115  0.0175  21  MED B SD  
489 C  CE  A MED B 21 ? 0.1034 0.0265 0.0395 0.0098  0.0332  0.0041  21  MED B CE  
490 C  CE  B MED B 21 ? 0.1293 0.1179 0.0649 -0.0251 0.0171  0.0178  21  MED B CE  
491 N  N   . DLY B 22 ? 0.0495 0.0451 0.0317 -0.0037 -0.0005 -0.0036 22  DLY B N   
492 C  CA  . DLY B 22 ? 0.0513 0.0496 0.0380 -0.0077 -0.0033 -0.0069 22  DLY B CA  
493 C  C   . DLY B 22 ? 0.0450 0.0539 0.0372 -0.0075 -0.0030 -0.0049 22  DLY B C   
494 O  O   . DLY B 22 ? 0.0464 0.0594 0.0308 -0.0012 -0.0025 -0.0083 22  DLY B O   
495 C  CB  . DLY B 22 ? 0.0575 0.0553 0.0595 -0.0095 -0.0018 0.0056  22  DLY B CB  
496 C  CG  . DLY B 22 ? 0.0736 0.0553 0.0624 -0.0080 -0.0110 0.0000  22  DLY B CG  
497 C  CD  . DLY B 22 ? 0.1283 0.0585 0.0894 -0.0025 0.0050  0.0044  22  DLY B CD  
498 C  CE  . DLY B 22 ? 0.0991 0.0911 0.1310 0.0012  -0.0097 -0.0116 22  DLY B CE  
499 N  NZ  . DLY B 22 ? 0.2137 0.0730 0.1619 0.0175  0.0420  0.0029  22  DLY B NZ  
500 N  N   . DTY B 23 ? 0.0496 0.0530 0.0345 -0.0011 -0.0064 -0.0091 23  DTY B N   
501 C  CA  A DTY B 23 ? 0.0498 0.0665 0.0322 0.0008  -0.0015 -0.0168 23  DTY B CA  
502 C  CA  B DTY B 23 ? 0.0426 0.0490 0.0406 -0.0007 -0.0020 -0.0109 23  DTY B CA  
503 C  C   . DTY B 23 ? 0.0440 0.0519 0.0449 -0.0062 -0.0017 -0.0212 23  DTY B C   
504 O  O   . DTY B 23 ? 0.0486 0.0646 0.0447 0.0080  0.0053  -0.0092 23  DTY B O   
505 C  CB  A DTY B 23 ? 0.0434 0.0395 0.0279 -0.0072 0.0009  -0.0058 23  DTY B CB  
506 C  CB  B DTY B 23 ? 0.0403 0.0704 0.0383 0.0004  0.0005  -0.0065 23  DTY B CB  
507 C  CG  A DTY B 23 ? 0.0411 0.0401 0.0262 0.0027  -0.0028 -0.0029 23  DTY B CG  
508 C  CG  B DTY B 23 ? 0.0616 0.0623 0.0432 -0.0031 -0.0050 -0.0096 23  DTY B CG  
509 C  CD1 A DTY B 23 ? 0.0435 0.0475 0.0254 0.0124  -0.0012 -0.0009 23  DTY B CD1 
510 C  CD1 B DTY B 23 ? 0.0788 0.0760 0.0695 -0.0020 0.0128  0.0192  23  DTY B CD1 
511 C  CD2 A DTY B 23 ? 0.0441 0.0536 0.0293 0.0153  0.0015  0.0019  23  DTY B CD2 
512 C  CD2 B DTY B 23 ? 0.0444 0.0793 0.0469 0.0009  0.0108  -0.0029 23  DTY B CD2 
513 C  CE1 A DTY B 23 ? 0.0518 0.0769 0.0298 0.0178  0.0093  -0.0006 23  DTY B CE1 
514 C  CE1 B DTY B 23 ? 0.0661 0.0869 0.0880 -0.0028 0.0088  0.0362  23  DTY B CE1 
515 C  CE2 A DTY B 23 ? 0.0389 0.0550 0.0377 0.0127  0.0093  0.0018  23  DTY B CE2 
516 C  CE2 B DTY B 23 ? 0.0928 0.0646 0.0667 -0.0038 0.0117  -0.0001 23  DTY B CE2 
517 C  CZ  A DTY B 23 ? 0.0468 0.0674 0.0338 0.0110  0.0132  0.0037  23  DTY B CZ  
518 C  CZ  B DTY B 23 ? 0.0805 0.0831 0.0874 0.0032  0.0055  0.0066  23  DTY B CZ  
519 O  OH  A DTY B 23 ? 0.0537 0.0830 0.0444 0.0184  0.0217  0.0156  23  DTY B OH  
520 O  OH  B DTY B 23 ? 0.0838 0.0759 0.0779 0.0097  0.0162  0.0079  23  DTY B OH  
521 N  N   . DAR B 24 ? 0.0418 0.0468 0.0444 0.0019  -0.0010 -0.0088 24  DAR B N   
522 C  CA  . DAR B 24 ? 0.0529 0.0466 0.0455 0.0016  0.0040  -0.0050 24  DAR B CA  
523 C  CB  . DAR B 24 ? 0.0541 0.0470 0.0566 -0.0086 -0.0007 -0.0048 24  DAR B CB  
524 C  CG  . DAR B 24 ? 0.0574 0.0617 0.0647 -0.0108 -0.0063 0.0035  24  DAR B CG  
525 C  CD  . DAR B 24 ? 0.0636 0.0685 0.0927 0.0028  0.0058  -0.0151 24  DAR B CD  
526 N  NE  . DAR B 24 ? 0.0827 0.1115 0.0806 -0.0171 -0.0005 0.0010  24  DAR B NE  
527 C  CZ  . DAR B 24 ? 0.0762 0.1028 0.0631 -0.0343 0.0044  0.0120  24  DAR B CZ  
528 N  NH1 . DAR B 24 ? 0.1032 0.0851 0.0797 -0.0314 0.0012  -0.0085 24  DAR B NH1 
529 N  NH2 . DAR B 24 ? 0.1363 0.1295 0.0953 -0.0336 0.0104  0.0417  24  DAR B NH2 
530 C  C   . DAR B 24 ? 0.0464 0.0504 0.0442 0.0047  0.0015  -0.0082 24  DAR B C   
531 O  O   . DAR B 24 ? 0.0626 0.0562 0.0681 0.0054  -0.0040 -0.0037 24  DAR B O   
532 N  N   . DLE B 25 ? 0.0455 0.0480 0.0376 0.0019  -0.0070 -0.0038 25  DLE B N   
533 C  CA  . DLE B 25 ? 0.0581 0.0560 0.0318 -0.0007 -0.0044 -0.0012 25  DLE B CA  
534 C  CB  . DLE B 25 ? 0.0598 0.0531 0.0348 0.0001  -0.0058 -0.0036 25  DLE B CB  
535 C  CG  . DLE B 25 ? 0.0629 0.0715 0.0325 0.0053  0.0062  -0.0101 25  DLE B CG  
536 C  CD1 . DLE B 25 ? 0.0872 0.0847 0.0549 0.0198  0.0239  -0.0108 25  DLE B CD1 
537 C  CD2 . DLE B 25 ? 0.0824 0.0604 0.0853 -0.0072 0.0257  -0.0018 25  DLE B CD2 
538 C  C   . DLE B 25 ? 0.0561 0.0681 0.0390 0.0006  -0.0020 -0.0078 25  DLE B C   
539 O  O   . DLE B 25 ? 0.0726 0.0811 0.0430 -0.0075 -0.0165 0.0022  25  DLE B O   
540 N  N   . DSN B 26 ? 0.0434 0.0724 0.0376 -0.0022 -0.0024 -0.0031 26  DSN B N   
541 C  CA  . DSN B 26 ? 0.0572 0.0713 0.0377 -0.0146 -0.0038 -0.0105 26  DSN B CA  
542 C  C   . DSN B 26 ? 0.0508 0.0516 0.0504 -0.0054 -0.0034 -0.0080 26  DSN B C   
543 O  O   . DSN B 26 ? 0.0563 0.0857 0.0496 0.0004  0.0033  -0.0022 26  DSN B O   
544 C  CB  . DSN B 26 ? 0.0708 0.0652 0.0664 -0.0178 0.0026  -0.0376 26  DSN B CB  
545 O  OG  . DSN B 26 ? 0.0791 0.0858 0.0902 -0.0190 0.0042  -0.0067 26  DSN B OG  
546 N  N   . DPN B 27 ? 0.0429 0.0528 0.0382 -0.0062 -0.0004 0.0018  27  DPN B N   
547 C  CA  . DPN B 27 ? 0.0467 0.0460 0.0449 -0.0146 0.0044  -0.0034 27  DPN B CA  
548 C  C   . DPN B 27 ? 0.0401 0.0459 0.0403 -0.0061 -0.0010 -0.0043 27  DPN B C   
549 O  O   . DPN B 27 ? 0.0421 0.0585 0.0543 -0.0097 0.0086  -0.0100 27  DPN B O   
550 C  CB  . DPN B 27 ? 0.0531 0.0595 0.0374 -0.0017 0.0070  -0.0021 27  DPN B CB  
551 C  CG  . DPN B 27 ? 0.0739 0.0560 0.0442 -0.0010 0.0123  0.0065  27  DPN B CG  
552 C  CD1 . DPN B 27 ? 0.0663 0.0784 0.0665 0.0016  0.0157  0.0045  27  DPN B CD1 
553 C  CD2 . DPN B 27 ? 0.0795 0.0634 0.0669 -0.0052 0.0125  -0.0042 27  DPN B CD2 
554 C  CE1 . DPN B 27 ? 0.0835 0.0815 0.0791 0.0246  0.0366  0.0012  27  DPN B CE1 
555 C  CE2 . DPN B 27 ? 0.0859 0.0586 0.0983 -0.0140 0.0292  -0.0039 27  DPN B CE2 
556 C  CZ  . DPN B 27 ? 0.0998 0.0796 0.0678 0.0106  0.0253  -0.0116 27  DPN B CZ  
557 N  N   . DCY B 28 ? 0.0410 0.0495 0.0450 -0.0028 0.0079  0.0009  28  DCY B N   
558 C  CA  . DCY B 28 ? 0.0430 0.0465 0.0497 -0.0003 0.0060  -0.0024 28  DCY B CA  
559 C  C   . DCY B 28 ? 0.0542 0.0363 0.0519 0.0088  0.0049  -0.0131 28  DCY B C   
560 O  O   . DCY B 28 ? 0.0582 0.0440 0.0563 0.0010  -0.0022 -0.0102 28  DCY B O   
561 C  CB  . DCY B 28 ? 0.0639 0.0414 0.0452 0.0010  0.0054  -0.0101 28  DCY B CB  
562 S  SG  . DCY B 28 ? 0.0603 0.0493 0.0498 -0.0060 -0.0011 -0.0010 28  DCY B SG  
563 N  N   . DAR B 29 ? 0.0561 0.0514 0.0539 0.0011  -0.0017 -0.0029 29  DAR B N   
564 C  CA  . DAR B 29 ? 0.0589 0.0568 0.0505 0.0062  0.0047  -0.0052 29  DAR B CA  
565 C  CB  . DAR B 29 ? 0.0662 0.0646 0.0491 0.0046  0.0021  -0.0092 29  DAR B CB  
566 C  CG  . DAR B 29 ? 0.0650 0.0584 0.0490 0.0035  0.0077  -0.0056 29  DAR B CG  
567 C  CD  . DAR B 29 ? 0.0695 0.0777 0.0690 -0.0031 0.0089  -0.0115 29  DAR B CD  
568 N  NE  . DAR B 29 ? 0.0964 0.0783 0.0681 0.0069  -0.0192 -0.0218 29  DAR B NE  
569 C  CZ  . DAR B 29 ? 0.1048 0.0846 0.0374 -0.0062 -0.0158 -0.0112 29  DAR B CZ  
570 N  NH1 . DAR B 29 ? 0.0828 0.1017 0.0352 0.0042  -0.0018 -0.0026 29  DAR B NH1 
571 N  NH2 . DAR B 29 ? 0.1502 0.1131 0.0590 -0.0126 -0.0263 0.0129  29  DAR B NH2 
572 C  C   . DAR B 29 ? 0.0536 0.0499 0.0573 -0.0032 0.0044  0.0023  29  DAR B C   
573 O  O   . DAR B 29 ? 0.0756 0.0552 0.0605 0.0000  0.0094  0.0069  29  DAR B O   
574 N  N   . DLY B 30 ? 0.0499 0.0445 0.0551 -0.0083 0.0034  -0.0007 30  DLY B N   
575 C  CA  A DLY B 30 ? 0.0581 0.0401 0.0588 -0.0024 -0.0056 -0.0045 30  DLY B CA  
576 C  CA  B DLY B 30 ? 0.0611 0.0440 0.0595 -0.0029 -0.0028 -0.0029 30  DLY B CA  
577 C  C   . DLY B 30 ? 0.0468 0.0415 0.0578 0.0030  0.0028  -0.0050 30  DLY B C   
578 O  O   . DLY B 30 ? 0.0666 0.0435 0.0658 -0.0017 -0.0060 -0.0044 30  DLY B O   
579 C  CB  A DLY B 30 ? 0.0514 0.0542 0.0608 0.0042  -0.0033 0.0021  30  DLY B CB  
580 C  CB  B DLY B 30 ? 0.0541 0.0562 0.0610 0.0034  -0.0040 0.0015  30  DLY B CB  
581 C  CG  A DLY B 30 ? 0.0593 0.0541 0.0735 -0.0013 0.0085  -0.0035 30  DLY B CG  
582 C  CG  B DLY B 30 ? 0.0601 0.0555 0.0745 -0.0011 0.0092  -0.0031 30  DLY B CG  
583 C  CD  A DLY B 30 ? 0.0767 0.0557 0.1259 -0.0027 0.0380  -0.0147 30  DLY B CD  
584 C  CD  B DLY B 30 ? 0.0780 0.0563 0.1250 -0.0028 0.0381  -0.0146 30  DLY B CD  
585 C  CE  A DLY B 30 ? 0.0749 0.0511 0.1581 -0.0023 0.0400  -0.0107 30  DLY B CE  
586 C  CE  B DLY B 30 ? 0.0936 0.0537 0.1603 -0.0064 0.0456  -0.0201 30  DLY B CE  
587 N  NZ  A DLY B 30 ? 0.0691 0.0343 0.0670 0.0145  0.0074  -0.0036 30  DLY B NZ  
588 N  NZ  B DLY B 30 ? 0.1462 0.0950 0.1591 0.0220  0.0145  -0.0134 30  DLY B NZ  
589 N  N   . DTH B 31 ? 0.0488 0.0396 0.0552 -0.0066 0.0007  -0.0015 31  DTH B N   
590 C  CA  . DTH B 31 ? 0.0624 0.0483 0.0606 0.0027  -0.0134 -0.0154 31  DTH B CA  
591 C  CB  . DTH B 31 ? 0.0708 0.0450 0.0655 -0.0012 -0.0067 -0.0185 31  DTH B CB  
592 C  CG2 . DTH B 31 ? 0.1202 0.0613 0.0444 -0.0160 -0.0210 0.0040  31  DTH B CG2 
593 O  OG1 . DTH B 31 ? 0.0874 0.0753 0.0601 -0.0118 0.0228  -0.0097 31  DTH B OG1 
594 C  C   . DTH B 31 ? 0.0618 0.0372 0.0643 0.0010  -0.0122 -0.0071 31  DTH B C   
595 O  O   . DTH B 31 ? 0.0574 0.0455 0.0885 -0.0063 -0.0053 -0.0158 31  DTH B O   
596 N  N   . DCY B 32 ? 0.0523 0.0526 0.0606 -0.0033 -0.0045 -0.0053 32  DCY B N   
597 C  CA  . DCY B 32 ? 0.0487 0.0561 0.0705 -0.0091 -0.0099 -0.0030 32  DCY B CA  
598 C  C   . DCY B 32 ? 0.0580 0.0764 0.1029 -0.0024 0.0039  0.0085  32  DCY B C   
599 O  O   . DCY B 32 ? 0.0624 0.1196 0.1515 -0.0133 0.0023  0.0409  32  DCY B O   
600 C  CB  . DCY B 32 ? 0.0459 0.0694 0.0818 0.0005  0.0076  -0.0053 32  DCY B CB  
601 S  SG  . DCY B 32 ? 0.0537 0.0592 0.0953 0.0007  0.0053  0.0089  32  DCY B SG  
602 N  N   . GLY B 33 ? 0.0640 0.0654 0.0875 -0.0078 0.0007  0.0147  33  GLY B N   
603 C  CA  . GLY B 33 ? 0.0828 0.0609 0.0991 0.0009  -0.0011 0.0145  33  GLY B CA  
604 C  C   . GLY B 33 ? 0.0973 0.0676 0.0994 0.0072  0.0136  0.0186  33  GLY B C   
605 O  O   . GLY B 33 ? 0.1645 0.0719 0.1320 0.0070  0.0328  0.0316  33  GLY B O   
606 N  N   . DTH B 34 ? 0.0837 0.0591 0.0950 -0.0128 0.0055  0.0234  34  DTH B N   
607 C  CA  . DTH B 34 ? 0.0877 0.0840 0.0778 0.0089  0.0265  0.0253  34  DTH B CA  
608 C  CB  . DTH B 34 ? 0.0739 0.0917 0.0856 0.0218  0.0067  -0.0038 34  DTH B CB  
609 C  CG2 . DTH B 34 ? 0.1260 0.1067 0.0985 0.0051  0.0100  -0.0175 34  DTH B CG2 
610 O  OG1 . DTH B 34 ? 0.0761 0.0927 0.1637 -0.0052 -0.0275 0.0245  34  DTH B OG1 
611 C  C   . DTH B 34 ? 0.1264 0.0712 0.0652 0.0144  0.0026  0.0144  34  DTH B C   
612 O  O   . DTH B 34 ? 0.1247 0.1401 0.0842 0.0308  0.0028  0.0325  34  DTH B O   
613 N  N   . DCY B 35 ? 0.1227 0.0844 0.0742 0.0225  -0.0059 0.0031  35  DCY B N   
614 C  CA  . DCY B 35 ? 0.1215 0.1096 0.0789 0.0264  -0.0266 0.0067  35  DCY B CA  
615 C  C   . DCY B 35 ? 0.1393 0.0991 0.1182 0.0198  -0.0259 0.0227  35  DCY B C   
616 O  O   . DCY B 35 ? 0.1782 0.1049 0.1391 0.0418  -0.0428 0.0004  35  DCY B O   
617 C  CB  . DCY B 35 ? 0.1288 0.1048 0.1340 0.0318  -0.0462 -0.0136 35  DCY B CB  
618 S  SG  . DCY B 35 ? 0.1145 0.0829 0.1366 0.0235  -0.0367 -0.0058 35  DCY B SG  
619 O  OXT . DCY B 35 ? 0.1281 0.1005 0.1223 0.0200  0.0020  -0.0321 35  DCY B OXT 
620 S  S   . SO4 C .  ? 0.0566 0.0585 0.0502 0.0061  -0.0058 -0.0144 101 SO4 A S   
621 O  O1  . SO4 C .  ? 0.0585 0.1605 0.0500 -0.0090 0.0006  -0.0246 101 SO4 A O1  
622 O  O2  . SO4 C .  ? 0.0654 0.0610 0.1880 0.0071  -0.0476 0.0142  101 SO4 A O2  
623 O  O3  . SO4 C .  ? 0.0776 0.0556 0.0508 0.0008  0.0033  -0.0131 101 SO4 A O3  
624 O  O4  . SO4 C .  ? 0.0648 0.0620 0.0636 0.0031  0.0041  -0.0038 101 SO4 A O4  
625 S  S   . SO4 D .  ? 0.0964 0.0637 0.2585 -0.0173 0.0298  -0.0163 102 SO4 A S   
626 O  O1  . SO4 D .  ? 0.1532 0.1807 0.3374 -0.0627 -0.0799 0.0232  102 SO4 A O1  
627 O  O2  . SO4 D .  ? 0.0925 0.0819 0.3371 -0.0232 -0.0139 -0.0517 102 SO4 A O2  
628 O  O3  . SO4 D .  ? 0.1765 0.0937 0.2924 -0.0601 0.0173  0.0275  102 SO4 A O3  
629 O  O4  . SO4 D .  ? 0.1555 0.1555 0.3015 -0.0192 0.1016  -0.0367 102 SO4 A O4  
630 S  S   . SO4 E .  ? 0.1723 0.1680 0.3991 0.0181  0.1047  -0.0045 103 SO4 A S   
631 O  O1  . SO4 E .  ? 0.1365 0.3797 0.3195 -0.0631 0.0873  -0.1250 103 SO4 A O1  
632 O  O2  . SO4 E .  ? 0.1365 0.4284 0.1473 0.0448  -0.0028 -0.0447 103 SO4 A O2  
633 O  O3  . SO4 E .  ? 0.3138 0.2966 0.4861 0.1477  0.1127  0.1387  103 SO4 A O3  
634 O  O4  . SO4 E .  ? 0.1795 0.3252 0.9704 -0.0202 -0.0952 -0.1331 103 SO4 A O4  
635 LI LI  . LI  F .  ? 0.1205 0.0826 0.0776 0.0255  0.0449  0.0189  104 LI  A LI  
636 LI LI  . LI  G .  ? 0.1186 0.0888 0.0784 -0.0767 -0.0415 0.0308  105 LI  A LI  
637 LI LI  . LI  H .  ? 0.6772 1.0560 0.6220 0.1850  0.1903  -0.0695 106 LI  A LI  
638 S  S   . SO4 I .  ? 0.0554 0.0583 0.0476 0.0086  -0.0037 -0.0126 101 SO4 B S   
639 O  O1  . SO4 I .  ? 0.0581 0.0742 0.0625 0.0145  0.0030  0.0038  101 SO4 B O1  
640 O  O2  . SO4 I .  ? 0.0702 0.0594 0.0491 -0.0065 0.0090  -0.0051 101 SO4 B O2  
641 O  O3  . SO4 I .  ? 0.0659 0.0649 0.0932 0.0060  0.0043  0.0084  101 SO4 B O3  
642 O  O4  . SO4 I .  ? 0.0804 0.1179 0.0540 -0.0205 0.0095  -0.0390 101 SO4 B O4  
643 C  C1  . GOL J .  ? 0.1711 0.1408 0.0983 0.0105  0.0149  -0.0001 102 GOL B C1  
644 O  O1  . GOL J .  ? 0.1939 0.1822 0.1433 0.0379  -0.0158 -0.0279 102 GOL B O1  
645 C  C2  . GOL J .  ? 0.1759 0.1052 0.1153 0.0042  -0.0419 -0.0360 102 GOL B C2  
646 O  O2  . GOL J .  ? 0.2182 0.1074 0.1212 -0.0868 0.0607  -0.0481 102 GOL B O2  
647 C  C3  . GOL J .  ? 0.1452 0.1155 0.1059 -0.0179 -0.0050 -0.0063 102 GOL B C3  
648 O  O3  . GOL J .  ? 0.1358 0.1661 0.2239 -0.0291 -0.0064 -0.0570 102 GOL B O3  
649 LI LI  . LI  K .  ? 0.0727 0.1434 0.0932 0.0379  -0.0102 -0.0087 103 LI  B LI  
650 O  O   . HOH L .  ? 0.2609 0.2715 0.4175 -0.0504 -0.1031 0.0780  201 HOH A O   
651 O  O   . HOH L .  ? 1.9112 0.4350 1.0461 0.3450  -0.9159 -0.0404 202 HOH A O   
652 O  O   . HOH L .  ? 0.1107 0.1253 0.5000 0.0249  -0.0606 -0.0617 203 HOH A O   
653 O  O   . HOH L .  ? 0.3344 0.3378 0.4988 -0.1246 0.1061  0.0198  204 HOH A O   
654 O  O   . HOH L .  ? 0.1390 0.2585 0.1015 0.0109  -0.0114 -0.0929 205 HOH A O   
655 O  O   . HOH L .  ? 0.0962 0.2140 0.4211 -0.0037 0.0855  0.0869  206 HOH A O   
656 O  O   . HOH L .  ? 0.1242 0.1382 0.0726 0.0529  -0.0061 0.0221  207 HOH A O   
657 O  O   . HOH L .  ? 0.2448 0.0901 0.3291 -0.0160 0.0462  0.0109  208 HOH A O   
658 O  O   . HOH L .  ? 0.0965 0.0520 0.1041 0.0013  -0.0095 0.0097  209 HOH A O   
659 O  O   . HOH L .  ? 0.1058 0.0650 0.2431 0.0020  0.0284  -0.0154 210 HOH A O   
660 O  O   A HOH L .  ? 0.0946 0.0636 0.0817 -0.0251 0.0005  -0.0261 211 HOH A O   
661 O  O   B HOH L .  ? 0.1452 0.1772 0.3125 0.0042  0.0829  -0.1210 211 HOH A O   
662 O  O   . HOH L .  ? 0.7710 0.1575 0.3889 0.0490  -0.0732 0.1056  212 HOH A O   
663 O  O   . HOH L .  ? 0.1733 0.1250 0.0993 -0.0065 0.0490  -0.0049 213 HOH A O   
664 O  O   . HOH L .  ? 0.0867 0.1034 0.0929 -0.0002 0.0043  -0.0288 214 HOH A O   
665 O  O   . HOH L .  ? 0.0519 0.0782 0.1084 -0.0047 -0.0100 -0.0249 215 HOH A O   
666 O  O   . HOH L .  ? 0.0904 0.0717 0.0745 -0.0001 -0.0087 -0.0085 216 HOH A O   
667 O  O   . HOH L .  ? 0.0779 0.1018 0.0810 -0.0180 0.0033  -0.0106 217 HOH A O   
668 O  O   . HOH L .  ? 0.0756 0.1091 0.0654 -0.0096 -0.0016 -0.0006 218 HOH A O   
669 O  O   . HOH L .  ? 0.2707 0.2817 0.1582 0.0778  0.0287  -0.1576 219 HOH A O   
670 O  O   . HOH L .  ? 0.2920 1.1506 0.6979 0.3204  -0.0503 -0.2783 220 HOH A O   
671 O  O   . HOH L .  ? 0.1495 0.1523 0.2032 0.0107  0.0400  0.0836  221 HOH A O   
672 O  O   . HOH L .  ? 0.3799 0.1592 0.2942 -0.1291 0.1310  -0.0657 222 HOH A O   
673 O  O   . HOH L .  ? 0.3568 0.2513 0.4245 0.0954  -0.0601 0.1290  223 HOH A O   
674 O  O   . HOH L .  ? 0.1715 0.1062 0.2131 0.0498  -0.0349 -0.0585 224 HOH A O   
675 O  O   . HOH L .  ? 0.1085 0.0894 0.1546 0.0077  0.0000  -0.0245 225 HOH A O   
676 O  O   . HOH L .  ? 0.0825 0.1204 0.0620 -0.0177 -0.0122 -0.0150 226 HOH A O   
677 O  O   . HOH L .  ? 0.1797 0.2023 0.0881 0.0038  -0.0142 -0.0052 227 HOH A O   
678 O  O   . HOH L .  ? 0.1529 0.1370 0.1118 0.0372  -0.0397 -0.0059 228 HOH A O   
679 O  O   . HOH L .  ? 0.0483 0.0774 0.0954 0.0012  0.0083  0.0287  229 HOH A O   
680 O  O   . HOH L .  ? 0.2097 0.2236 0.3165 0.0629  -0.0572 0.0851  230 HOH A O   
681 O  O   . HOH L .  ? 0.0933 0.0796 0.1130 0.0045  -0.0008 0.0015  231 HOH A O   
682 O  O   . HOH L .  ? 0.8324 0.5417 0.8419 0.4624  -0.2671 -0.2675 232 HOH A O   
683 O  O   . HOH L .  ? 0.4377 0.7496 1.0550 -0.2104 -0.0469 -0.0446 233 HOH A O   
684 O  O   . HOH L .  ? 0.2288 0.1345 0.2008 0.0289  -0.0433 -0.0349 234 HOH A O   
685 O  O   . HOH L .  ? 0.1115 0.0954 0.0886 -0.0348 0.0009  -0.0105 235 HOH A O   
686 O  O   A HOH L .  ? 0.1564 0.1316 0.0749 -0.0431 0.0229  0.0026  236 HOH A O   
687 O  O   B HOH L .  ? 0.1090 0.1095 0.0738 0.0267  0.0141  -0.0052 236 HOH A O   
688 O  O   . HOH L .  ? 1.0164 0.3882 1.5750 0.0687  0.1852  -0.2341 237 HOH A O   
689 O  O   . HOH L .  ? 0.3030 0.5533 0.2109 0.0665  -0.1120 0.0059  238 HOH A O   
690 O  O   . HOH L .  ? 0.4359 0.4350 0.5184 -0.1197 -0.1564 -0.0070 239 HOH A O   
691 O  O   A HOH L .  ? 0.0712 0.1412 0.0546 0.0129  -0.0215 -0.0165 240 HOH A O   
692 O  O   B HOH L .  ? 0.1013 0.2332 0.0926 -0.0468 0.0052  0.0291  240 HOH A O   
693 O  O   . HOH L .  ? 0.2964 0.3671 0.2674 0.0243  0.0952  -0.0021 241 HOH A O   
694 O  O   . HOH L .  ? 0.3611 0.3911 0.5658 -0.0694 -0.0578 -0.1468 242 HOH A O   
695 O  O   . HOH L .  ? 0.1013 0.1624 0.1334 0.0034  0.0305  0.0139  243 HOH A O   
696 O  O   . HOH L .  ? 0.1183 0.0872 0.0629 -0.0009 -0.0099 -0.0114 244 HOH A O   
697 O  O   . HOH L .  ? 0.1342 0.1410 0.0867 0.0129  -0.0094 -0.0060 245 HOH A O   
698 O  O   . HOH L .  ? 0.1654 0.1358 0.2174 0.0146  0.0229  -0.0368 246 HOH A O   
699 O  O   . HOH L .  ? 0.2117 0.2512 0.4388 -0.0467 0.0999  -0.1575 247 HOH A O   
700 O  O   . HOH L .  ? 0.3868 0.5146 0.3329 0.1228  -0.0065 0.1250  248 HOH A O   
701 O  O   . HOH M .  ? 0.0646 0.0446 0.0966 0.0025  -0.0046 -0.0294 201 HOH B O   
702 O  O   . HOH M .  ? 0.0598 0.1184 0.0730 0.0108  -0.0009 -0.0214 202 HOH B O   
703 O  O   . HOH M .  ? 0.3097 0.1372 0.1482 0.0018  -0.0074 0.0084  203 HOH B O   
704 O  O   . HOH M .  ? 0.0840 0.1301 0.1289 -0.0120 0.0086  -0.0229 204 HOH B O   
705 O  O   . HOH M .  ? 1.0496 0.6726 0.6473 -0.2753 -0.0296 -0.1697 205 HOH B O   
706 O  O   . HOH M .  ? 0.2154 0.1130 0.2347 0.0065  -0.0047 -0.0069 206 HOH B O   
707 O  O   . HOH M .  ? 0.1128 0.0602 0.0964 0.0139  0.0036  0.0103  207 HOH B O   
708 O  O   . HOH M .  ? 0.0994 0.1392 0.1426 -0.0068 0.0223  0.0481  208 HOH B O   
709 O  O   . HOH M .  ? 0.7297 0.5337 0.2960 -0.1580 -0.0465 -0.0973 209 HOH B O   
710 O  O   . HOH M .  ? 1.4488 1.2005 0.7706 1.0417  0.7224  0.1333  210 HOH B O   
711 O  O   . HOH M .  ? 0.0987 0.0743 0.0997 0.0023  -0.0312 -0.0306 211 HOH B O   
712 O  O   . HOH M .  ? 1.1260 0.1980 0.4056 0.1764  0.1967  -0.1917 212 HOH B O   
713 O  O   . HOH M .  ? 0.1142 0.1784 0.1020 0.0046  -0.0281 -0.0088 213 HOH B O   
714 O  O   . HOH M .  ? 0.2216 0.1502 0.3791 0.0615  0.0780  0.0929  214 HOH B O   
715 O  O   A HOH M .  ? 0.0585 0.1187 0.0935 0.0032  0.0122  0.0577  215 HOH B O   
716 O  O   B HOH M .  ? 0.1617 0.2761 0.0376 0.0334  0.0270  0.0257  215 HOH B O   
717 O  O   . HOH M .  ? 0.1303 0.1019 0.0858 0.0361  0.0281  0.0261  216 HOH B O   
718 O  O   . HOH M .  ? 0.1146 0.1067 0.2247 0.0254  -0.0303 -0.0600 217 HOH B O   
719 O  O   A HOH M .  ? 0.0789 0.0598 0.0874 -0.0024 0.0068  -0.0021 218 HOH B O   
720 O  O   B HOH M .  ? 0.1202 0.0797 0.1747 -0.0116 0.0013  -0.0304 218 HOH B O   
721 O  O   . HOH M .  ? 0.0722 0.0687 0.0998 -0.0024 0.0020  -0.0199 219 HOH B O   
722 O  O   . HOH M .  ? 0.2320 0.0865 0.2545 -0.0229 -0.1792 -0.0014 220 HOH B O   
723 O  O   . HOH M .  ? 0.1502 0.1210 0.0856 -0.0063 0.0063  -0.0419 221 HOH B O   
724 O  O   . HOH M .  ? 0.9571 0.5082 0.4185 -0.0857 -0.2313 0.1535  222 HOH B O   
725 O  O   . HOH M .  ? 0.3497 0.4077 0.2250 0.0663  0.0458  -0.0511 223 HOH B O   
726 O  O   . HOH M .  ? 0.1142 0.5744 0.2261 -0.0270 0.0070  0.1665  224 HOH B O   
727 O  O   . HOH M .  ? 0.1242 0.2710 0.1192 -0.0234 0.0319  -0.0403 225 HOH B O   
728 O  O   . HOH M .  ? 0.1004 0.1230 0.1075 0.0021  -0.0074 -0.0273 226 HOH B O   
729 O  O   . HOH M .  ? 0.2544 0.5980 0.3134 -0.0752 -0.0485 -0.1398 227 HOH B O   
730 O  O   . HOH M .  ? 0.2211 0.1406 0.1994 -0.0149 0.0635  -0.0791 228 HOH B O   
731 O  O   . HOH M .  ? 0.0960 0.0688 0.0823 -0.0087 0.0140  -0.0123 229 HOH B O   
732 O  O   . HOH M .  ? 0.3833 0.4812 0.5212 0.2184  0.1826  -0.1163 230 HOH B O   
733 O  O   . HOH M .  ? 1.5076 1.3287 0.3026 0.0787  0.3765  0.3633  231 HOH B O   
734 O  O   . HOH M .  ? 0.3438 0.5096 0.3570 0.1358  0.0471  -0.1027 232 HOH B O   
735 O  O   . HOH M .  ? 1.9225 1.9749 0.9123 -1.2705 1.0319  -0.6263 233 HOH B O   
736 O  O   . HOH M .  ? 0.3329 0.2004 0.5666 -0.0167 0.1497  -0.0068 234 HOH B O   
737 O  O   . HOH M .  ? 0.2719 0.3780 0.6274 0.0294  -0.1575 -0.2461 235 HOH B O   
738 O  O   . HOH M .  ? 0.1014 0.1869 0.1387 0.0462  0.0190  0.0250  236 HOH B O   
739 O  O   . HOH M .  ? 0.5542 0.4045 0.3120 -0.1689 -0.0516 -0.0982 237 HOH B O   
740 O  O   . HOH M .  ? 0.4415 0.8378 1.0440 -0.0357 -0.0191 0.2814  238 HOH B O   
741 O  O   . HOH M .  ? 0.0611 0.1017 0.0899 -0.0001 0.0214  -0.0347 239 HOH B O   
742 O  O   . HOH M .  ? 0.0855 0.2596 0.1100 0.0101  -0.0007 0.0301  240 HOH B O   
743 O  O   . HOH M .  ? 0.2073 0.1180 0.4044 -0.0103 -0.1607 -0.0018 241 HOH B O   
744 O  O   . HOH M .  ? 0.1528 0.1187 0.1533 -0.0171 0.0046  -0.0149 242 HOH B O   
745 O  O   . HOH M .  ? 0.2096 0.1269 0.1151 0.0584  0.0158  0.0340  243 HOH B O   
746 O  O   . HOH M .  ? 0.2509 0.3209 0.2229 0.0283  -0.0789 -0.0677 244 HOH B O   
747 O  O   . HOH M .  ? 0.5943 0.7705 0.8013 -0.0120 -0.2887 -0.2675 245 HOH B O   
748 O  O   . HOH M .  ? 0.4389 0.4523 0.4333 0.1099  0.0024  -0.1755 246 HOH B O   
749 O  O   . HOH M .  ? 0.3308 0.1926 0.1964 -0.0300 -0.0695 -0.0306 247 HOH B O   
750 O  O   . HOH M .  ? 0.1755 0.3132 0.1448 0.0212  0.0075  -0.0283 248 HOH B O   
751 O  O   . HOH M .  ? 0.2307 0.1967 0.3577 -0.0134 -0.0905 -0.0978 249 HOH B O   
752 O  O   . HOH M .  ? 0.1331 0.3231 0.0860 0.0520  0.0065  -0.0003 250 HOH B O   
753 O  O   . HOH M .  ? 0.1401 0.1190 0.1514 -0.0386 0.0233  -0.0080 251 HOH B O   
754 O  O   . HOH M .  ? 0.2119 0.3637 0.3167 -0.0308 0.0400  -0.0366 252 HOH B O   
755 O  O   . HOH M .  ? 0.3484 0.2546 0.1027 0.0203  -0.0268 0.0235  253 HOH B O   
756 O  O   . HOH M .  ? 3.0340 1.0019 0.5774 -0.9772 1.1068  -0.4909 254 HOH B O   
# 
